data_7YQA
#
_entry.id   7YQA
#
_cell.length_a   64.792
_cell.length_b   74.096
_cell.length_c   89.939
_cell.angle_alpha   77.070
_cell.angle_beta   69.340
_cell.angle_gamma   71.930
#
_symmetry.space_group_name_H-M   'P 1'
#
loop_
_entity.id
_entity.type
_entity.pdbx_description
1 polymer 'D-threonine aldolase'
2 non-polymer 'MAGNESIUM ION'
3 water water
#
_entity_poly.entity_id   1
_entity_poly.type   'polypeptide(L)'
_entity_poly.pdbx_seq_one_letter_code
;MRALVSKARLAHSVGGRASQATRCAATISASRAPAHLGDALHDVDTPALILDLDAFDRNCEKLKGVMAGFPGVAVRPHA
(LLP)AHKCAEVARRQLQLLGAKGVCCQKVIEAEAMAEGGVSDLLLSNEVIAPRKIDRLVGLAAAGARVGVCYEREDNLR
QLNAAAAARGTHLDVLVELNVGQDRCGVNSADEVVQLARAAAGLDNVRFAGIQAYHGGLQHVRDPRDRAQRVGQVVGRAR
AAVDALKAAGLPCDTVTGGGTGTYRVEAASGVFTEVQPGSFAFSDADYARNLQEDGGVGEWEQSLWVLTQVMSVTPARGL
AVVDAGTKAVSLDSGPPRLPPAFEAAYGTMMEYGSGGDEHGKLMWPQGAYQLPMSLPEVGSLLLLQPGHCDPTVNLYDWL
VAARRQQGGQQQGGVDGWRVEAVWPIRGRGPGQ
;
_entity_poly.pdbx_strand_id   A,B,C,D
#
# COMPACT_ATOMS: atom_id res chain seq x y z
N ARG A 23 -12.72 32.87 34.41
CA ARG A 23 -13.19 32.05 33.27
C ARG A 23 -14.62 32.48 32.86
N CYS A 24 -14.69 33.30 31.82
CA CYS A 24 -15.93 33.86 31.30
C CYS A 24 -16.67 32.86 30.39
N ALA A 25 -15.97 32.41 29.34
CA ALA A 25 -16.55 31.53 28.34
C ALA A 25 -15.59 30.41 27.95
N ALA A 26 -16.16 29.34 27.40
CA ALA A 26 -15.39 28.25 26.76
C ALA A 26 -14.53 28.72 25.57
N THR A 27 -14.84 29.92 25.07
CA THR A 27 -14.29 30.44 23.82
C THR A 27 -13.82 31.89 24.07
N ILE A 28 -12.61 32.24 23.62
CA ILE A 28 -12.12 33.65 23.71
C ILE A 28 -13.11 34.60 23.00
N SER A 29 -13.50 34.25 21.77
CA SER A 29 -14.45 35.04 21.00
C SER A 29 -15.78 35.28 21.73
N ALA A 30 -16.28 34.27 22.45
CA ALA A 30 -17.51 34.39 23.25
C ALA A 30 -17.32 35.13 24.58
N SER A 31 -16.06 35.46 24.90
CA SER A 31 -15.77 36.31 26.07
C SER A 31 -15.40 37.74 25.69
N ARG A 32 -15.08 37.95 24.41
CA ARG A 32 -14.54 39.23 23.93
C ARG A 32 -15.34 39.74 22.72
N ALA A 33 -16.11 40.80 22.94
CA ALA A 33 -16.87 41.46 21.86
C ALA A 33 -15.95 42.10 20.80
N PRO A 34 -16.36 42.05 19.50
CA PRO A 34 -15.48 42.55 18.43
C PRO A 34 -15.55 44.08 18.25
N ALA A 35 -16.45 44.72 18.98
CA ALA A 35 -16.71 46.15 18.87
C ALA A 35 -17.36 46.67 20.15
N HIS A 36 -17.50 48.00 20.25
CA HIS A 36 -18.30 48.62 21.31
C HIS A 36 -19.19 49.74 20.76
N LEU A 37 -20.10 50.23 21.61
CA LEU A 37 -20.99 51.34 21.27
C LEU A 37 -20.22 52.58 20.82
N GLY A 38 -20.62 53.13 19.67
CA GLY A 38 -20.01 54.33 19.12
C GLY A 38 -19.02 54.09 18.00
N ASP A 39 -18.48 52.87 17.94
CA ASP A 39 -17.48 52.46 16.94
C ASP A 39 -17.92 52.71 15.50
N ALA A 40 -16.97 53.03 14.64
CA ALA A 40 -17.18 52.98 13.20
C ALA A 40 -16.85 51.54 12.79
N LEU A 41 -17.13 51.18 11.54
CA LEU A 41 -16.79 49.83 11.09
C LEU A 41 -15.27 49.55 11.04
N HIS A 42 -14.47 50.61 10.87
CA HIS A 42 -13.01 50.49 10.98
C HIS A 42 -12.49 50.18 12.39
N ASP A 43 -13.35 50.27 13.41
CA ASP A 43 -13.00 49.90 14.79
C ASP A 43 -13.37 48.45 15.12
N VAL A 44 -14.01 47.77 14.17
CA VAL A 44 -14.62 46.46 14.40
C VAL A 44 -13.64 45.36 14.01
N ASP A 45 -13.29 44.51 14.99
CA ASP A 45 -12.37 43.40 14.79
C ASP A 45 -12.94 42.35 13.83
N THR A 46 -12.16 41.99 12.82
CA THR A 46 -12.63 41.15 11.71
C THR A 46 -12.14 39.69 11.76
N PRO A 47 -12.91 38.74 11.21
CA PRO A 47 -14.23 38.99 10.58
C PRO A 47 -15.35 39.11 11.59
N ALA A 48 -16.35 39.94 11.26
CA ALA A 48 -17.47 40.28 12.14
C ALA A 48 -18.81 40.14 11.43
N LEU A 49 -19.85 39.92 12.22
CA LEU A 49 -21.21 39.88 11.72
C LEU A 49 -21.90 41.22 12.00
N ILE A 50 -22.23 41.94 10.93
CA ILE A 50 -22.88 43.25 11.07
C ILE A 50 -24.35 43.20 10.64
N LEU A 51 -25.22 43.84 11.43
CA LEU A 51 -26.62 44.01 11.04
C LEU A 51 -26.94 45.47 10.81
N ASP A 52 -27.33 45.79 9.58
CA ASP A 52 -27.79 47.13 9.24
C ASP A 52 -29.23 47.27 9.74
N LEU A 53 -29.39 47.97 10.88
CA LEU A 53 -30.69 48.17 11.51
C LEU A 53 -31.68 48.94 10.64
N ASP A 54 -31.19 49.88 9.82
CA ASP A 54 -32.01 50.64 8.86
C ASP A 54 -32.69 49.71 7.85
N ALA A 55 -31.89 48.86 7.19
CA ALA A 55 -32.40 47.89 6.22
C ALA A 55 -33.26 46.80 6.87
N PHE A 56 -32.82 46.32 8.05
CA PHE A 56 -33.59 45.41 8.94
C PHE A 56 -35.00 45.95 9.28
N ASP A 57 -35.09 47.20 9.73
CA ASP A 57 -36.39 47.82 10.02
C ASP A 57 -37.28 47.89 8.78
N ARG A 58 -36.67 48.23 7.64
CA ARG A 58 -37.38 48.28 6.35
C ARG A 58 -37.96 46.94 5.89
N ASN A 59 -37.21 45.86 6.07
CA ASN A 59 -37.71 44.51 5.80
C ASN A 59 -38.87 44.12 6.71
N CYS A 60 -38.74 44.49 7.99
CA CYS A 60 -39.76 44.25 9.01
C CYS A 60 -41.01 45.09 8.74
N GLU A 61 -40.80 46.31 8.24
CA GLU A 61 -41.89 47.17 7.79
C GLU A 61 -42.60 46.61 6.57
N LYS A 62 -41.82 46.07 5.63
CA LYS A 62 -42.38 45.55 4.36
C LYS A 62 -43.24 44.30 4.61
N LEU A 63 -42.68 43.34 5.34
CA LEU A 63 -43.43 42.13 5.70
C LEU A 63 -44.78 42.45 6.34
N LYS A 64 -44.77 43.37 7.31
CA LYS A 64 -45.96 43.84 8.02
C LYS A 64 -47.01 44.40 7.05
N GLY A 65 -46.56 45.23 6.11
CA GLY A 65 -47.41 45.83 5.06
C GLY A 65 -48.10 44.81 4.19
N VAL A 66 -47.34 43.83 3.71
CA VAL A 66 -47.87 42.71 2.92
C VAL A 66 -48.92 41.93 3.72
N MET A 67 -48.58 41.61 4.97
CA MET A 67 -49.42 40.84 5.89
CA MET A 67 -49.43 40.82 5.86
C MET A 67 -50.73 41.53 6.23
N ALA A 68 -50.73 42.86 6.17
CA ALA A 68 -51.95 43.65 6.35
C ALA A 68 -52.98 43.33 5.26
N GLY A 69 -52.50 42.86 4.11
CA GLY A 69 -53.35 42.36 3.03
C GLY A 69 -53.95 40.98 3.27
N PHE A 70 -53.39 40.23 4.23
CA PHE A 70 -53.91 38.91 4.59
C PHE A 70 -54.37 38.89 6.06
N PRO A 71 -55.58 39.44 6.33
CA PRO A 71 -56.05 39.53 7.71
C PRO A 71 -56.38 38.15 8.26
N GLY A 72 -56.17 37.96 9.57
CA GLY A 72 -56.37 36.67 10.20
C GLY A 72 -55.13 35.79 10.30
N VAL A 73 -54.11 36.10 9.48
CA VAL A 73 -52.85 35.32 9.45
C VAL A 73 -51.79 36.04 10.28
N ALA A 74 -51.26 35.34 11.28
CA ALA A 74 -50.22 35.89 12.15
C ALA A 74 -48.82 35.57 11.63
N VAL A 75 -47.86 36.44 11.94
CA VAL A 75 -46.46 36.20 11.62
C VAL A 75 -45.76 35.71 12.87
N ARG A 76 -45.13 34.54 12.76
CA ARG A 76 -44.28 34.02 13.83
C ARG A 76 -42.88 33.88 13.24
N PRO A 77 -42.07 34.96 13.29
CA PRO A 77 -40.77 34.91 12.62
C PRO A 77 -39.79 33.93 13.26
N HIS A 78 -39.01 33.27 12.40
CA HIS A 78 -38.13 32.19 12.85
C HIS A 78 -36.81 32.70 13.44
N ALA A 79 -36.64 32.45 14.73
CA ALA A 79 -35.47 32.92 15.47
C ALA A 79 -34.15 32.16 15.16
N ALA A 81 -32.83 32.00 12.43
CA ALA A 81 -32.13 32.87 11.51
C ALA A 81 -31.07 33.69 12.23
N HIS A 82 -31.37 34.13 13.45
CA HIS A 82 -30.52 35.14 14.14
C HIS A 82 -29.99 34.72 15.50
N LYS A 83 -30.75 33.88 16.20
CA LYS A 83 -30.37 33.27 17.50
C LYS A 83 -30.05 34.28 18.61
N CYS A 84 -30.70 35.44 18.51
CA CYS A 84 -30.39 36.61 19.32
C CYS A 84 -31.68 37.19 19.86
N ALA A 85 -31.77 37.33 21.18
CA ALA A 85 -32.97 37.82 21.86
C ALA A 85 -33.30 39.26 21.50
N GLU A 86 -32.28 40.12 21.45
CA GLU A 86 -32.50 41.53 21.09
C GLU A 86 -33.06 41.68 19.67
N VAL A 87 -32.69 40.77 18.75
CA VAL A 87 -33.28 40.74 17.40
C VAL A 87 -34.77 40.36 17.39
N ALA A 88 -35.11 39.27 18.07
CA ALA A 88 -36.50 38.84 18.21
C ALA A 88 -37.36 39.95 18.81
N ARG A 89 -36.87 40.57 19.90
CA ARG A 89 -37.54 41.69 20.56
C ARG A 89 -37.87 42.84 19.61
N ARG A 90 -36.89 43.21 18.76
CA ARG A 90 -37.10 44.27 17.77
C ARG A 90 -38.04 43.83 16.65
N GLN A 91 -37.92 42.58 16.22
CA GLN A 91 -38.80 42.02 15.19
C GLN A 91 -40.26 42.13 15.59
N LEU A 92 -40.56 41.64 16.79
CA LEU A 92 -41.94 41.56 17.30
C LEU A 92 -42.58 42.94 17.46
N GLN A 93 -41.78 43.91 17.93
CA GLN A 93 -42.26 45.29 18.08
C GLN A 93 -42.56 45.95 16.73
N LEU A 94 -41.67 45.75 15.76
CA LEU A 94 -41.83 46.28 14.41
C LEU A 94 -43.01 45.64 13.68
N LEU A 95 -43.20 44.35 13.92
CA LEU A 95 -44.26 43.54 13.30
C LEU A 95 -45.60 43.64 14.01
N GLY A 96 -45.58 44.09 15.27
CA GLY A 96 -46.74 44.00 16.16
C GLY A 96 -47.12 42.54 16.47
N ALA A 97 -46.16 41.63 16.33
CA ALA A 97 -46.40 40.19 16.50
C ALA A 97 -46.10 39.71 17.93
N LYS A 98 -46.54 38.50 18.25
CA LYS A 98 -46.54 37.98 19.62
C LYS A 98 -45.40 37.03 19.96
N GLY A 99 -44.94 36.28 18.98
CA GLY A 99 -43.95 35.25 19.24
C GLY A 99 -43.09 34.82 18.07
N VAL A 100 -42.15 33.93 18.38
CA VAL A 100 -41.18 33.44 17.40
C VAL A 100 -41.19 31.90 17.32
N CYS A 101 -40.54 31.38 16.28
CA CYS A 101 -40.20 29.94 16.20
C CYS A 101 -38.75 29.72 16.63
N CYS A 102 -38.50 28.54 17.20
CA CYS A 102 -37.17 28.06 17.58
C CYS A 102 -37.02 26.63 17.05
N GLN A 103 -35.90 26.34 16.39
CA GLN A 103 -35.68 25.01 15.82
C GLN A 103 -35.14 23.98 16.83
N LYS A 104 -34.45 24.48 17.85
CA LYS A 104 -33.89 23.66 18.92
CA LYS A 104 -33.88 23.65 18.93
C LYS A 104 -34.15 24.33 20.26
N VAL A 105 -34.18 23.55 21.34
CA VAL A 105 -34.43 24.05 22.71
C VAL A 105 -33.49 25.18 23.11
N ILE A 106 -32.22 25.10 22.69
CA ILE A 106 -31.24 26.13 23.02
C ILE A 106 -31.67 27.54 22.54
N GLU A 107 -32.24 27.62 21.33
CA GLU A 107 -32.79 28.88 20.81
C GLU A 107 -33.96 29.35 21.66
N ALA A 108 -34.75 28.40 22.19
CA ALA A 108 -35.89 28.74 23.05
C ALA A 108 -35.43 29.29 24.40
N GLU A 109 -34.35 28.71 24.94
CA GLU A 109 -33.76 29.17 26.20
C GLU A 109 -33.25 30.60 26.04
N ALA A 110 -32.52 30.83 24.94
CA ALA A 110 -31.96 32.14 24.58
C ALA A 110 -33.04 33.21 24.39
N MET A 111 -34.18 32.82 23.81
CA MET A 111 -35.33 33.73 23.66
C MET A 111 -35.96 34.07 25.01
N ALA A 112 -36.19 33.04 25.82
CA ALA A 112 -36.85 33.18 27.13
C ALA A 112 -36.06 33.97 28.17
N GLU A 113 -34.73 33.82 28.18
CA GLU A 113 -33.87 34.62 29.06
C GLU A 113 -33.80 36.10 28.65
N GLY A 114 -34.12 36.37 27.38
CA GLY A 114 -34.21 37.74 26.86
C GLY A 114 -35.61 38.29 26.74
N GLY A 115 -36.55 37.69 27.47
CA GLY A 115 -37.92 38.21 27.60
C GLY A 115 -38.85 37.97 26.42
N VAL A 116 -38.46 37.06 25.53
CA VAL A 116 -39.35 36.63 24.46
C VAL A 116 -40.08 35.39 25.01
N SER A 117 -41.37 35.56 25.28
CA SER A 117 -42.15 34.63 26.12
C SER A 117 -43.23 33.81 25.43
N ASP A 118 -43.28 33.87 24.10
CA ASP A 118 -44.27 33.10 23.34
C ASP A 118 -43.50 32.40 22.24
N LEU A 119 -43.27 31.09 22.44
CA LEU A 119 -42.33 30.33 21.63
C LEU A 119 -42.96 29.07 21.02
N LEU A 120 -42.77 28.87 19.72
CA LEU A 120 -43.03 27.57 19.12
C LEU A 120 -41.70 26.88 18.82
N LEU A 121 -41.53 25.68 19.37
CA LEU A 121 -40.48 24.78 18.95
C LEU A 121 -40.96 24.07 17.70
N SER A 122 -40.55 24.60 16.55
CA SER A 122 -41.03 24.19 15.22
C SER A 122 -40.35 22.91 14.69
N ASN A 123 -40.19 21.95 15.61
CA ASN A 123 -39.43 20.70 15.39
C ASN A 123 -39.77 19.73 16.54
N GLU A 124 -39.37 18.46 16.41
CA GLU A 124 -39.55 17.45 17.45
C GLU A 124 -38.36 17.37 18.39
N VAL A 125 -38.65 17.24 19.67
CA VAL A 125 -37.63 17.12 20.72
C VAL A 125 -37.89 15.80 21.45
N ILE A 126 -36.89 14.89 21.43
CA ILE A 126 -37.06 13.52 21.96
C ILE A 126 -36.15 13.18 23.16
N ALA A 127 -35.09 13.96 23.35
CA ALA A 127 -34.17 13.76 24.49
C ALA A 127 -34.83 14.26 25.77
N PRO A 128 -34.87 13.42 26.85
CA PRO A 128 -35.49 13.90 28.10
C PRO A 128 -34.85 15.15 28.71
N ARG A 129 -33.52 15.28 28.65
CA ARG A 129 -32.84 16.44 29.22
C ARG A 129 -33.23 17.75 28.48
N LYS A 130 -33.47 17.64 27.18
CA LYS A 130 -33.92 18.76 26.35
C LYS A 130 -35.39 19.12 26.66
N ILE A 131 -36.24 18.11 26.88
CA ILE A 131 -37.65 18.32 27.28
C ILE A 131 -37.75 19.12 28.57
N ASP A 132 -36.95 18.74 29.56
CA ASP A 132 -36.92 19.39 30.89
C ASP A 132 -36.59 20.88 30.82
N ARG A 133 -35.57 21.20 30.03
CA ARG A 133 -35.22 22.59 29.70
C ARG A 133 -36.40 23.38 29.12
N LEU A 134 -37.04 22.82 28.10
CA LEU A 134 -38.16 23.46 27.40
C LEU A 134 -39.39 23.68 28.30
N VAL A 135 -39.77 22.61 29.01
CA VAL A 135 -40.84 22.61 30.02
C VAL A 135 -40.51 23.57 31.17
N GLY A 136 -39.22 23.66 31.49
CA GLY A 136 -38.67 24.64 32.44
C GLY A 136 -39.06 26.07 32.10
N LEU A 137 -39.08 26.39 30.81
CA LEU A 137 -39.44 27.72 30.33
C LEU A 137 -40.94 27.99 30.51
N ALA A 138 -41.76 27.00 30.13
CA ALA A 138 -43.22 27.02 30.33
C ALA A 138 -43.59 27.20 31.80
N ALA A 139 -42.86 26.52 32.68
CA ALA A 139 -43.04 26.60 34.13
C ALA A 139 -42.64 27.97 34.68
N ALA A 140 -41.62 28.58 34.07
CA ALA A 140 -41.20 29.94 34.40
C ALA A 140 -42.14 31.03 33.86
N GLY A 141 -43.10 30.63 33.00
CA GLY A 141 -44.14 31.55 32.54
C GLY A 141 -44.25 31.75 31.04
N ALA A 142 -43.34 31.15 30.28
CA ALA A 142 -43.36 31.23 28.82
C ALA A 142 -44.49 30.39 28.22
N ARG A 143 -45.12 30.93 27.18
CA ARG A 143 -46.09 30.17 26.40
C ARG A 143 -45.31 29.34 25.39
N VAL A 144 -45.38 28.01 25.53
CA VAL A 144 -44.57 27.11 24.71
C VAL A 144 -45.43 26.18 23.85
N GLY A 145 -45.15 26.18 22.55
CA GLY A 145 -45.69 25.20 21.60
C GLY A 145 -44.56 24.32 21.08
N VAL A 146 -44.91 23.10 20.69
CA VAL A 146 -43.91 22.09 20.26
C VAL A 146 -44.54 21.09 19.28
N CYS A 147 -43.76 20.64 18.30
CA CYS A 147 -44.24 19.69 17.30
C CYS A 147 -43.94 18.22 17.68
N TYR A 148 -44.78 17.33 17.17
CA TYR A 148 -44.65 15.88 17.37
C TYR A 148 -45.23 15.08 16.20
N GLU A 149 -44.80 13.82 16.12
CA GLU A 149 -45.22 12.86 15.10
C GLU A 149 -45.38 11.44 15.68
N ARG A 150 -45.23 11.32 17.00
CA ARG A 150 -45.24 10.03 17.71
C ARG A 150 -45.90 10.14 19.07
N GLU A 151 -46.71 9.14 19.44
CA GLU A 151 -47.42 9.13 20.72
C GLU A 151 -46.51 8.97 21.92
N ASP A 152 -45.46 8.15 21.79
CA ASP A 152 -44.49 7.98 22.87
C ASP A 152 -43.76 9.29 23.22
N ASN A 153 -43.40 10.06 22.20
CA ASN A 153 -42.85 11.42 22.36
C ASN A 153 -43.90 12.37 22.96
N LEU A 154 -45.13 12.25 22.49
CA LEU A 154 -46.25 13.01 23.05
C LEU A 154 -46.39 12.75 24.56
N ARG A 155 -46.32 11.47 24.95
CA ARG A 155 -46.46 11.08 26.34
C ARG A 155 -45.35 11.58 27.26
N GLN A 156 -44.11 11.60 26.78
CA GLN A 156 -43.00 12.20 27.55
C GLN A 156 -43.16 13.72 27.66
N LEU A 157 -43.62 14.36 26.59
CA LEU A 157 -43.92 15.81 26.61
C LEU A 157 -44.92 16.14 27.73
N ASN A 158 -45.98 15.34 27.79
CA ASN A 158 -47.04 15.49 28.79
C ASN A 158 -46.50 15.21 30.19
N ALA A 159 -45.72 14.13 30.33
CA ALA A 159 -45.13 13.72 31.61
C ALA A 159 -44.26 14.82 32.25
N ALA A 160 -43.31 15.35 31.47
CA ALA A 160 -42.44 16.44 31.94
C ALA A 160 -43.21 17.72 32.28
N ALA A 161 -44.18 18.07 31.44
CA ALA A 161 -45.07 19.22 31.68
C ALA A 161 -45.82 19.09 33.01
N ALA A 162 -46.35 17.89 33.29
CA ALA A 162 -47.08 17.61 34.53
C ALA A 162 -46.20 17.70 35.77
N ALA A 163 -44.96 17.25 35.62
CA ALA A 163 -43.95 17.23 36.67
C ALA A 163 -43.57 18.61 37.19
N ARG A 164 -43.63 19.62 36.32
CA ARG A 164 -43.30 20.99 36.69
C ARG A 164 -44.54 21.88 36.90
N GLY A 165 -45.73 21.27 36.81
CA GLY A 165 -47.01 21.97 37.00
C GLY A 165 -47.30 23.02 35.95
N THR A 166 -47.16 22.63 34.68
CA THR A 166 -47.33 23.51 33.53
C THR A 166 -47.96 22.75 32.35
N HIS A 167 -48.28 23.48 31.28
CA HIS A 167 -48.85 22.88 30.07
C HIS A 167 -48.05 23.25 28.83
N LEU A 168 -48.23 22.45 27.78
CA LEU A 168 -47.58 22.66 26.49
CA LEU A 168 -47.58 22.66 26.49
C LEU A 168 -48.62 22.56 25.39
N ASP A 169 -48.57 23.51 24.45
CA ASP A 169 -49.34 23.40 23.23
C ASP A 169 -48.57 22.40 22.35
N VAL A 170 -49.31 21.51 21.69
CA VAL A 170 -48.68 20.50 20.83
C VAL A 170 -49.30 20.49 19.45
N LEU A 171 -48.42 20.47 18.44
CA LEU A 171 -48.83 20.53 17.05
C LEU A 171 -48.32 19.28 16.35
N VAL A 172 -49.18 18.63 15.57
CA VAL A 172 -48.74 17.49 14.77
C VAL A 172 -48.07 18.02 13.52
N GLU A 173 -46.79 17.70 13.36
CA GLU A 173 -46.11 18.01 12.11
C GLU A 173 -46.50 17.01 11.03
N LEU A 174 -46.82 17.53 9.85
CA LEU A 174 -47.15 16.76 8.65
CA LEU A 174 -47.02 16.66 8.69
C LEU A 174 -46.14 17.01 7.53
N ASN A 175 -45.66 15.95 6.89
CA ASN A 175 -44.84 16.04 5.72
C ASN A 175 -45.75 16.40 4.56
N VAL A 176 -45.45 17.54 3.95
CA VAL A 176 -46.23 18.11 2.84
C VAL A 176 -45.39 18.25 1.56
N GLY A 177 -44.33 17.44 1.45
CA GLY A 177 -43.48 17.43 0.26
C GLY A 177 -41.99 17.49 0.49
N GLN A 178 -41.58 18.06 1.63
CA GLN A 178 -40.16 18.19 1.97
C GLN A 178 -39.49 16.85 2.26
N ASP A 179 -40.27 15.89 2.76
CA ASP A 179 -39.80 14.55 3.10
C ASP A 179 -38.68 14.58 4.17
N ARG A 180 -38.84 15.47 5.17
CA ARG A 180 -37.88 15.56 6.27
C ARG A 180 -38.51 14.80 7.43
N CYS A 181 -39.29 15.49 8.25
CA CYS A 181 -40.07 14.89 9.35
CA CYS A 181 -40.10 14.76 9.21
C CYS A 181 -41.56 15.16 9.17
N GLY A 182 -42.36 14.50 9.99
CA GLY A 182 -43.80 14.66 9.97
C GLY A 182 -44.47 13.37 9.53
N VAL A 183 -45.78 13.33 9.73
CA VAL A 183 -46.59 12.19 9.30
C VAL A 183 -46.96 12.34 7.83
N ASN A 184 -47.42 11.24 7.22
CA ASN A 184 -47.64 11.20 5.77
C ASN A 184 -49.10 10.95 5.39
N SER A 185 -49.99 11.01 6.39
CA SER A 185 -51.44 10.85 6.19
C SER A 185 -52.25 11.65 7.21
N ALA A 186 -53.48 11.99 6.84
CA ALA A 186 -54.41 12.68 7.73
C ALA A 186 -54.89 11.78 8.88
N ASP A 187 -54.97 10.48 8.63
CA ASP A 187 -55.33 9.48 9.65
C ASP A 187 -54.35 9.51 10.83
N GLU A 188 -53.06 9.60 10.52
CA GLU A 188 -51.98 9.73 11.50
C GLU A 188 -52.17 11.00 12.34
N VAL A 189 -52.49 12.11 11.66
CA VAL A 189 -52.82 13.40 12.31
C VAL A 189 -53.94 13.21 13.33
N VAL A 190 -55.07 12.65 12.87
CA VAL A 190 -56.25 12.39 13.71
C VAL A 190 -55.91 11.61 14.98
N GLN A 191 -55.24 10.47 14.81
CA GLN A 191 -54.90 9.57 15.91
C GLN A 191 -54.01 10.24 16.96
N LEU A 192 -53.00 10.97 16.50
CA LEU A 192 -52.08 11.70 17.39
C LEU A 192 -52.80 12.82 18.14
N ALA A 193 -53.70 13.52 17.45
CA ALA A 193 -54.55 14.54 18.05
C ALA A 193 -55.50 13.94 19.07
N ARG A 194 -56.09 12.79 18.74
CA ARG A 194 -56.96 12.03 19.66
C ARG A 194 -56.19 11.63 20.93
N ALA A 195 -54.91 11.29 20.76
CA ALA A 195 -54.03 10.94 21.87
C ALA A 195 -53.72 12.13 22.77
N ALA A 196 -53.42 13.29 22.16
CA ALA A 196 -53.25 14.56 22.89
C ALA A 196 -54.55 15.00 23.58
N ALA A 197 -55.68 14.73 22.93
CA ALA A 197 -57.01 15.10 23.45
C ALA A 197 -57.30 14.59 24.86
N GLY A 198 -56.83 13.38 25.17
CA GLY A 198 -57.05 12.74 26.47
C GLY A 198 -55.90 12.80 27.45
N LEU A 199 -55.01 13.78 27.28
CA LEU A 199 -53.93 14.06 28.24
C LEU A 199 -54.11 15.41 28.92
N ASP A 200 -53.71 15.48 30.20
CA ASP A 200 -54.02 16.61 31.08
C ASP A 200 -53.16 17.87 30.95
N ASN A 201 -51.88 17.71 30.59
CA ASN A 201 -50.94 18.85 30.54
C ASN A 201 -50.44 19.13 29.12
N VAL A 202 -51.20 18.63 28.14
CA VAL A 202 -50.95 18.83 26.73
C VAL A 202 -52.26 19.32 26.09
N ARG A 203 -52.15 20.11 25.02
CA ARG A 203 -53.32 20.65 24.33
C ARG A 203 -53.06 20.62 22.83
N PHE A 204 -53.88 19.86 22.09
CA PHE A 204 -53.72 19.81 20.65
C PHE A 204 -54.08 21.15 20.01
N ALA A 205 -53.05 21.81 19.50
CA ALA A 205 -53.14 23.16 18.97
C ALA A 205 -53.36 23.20 17.45
N GLY A 206 -53.13 22.07 16.78
CA GLY A 206 -53.26 21.98 15.33
C GLY A 206 -52.03 21.37 14.67
N ILE A 207 -51.62 21.95 13.55
CA ILE A 207 -50.60 21.32 12.68
C ILE A 207 -49.48 22.26 12.21
N GLN A 208 -48.31 21.67 11.95
CA GLN A 208 -47.26 22.36 11.19
C GLN A 208 -47.10 21.65 9.85
N ALA A 209 -47.17 22.43 8.78
CA ALA A 209 -47.07 21.94 7.42
C ALA A 209 -46.08 22.82 6.65
N TYR A 210 -44.80 22.48 6.78
CA TYR A 210 -43.73 23.27 6.22
C TYR A 210 -42.99 22.53 5.11
N HIS A 211 -42.91 23.17 3.94
CA HIS A 211 -42.12 22.67 2.82
C HIS A 211 -40.92 23.58 2.54
N GLY A 212 -39.78 23.23 3.12
CA GLY A 212 -38.53 23.96 2.95
C GLY A 212 -37.97 23.92 1.53
N GLY A 213 -38.32 22.86 0.80
CA GLY A 213 -37.87 22.68 -0.59
C GLY A 213 -38.43 23.67 -1.61
N LEU A 214 -39.45 24.43 -1.24
CA LEU A 214 -40.11 25.37 -2.16
C LEU A 214 -39.74 26.83 -1.93
N GLN A 215 -38.95 27.09 -0.90
CA GLN A 215 -38.57 28.45 -0.49
C GLN A 215 -37.74 29.21 -1.53
N HIS A 216 -36.98 28.47 -2.33
CA HIS A 216 -36.10 29.06 -3.34
C HIS A 216 -36.52 28.73 -4.78
N VAL A 217 -37.78 28.30 -4.95
CA VAL A 217 -38.39 28.20 -6.27
C VAL A 217 -38.47 29.63 -6.79
N ARG A 218 -37.96 29.85 -8.01
CA ARG A 218 -37.63 31.19 -8.49
C ARG A 218 -38.78 32.07 -8.97
N ASP A 219 -39.69 31.51 -9.75
CA ASP A 219 -40.82 32.27 -10.33
C ASP A 219 -42.04 32.21 -9.41
N PRO A 220 -42.77 33.35 -9.25
CA PRO A 220 -43.96 33.35 -8.38
C PRO A 220 -45.08 32.39 -8.79
N ARG A 221 -45.21 32.11 -10.10
CA ARG A 221 -46.20 31.14 -10.62
C ARG A 221 -45.93 29.70 -10.17
N ASP A 222 -44.69 29.23 -10.36
CA ASP A 222 -44.27 27.88 -9.93
C ASP A 222 -44.33 27.76 -8.42
N ARG A 223 -44.02 28.86 -7.73
CA ARG A 223 -44.10 28.94 -6.28
C ARG A 223 -45.55 28.91 -5.80
N ALA A 224 -46.45 29.55 -6.55
CA ALA A 224 -47.89 29.48 -6.25
C ALA A 224 -48.47 28.09 -6.56
N GLN A 225 -47.99 27.46 -7.63
CA GLN A 225 -48.46 26.16 -8.09
C GLN A 225 -48.06 25.02 -7.14
N ARG A 226 -46.82 25.06 -6.65
CA ARG A 226 -46.32 24.03 -5.76
C ARG A 226 -46.73 24.21 -4.29
N VAL A 227 -46.88 25.45 -3.85
CA VAL A 227 -47.42 25.74 -2.51
C VAL A 227 -48.91 25.44 -2.44
N GLY A 228 -49.63 25.64 -3.55
CA GLY A 228 -51.04 25.26 -3.66
C GLY A 228 -51.29 23.78 -3.37
N GLN A 229 -50.35 22.93 -3.82
CA GLN A 229 -50.36 21.50 -3.52
C GLN A 229 -50.14 21.24 -2.02
N VAL A 230 -49.23 22.00 -1.41
CA VAL A 230 -48.98 21.99 0.05
C VAL A 230 -50.24 22.43 0.80
N VAL A 231 -50.90 23.47 0.28
CA VAL A 231 -52.18 23.98 0.80
C VAL A 231 -53.25 22.88 0.84
N GLY A 232 -53.39 22.15 -0.27
CA GLY A 232 -54.32 21.02 -0.39
C GLY A 232 -54.07 19.89 0.61
N ARG A 233 -52.79 19.56 0.81
CA ARG A 233 -52.38 18.53 1.78
C ARG A 233 -52.68 18.96 3.23
N ALA A 234 -52.46 20.24 3.51
CA ALA A 234 -52.73 20.83 4.82
C ALA A 234 -54.22 20.87 5.11
N ARG A 235 -55.01 21.30 4.11
CA ARG A 235 -56.47 21.39 4.22
C ARG A 235 -57.11 20.04 4.45
N ALA A 236 -56.58 19.00 3.79
CA ALA A 236 -56.98 17.60 3.98
C ALA A 236 -56.85 17.18 5.45
N ALA A 237 -55.77 17.60 6.11
CA ALA A 237 -55.52 17.30 7.51
C ALA A 237 -56.54 18.02 8.43
N VAL A 238 -56.84 19.28 8.11
CA VAL A 238 -57.78 20.10 8.89
C VAL A 238 -59.19 19.48 8.80
N ASP A 239 -59.58 19.12 7.58
CA ASP A 239 -60.89 18.53 7.28
C ASP A 239 -61.10 17.15 7.86
N ALA A 240 -60.05 16.33 7.86
CA ALA A 240 -60.08 15.03 8.50
C ALA A 240 -60.27 15.16 10.02
N LEU A 241 -59.59 16.14 10.62
CA LEU A 241 -59.74 16.47 12.05
C LEU A 241 -61.17 16.92 12.39
N LYS A 242 -61.72 17.79 11.54
CA LYS A 242 -63.08 18.31 11.69
C LYS A 242 -64.15 17.20 11.57
N ALA A 243 -63.92 16.25 10.67
CA ALA A 243 -64.75 15.05 10.53
C ALA A 243 -64.70 14.16 11.78
N ALA A 244 -63.55 14.18 12.47
CA ALA A 244 -63.37 13.45 13.73
C ALA A 244 -63.82 14.22 14.98
N GLY A 245 -64.34 15.43 14.78
CA GLY A 245 -64.85 16.26 15.87
C GLY A 245 -63.75 16.82 16.74
N LEU A 246 -62.59 17.05 16.12
CA LEU A 246 -61.45 17.70 16.76
C LEU A 246 -61.07 18.98 16.02
N PRO A 247 -60.70 20.04 16.79
CA PRO A 247 -60.33 21.31 16.17
C PRO A 247 -58.92 21.29 15.57
N CYS A 248 -58.68 22.16 14.58
CA CYS A 248 -57.34 22.47 14.12
C CYS A 248 -57.16 23.99 14.19
N ASP A 249 -56.93 24.45 15.41
CA ASP A 249 -56.80 25.89 15.74
C ASP A 249 -55.70 26.61 14.97
N THR A 250 -54.50 26.02 14.95
CA THR A 250 -53.33 26.62 14.31
C THR A 250 -52.85 25.76 13.14
N VAL A 251 -52.76 26.38 11.96
CA VAL A 251 -52.13 25.78 10.77
C VAL A 251 -50.91 26.64 10.42
N THR A 252 -49.75 26.19 10.88
CA THR A 252 -48.54 26.99 10.76
CA THR A 252 -48.50 26.97 10.81
C THR A 252 -47.55 26.40 9.75
N GLY A 253 -46.86 27.29 9.03
CA GLY A 253 -45.88 26.86 8.05
C GLY A 253 -45.37 27.98 7.19
N GLY A 254 -44.79 27.62 6.04
CA GLY A 254 -44.26 28.57 5.09
C GLY A 254 -43.01 29.25 5.59
N GLY A 255 -42.33 29.93 4.69
CA GLY A 255 -41.11 30.67 5.02
C GLY A 255 -40.96 31.91 4.16
N THR A 256 -39.78 32.50 4.24
CA THR A 256 -39.42 33.74 3.52
C THR A 256 -39.73 33.71 2.02
N GLY A 257 -39.65 32.53 1.41
CA GLY A 257 -39.94 32.37 -0.02
C GLY A 257 -41.42 32.25 -0.39
N THR A 258 -42.17 31.53 0.44
CA THR A 258 -43.52 31.06 0.08
C THR A 258 -44.67 31.77 0.81
N TYR A 259 -44.36 32.41 1.93
CA TYR A 259 -45.33 33.00 2.87
C TYR A 259 -46.57 33.68 2.27
N ARG A 260 -46.41 34.41 1.16
CA ARG A 260 -47.51 35.12 0.49
C ARG A 260 -48.63 34.16 0.06
N VAL A 261 -48.25 32.99 -0.45
CA VAL A 261 -49.21 31.99 -0.95
C VAL A 261 -49.86 31.23 0.21
N GLU A 262 -49.06 30.94 1.24
CA GLU A 262 -49.57 30.33 2.48
C GLU A 262 -50.59 31.26 3.17
N ALA A 263 -50.26 32.55 3.25
CA ALA A 263 -51.12 33.57 3.87
C ALA A 263 -52.38 33.86 3.04
N ALA A 264 -52.25 33.74 1.72
CA ALA A 264 -53.36 33.93 0.76
C ALA A 264 -54.37 32.78 0.73
N SER A 265 -53.95 31.62 1.23
CA SER A 265 -54.65 30.34 1.06
C SER A 265 -56.02 30.22 1.75
N GLY A 266 -56.17 30.92 2.88
CA GLY A 266 -57.33 30.74 3.77
C GLY A 266 -57.28 29.48 4.63
N VAL A 267 -56.16 28.76 4.57
CA VAL A 267 -55.99 27.49 5.29
C VAL A 267 -54.99 27.70 6.43
N PHE A 268 -53.87 28.36 6.13
CA PHE A 268 -52.87 28.67 7.13
C PHE A 268 -53.31 29.82 8.01
N THR A 269 -53.05 29.67 9.31
CA THR A 269 -53.37 30.68 10.32
C THR A 269 -52.11 31.47 10.72
N GLU A 270 -50.94 30.93 10.34
CA GLU A 270 -49.63 31.45 10.75
C GLU A 270 -48.58 31.16 9.67
N VAL A 271 -47.71 32.16 9.42
CA VAL A 271 -46.53 31.98 8.59
C VAL A 271 -45.23 32.09 9.39
N GLN A 272 -44.20 31.36 8.96
CA GLN A 272 -42.96 31.22 9.74
C GLN A 272 -41.69 31.79 9.05
N PRO A 273 -41.74 33.00 8.45
CA PRO A 273 -40.50 33.42 7.78
C PRO A 273 -39.40 33.85 8.76
N GLY A 274 -38.17 33.44 8.46
CA GLY A 274 -37.03 33.83 9.27
C GLY A 274 -36.04 34.72 8.55
N SER A 275 -35.63 34.31 7.35
CA SER A 275 -34.56 34.99 6.59
C SER A 275 -34.92 36.40 6.11
N PHE A 276 -36.22 36.64 5.91
CA PHE A 276 -36.77 37.91 5.38
C PHE A 276 -36.11 39.19 5.88
N ALA A 277 -35.77 39.22 7.17
CA ALA A 277 -35.28 40.42 7.84
C ALA A 277 -33.83 40.72 7.45
N PHE A 278 -33.17 39.70 6.90
CA PHE A 278 -31.73 39.72 6.66
C PHE A 278 -31.40 39.58 5.18
N SER A 279 -32.09 38.64 4.51
CA SER A 279 -31.81 38.21 3.14
C SER A 279 -30.42 37.55 3.02
N ASP A 280 -30.16 36.95 1.86
CA ASP A 280 -28.85 36.43 1.47
C ASP A 280 -28.83 36.39 -0.05
N ALA A 281 -27.71 35.94 -0.62
CA ALA A 281 -27.53 35.90 -2.07
C ALA A 281 -28.48 34.92 -2.75
N ASP A 282 -28.89 33.87 -2.01
CA ASP A 282 -29.87 32.89 -2.47
C ASP A 282 -31.26 33.51 -2.59
N TYR A 283 -31.78 34.04 -1.48
CA TYR A 283 -33.11 34.67 -1.44
C TYR A 283 -33.26 35.92 -2.31
N ALA A 284 -32.14 36.58 -2.62
CA ALA A 284 -32.12 37.77 -3.48
C ALA A 284 -32.54 37.49 -4.92
N ARG A 285 -32.61 36.20 -5.29
CA ARG A 285 -32.82 35.80 -6.68
C ARG A 285 -34.25 35.30 -6.99
N ASN A 286 -35.11 35.26 -5.96
CA ASN A 286 -36.53 34.90 -6.11
C ASN A 286 -37.31 36.04 -6.78
N LEU A 287 -37.84 35.78 -7.97
CA LEU A 287 -38.67 36.74 -8.69
C LEU A 287 -40.00 36.98 -7.96
N GLN A 288 -40.45 38.22 -7.96
CA GLN A 288 -41.66 38.62 -7.23
C GLN A 288 -42.78 39.10 -8.16
N GLU A 289 -44.02 39.04 -7.65
CA GLU A 289 -45.23 39.45 -8.37
C GLU A 289 -45.10 40.80 -9.09
N ASP A 290 -44.46 41.77 -8.43
CA ASP A 290 -44.30 43.12 -8.98
C ASP A 290 -43.26 43.24 -10.11
N GLY A 291 -42.58 42.13 -10.42
CA GLY A 291 -41.55 42.07 -11.45
C GLY A 291 -40.13 42.26 -10.91
N GLY A 292 -40.01 42.36 -9.59
CA GLY A 292 -38.73 42.57 -8.92
C GLY A 292 -38.01 41.28 -8.56
N VAL A 293 -36.70 41.30 -8.71
CA VAL A 293 -35.85 40.18 -8.32
C VAL A 293 -35.35 40.46 -6.89
N GLY A 294 -35.75 39.59 -5.96
CA GLY A 294 -35.40 39.77 -4.54
C GLY A 294 -36.36 40.69 -3.82
N GLU A 295 -37.04 40.12 -2.83
CA GLU A 295 -38.08 40.82 -2.08
C GLU A 295 -37.54 41.68 -0.93
N TRP A 296 -36.36 41.30 -0.42
CA TRP A 296 -35.81 41.91 0.78
C TRP A 296 -34.48 42.62 0.52
N GLU A 297 -34.23 43.69 1.27
CA GLU A 297 -32.95 44.38 1.30
C GLU A 297 -31.97 43.58 2.16
N GLN A 298 -30.74 43.45 1.67
CA GLN A 298 -29.67 42.84 2.45
C GLN A 298 -29.34 43.73 3.65
N SER A 299 -29.54 43.18 4.85
CA SER A 299 -29.24 43.89 6.10
C SER A 299 -28.09 43.22 6.87
N LEU A 300 -27.81 41.96 6.54
CA LEU A 300 -26.79 41.15 7.22
C LEU A 300 -25.51 41.04 6.40
N TRP A 301 -24.39 41.39 7.01
CA TRP A 301 -23.10 41.35 6.29
C TRP A 301 -21.99 40.72 7.12
N VAL A 302 -21.05 40.09 6.41
CA VAL A 302 -19.76 39.70 6.98
C VAL A 302 -18.77 40.81 6.61
N LEU A 303 -18.35 41.54 7.64
CA LEU A 303 -17.27 42.53 7.52
C LEU A 303 -15.94 41.79 7.46
N THR A 304 -15.17 42.05 6.41
CA THR A 304 -13.87 41.40 6.22
C THR A 304 -12.77 42.38 5.79
N GLN A 305 -11.53 41.99 6.07
CA GLN A 305 -10.34 42.77 5.77
C GLN A 305 -9.50 42.09 4.70
N VAL A 306 -9.10 42.86 3.69
CA VAL A 306 -8.08 42.43 2.75
C VAL A 306 -6.77 42.35 3.50
N MET A 307 -6.19 41.15 3.53
CA MET A 307 -4.94 40.91 4.23
C MET A 307 -3.82 40.50 3.29
N SER A 308 -4.11 40.50 1.98
CA SER A 308 -3.15 40.12 0.95
C SER A 308 -3.65 40.51 -0.43
N VAL A 309 -2.75 41.03 -1.28
CA VAL A 309 -3.08 41.41 -2.65
C VAL A 309 -2.03 40.82 -3.61
N THR A 310 -2.49 40.21 -4.71
CA THR A 310 -1.59 39.82 -5.79
C THR A 310 -2.14 40.28 -7.18
N PRO A 311 -1.67 41.44 -7.68
CA PRO A 311 -2.02 41.91 -9.03
C PRO A 311 -1.46 40.97 -10.09
N ALA A 312 -2.14 40.89 -11.24
CA ALA A 312 -1.81 39.94 -12.33
C ALA A 312 -2.06 38.46 -11.97
N ARG A 313 -2.39 38.18 -10.72
CA ARG A 313 -3.26 37.05 -10.37
C ARG A 313 -4.70 37.58 -10.30
N GLY A 314 -4.82 38.91 -10.20
CA GLY A 314 -6.12 39.61 -10.09
C GLY A 314 -6.81 39.31 -8.78
N LEU A 315 -6.02 39.21 -7.72
CA LEU A 315 -6.45 38.62 -6.45
C LEU A 315 -6.27 39.53 -5.25
N ALA A 316 -7.33 39.65 -4.45
CA ALA A 316 -7.26 40.23 -3.11
C ALA A 316 -7.79 39.17 -2.14
N VAL A 317 -6.93 38.73 -1.22
CA VAL A 317 -7.30 37.74 -0.20
C VAL A 317 -7.81 38.45 1.06
N VAL A 318 -9.00 38.03 1.51
CA VAL A 318 -9.62 38.57 2.73
C VAL A 318 -9.49 37.60 3.91
N ASP A 319 -9.62 38.10 5.13
CA ASP A 319 -9.48 37.28 6.34
C ASP A 319 -10.68 36.38 6.70
N ALA A 320 -11.77 36.51 5.93
CA ALA A 320 -12.97 35.69 6.11
C ALA A 320 -13.01 34.45 5.21
N GLY A 321 -12.62 33.31 5.78
CA GLY A 321 -12.73 32.01 5.11
C GLY A 321 -13.95 31.19 5.50
N THR A 322 -13.81 29.87 5.41
CA THR A 322 -14.85 28.87 5.76
C THR A 322 -15.43 29.13 7.15
N LYS A 323 -14.55 29.49 8.09
CA LYS A 323 -14.93 29.71 9.48
C LYS A 323 -15.65 31.04 9.76
N ALA A 324 -15.71 31.93 8.75
CA ALA A 324 -16.40 33.23 8.87
C ALA A 324 -17.61 33.41 7.93
N VAL A 325 -17.69 32.59 6.89
CA VAL A 325 -18.81 32.68 5.93
C VAL A 325 -19.10 31.29 5.36
N SER A 326 -20.32 30.80 5.58
CA SER A 326 -20.71 29.48 5.11
C SER A 326 -20.94 29.50 3.60
N LEU A 327 -20.37 28.51 2.91
CA LEU A 327 -20.51 28.39 1.45
C LEU A 327 -21.51 27.29 1.09
N ASP A 328 -22.34 26.91 2.07
CA ASP A 328 -23.22 25.75 1.96
C ASP A 328 -24.28 25.84 0.88
N SER A 329 -24.68 27.07 0.52
CA SER A 329 -25.67 27.30 -0.54
C SER A 329 -25.17 28.24 -1.64
N GLY A 330 -23.86 28.48 -1.67
CA GLY A 330 -23.26 29.37 -2.66
C GLY A 330 -22.30 30.39 -2.07
N PRO A 331 -21.45 31.02 -2.92
CA PRO A 331 -20.44 31.97 -2.46
C PRO A 331 -21.07 33.27 -1.92
N PRO A 332 -20.38 33.97 -1.02
CA PRO A 332 -20.92 35.28 -0.65
C PRO A 332 -20.71 36.27 -1.79
N ARG A 333 -21.54 37.31 -1.83
CA ARG A 333 -21.44 38.32 -2.88
C ARG A 333 -21.04 39.69 -2.38
N LEU A 334 -20.24 40.38 -3.20
CA LEU A 334 -19.91 41.78 -2.98
C LEU A 334 -21.08 42.67 -3.43
N PRO A 335 -21.33 43.77 -2.69
CA PRO A 335 -22.45 44.65 -3.00
C PRO A 335 -22.15 45.60 -4.19
N PRO A 336 -23.20 46.19 -4.81
CA PRO A 336 -23.05 47.25 -5.82
C PRO A 336 -22.09 48.42 -5.49
N ALA A 337 -21.93 48.77 -4.21
CA ALA A 337 -20.97 49.82 -3.78
C ALA A 337 -19.50 49.46 -4.03
N PHE A 338 -19.20 48.16 -4.07
CA PHE A 338 -17.88 47.66 -4.45
C PHE A 338 -17.58 47.91 -5.93
N GLU A 339 -18.56 47.64 -6.79
CA GLU A 339 -18.45 47.86 -8.23
C GLU A 339 -18.30 49.35 -8.54
N ALA A 340 -19.05 50.19 -7.82
CA ALA A 340 -19.01 51.65 -7.94
C ALA A 340 -17.64 52.26 -7.60
N ALA A 341 -16.93 51.63 -6.66
CA ALA A 341 -15.63 52.12 -6.19
C ALA A 341 -14.44 51.60 -7.01
N TYR A 342 -14.45 50.31 -7.33
CA TYR A 342 -13.29 49.65 -7.97
C TYR A 342 -13.42 49.39 -9.48
N GLY A 343 -14.63 49.57 -10.02
CA GLY A 343 -14.87 49.43 -11.45
C GLY A 343 -15.72 48.21 -11.81
N THR A 344 -15.26 47.04 -11.37
CA THR A 344 -15.94 45.78 -11.67
C THR A 344 -16.22 44.97 -10.39
N MET A 345 -17.11 43.99 -10.49
CA MET A 345 -17.48 43.14 -9.36
C MET A 345 -16.60 41.90 -9.31
N MET A 346 -15.87 41.74 -8.20
CA MET A 346 -15.02 40.57 -7.98
C MET A 346 -15.85 39.41 -7.43
N GLU A 347 -15.36 38.18 -7.66
CA GLU A 347 -16.04 36.94 -7.26
C GLU A 347 -15.29 36.28 -6.10
N TYR A 348 -16.03 35.94 -5.04
CA TYR A 348 -15.49 35.21 -3.90
C TYR A 348 -15.36 33.71 -4.19
N GLY A 349 -14.15 33.21 -4.01
CA GLY A 349 -13.90 31.76 -3.93
C GLY A 349 -13.28 31.41 -2.60
N SER A 350 -13.46 30.17 -2.18
CA SER A 350 -12.87 29.65 -0.94
C SER A 350 -11.35 29.68 -1.01
N GLY A 351 -10.73 30.17 0.07
CA GLY A 351 -9.29 30.07 0.27
C GLY A 351 -8.95 29.21 1.48
N GLY A 352 -9.88 28.33 1.86
CA GLY A 352 -9.72 27.46 3.02
C GLY A 352 -10.28 28.11 4.26
N ASP A 353 -9.80 27.66 5.42
CA ASP A 353 -10.42 27.99 6.71
C ASP A 353 -10.45 29.45 7.09
N GLU A 354 -9.40 30.18 6.72
CA GLU A 354 -9.15 31.52 7.22
C GLU A 354 -8.83 32.55 6.15
N HIS A 355 -9.02 32.16 4.89
CA HIS A 355 -8.79 33.04 3.74
C HIS A 355 -9.95 32.98 2.80
N GLY A 356 -10.35 34.14 2.30
CA GLY A 356 -11.32 34.24 1.23
C GLY A 356 -10.63 34.83 0.02
N LYS A 357 -10.80 34.19 -1.13
CA LYS A 357 -10.21 34.67 -2.38
C LYS A 357 -11.19 35.52 -3.19
N LEU A 358 -10.81 36.76 -3.45
CA LEU A 358 -11.60 37.62 -4.33
C LEU A 358 -10.85 37.76 -5.64
N MET A 359 -11.52 37.33 -6.72
CA MET A 359 -10.89 37.20 -8.03
C MET A 359 -11.64 37.98 -9.09
N TRP A 360 -10.88 38.49 -10.06
CA TRP A 360 -11.43 39.19 -11.23
C TRP A 360 -12.25 38.21 -12.11
N PRO A 361 -13.34 38.70 -12.73
CA PRO A 361 -14.02 37.90 -13.76
C PRO A 361 -13.21 37.84 -15.04
N LEU A 367 -10.52 45.02 -19.03
CA LEU A 367 -10.87 45.99 -18.00
C LEU A 367 -9.63 46.56 -17.29
N PRO A 368 -9.65 47.87 -16.96
CA PRO A 368 -8.56 48.48 -16.17
C PRO A 368 -8.47 47.92 -14.74
N MET A 369 -7.35 47.24 -14.46
CA MET A 369 -7.12 46.48 -13.24
C MET A 369 -6.95 47.38 -11.98
N SER A 370 -7.96 47.37 -11.11
CA SER A 370 -7.94 48.13 -9.85
C SER A 370 -8.47 47.31 -8.66
N LEU A 371 -7.53 46.84 -7.84
CA LEU A 371 -7.80 45.96 -6.71
C LEU A 371 -7.88 46.75 -5.40
N PRO A 372 -8.65 46.26 -4.40
CA PRO A 372 -8.62 46.94 -3.08
C PRO A 372 -7.28 46.78 -2.39
N GLU A 373 -6.85 47.81 -1.68
CA GLU A 373 -5.56 47.80 -0.96
C GLU A 373 -5.60 46.86 0.23
N VAL A 374 -4.41 46.47 0.70
CA VAL A 374 -4.25 45.71 1.95
C VAL A 374 -4.66 46.65 3.09
N GLY A 375 -5.46 46.13 4.02
CA GLY A 375 -5.98 46.93 5.12
C GLY A 375 -7.38 47.46 4.89
N SER A 376 -7.85 47.43 3.64
CA SER A 376 -9.19 47.92 3.31
C SER A 376 -10.29 46.98 3.78
N LEU A 377 -11.45 47.56 4.04
CA LEU A 377 -12.58 46.88 4.66
C LEU A 377 -13.65 46.65 3.61
N LEU A 378 -14.31 45.49 3.67
CA LEU A 378 -15.30 45.09 2.67
C LEU A 378 -16.48 44.34 3.30
N LEU A 379 -17.66 44.51 2.72
CA LEU A 379 -18.88 43.85 3.20
C LEU A 379 -19.31 42.75 2.26
N LEU A 380 -19.51 41.56 2.80
CA LEU A 380 -19.96 40.41 2.01
C LEU A 380 -21.38 40.00 2.37
N GLN A 381 -22.21 39.88 1.34
CA GLN A 381 -23.55 39.32 1.44
C GLN A 381 -23.39 37.80 1.53
N PRO A 382 -23.79 37.17 2.65
CA PRO A 382 -23.67 35.71 2.76
C PRO A 382 -24.48 35.00 1.69
N GLY A 383 -23.98 33.86 1.20
CA GLY A 383 -24.72 33.00 0.30
C GLY A 383 -25.95 32.40 0.95
N HIS A 384 -25.85 32.15 2.26
CA HIS A 384 -26.93 31.58 3.06
C HIS A 384 -26.86 32.16 4.47
N CYS A 385 -27.92 32.84 4.89
CA CYS A 385 -27.85 33.67 6.10
C CYS A 385 -27.73 32.92 7.43
N ASP A 386 -28.62 31.96 7.71
CA ASP A 386 -28.59 31.24 9.01
C ASP A 386 -27.24 30.55 9.35
N PRO A 387 -26.68 29.71 8.43
CA PRO A 387 -25.43 29.02 8.83
C PRO A 387 -24.27 29.97 9.07
N THR A 388 -24.30 31.13 8.40
CA THR A 388 -23.28 32.16 8.56
C THR A 388 -23.42 32.87 9.91
N VAL A 389 -24.67 33.18 10.28
CA VAL A 389 -24.96 33.83 11.58
C VAL A 389 -24.40 32.97 12.71
N ASN A 390 -24.62 31.66 12.61
CA ASN A 390 -24.22 30.69 13.62
C ASN A 390 -22.69 30.52 13.73
N LEU A 391 -21.93 31.14 12.84
CA LEU A 391 -20.46 31.15 13.02
C LEU A 391 -19.96 32.19 14.03
N TYR A 392 -20.82 33.13 14.42
CA TYR A 392 -20.47 34.27 15.29
C TYR A 392 -21.06 34.20 16.67
N ASP A 393 -20.32 34.79 17.62
CA ASP A 393 -20.73 34.87 19.01
C ASP A 393 -21.43 36.18 19.34
N TRP A 394 -21.18 37.21 18.54
CA TRP A 394 -21.75 38.55 18.72
C TRP A 394 -22.30 39.07 17.40
N LEU A 395 -23.34 39.90 17.51
CA LEU A 395 -23.92 40.62 16.38
C LEU A 395 -23.66 42.12 16.55
N VAL A 396 -22.98 42.70 15.56
CA VAL A 396 -22.68 44.14 15.55
C VAL A 396 -23.84 44.86 14.88
N ALA A 397 -24.69 45.51 15.68
CA ALA A 397 -25.87 46.22 15.16
C ALA A 397 -25.49 47.65 14.84
N ALA A 398 -25.62 48.04 13.57
CA ALA A 398 -25.12 49.33 13.08
C ALA A 398 -26.13 50.10 12.23
N ARG A 399 -25.87 51.40 12.06
CA ARG A 399 -26.63 52.29 11.18
C ARG A 399 -25.67 53.15 10.36
N ARG A 400 -25.91 53.22 9.06
CA ARG A 400 -25.19 54.13 8.16
C ARG A 400 -26.03 55.38 7.92
N GLN A 401 -25.39 56.54 8.07
CA GLN A 401 -26.06 57.84 7.94
C GLN A 401 -26.51 58.09 6.50
N GLN A 402 -27.73 58.61 6.35
CA GLN A 402 -28.34 58.83 5.04
C GLN A 402 -27.74 60.04 4.33
N GLN A 407 -26.83 48.51 -1.31
CA GLN A 407 -25.76 49.50 -1.25
C GLN A 407 -24.41 48.84 -0.92
N GLY A 408 -24.06 48.78 0.37
CA GLY A 408 -22.73 48.38 0.81
C GLY A 408 -21.98 49.58 1.35
N GLY A 409 -20.67 49.61 1.15
CA GLY A 409 -19.83 50.71 1.64
C GLY A 409 -19.59 50.62 3.13
N VAL A 410 -18.33 50.78 3.52
CA VAL A 410 -17.92 50.58 4.92
C VAL A 410 -17.73 51.93 5.64
N ASP A 411 -17.98 53.02 4.91
CA ASP A 411 -17.61 54.39 5.27
C ASP A 411 -18.33 55.09 6.45
N GLY A 412 -19.66 55.16 6.41
CA GLY A 412 -20.42 56.06 7.30
C GLY A 412 -21.27 55.43 8.39
N TRP A 413 -20.72 54.41 9.06
CA TRP A 413 -21.44 53.66 10.08
C TRP A 413 -21.11 54.06 11.51
N ARG A 414 -22.10 53.95 12.39
CA ARG A 414 -21.86 53.86 13.83
C ARG A 414 -22.53 52.60 14.41
N VAL A 415 -21.79 51.93 15.29
CA VAL A 415 -22.31 50.76 15.99
C VAL A 415 -23.31 51.24 17.04
N GLU A 416 -24.55 50.76 16.90
CA GLU A 416 -25.63 51.10 17.82
C GLU A 416 -25.62 50.21 19.06
N ALA A 417 -25.28 48.93 18.86
CA ALA A 417 -25.27 47.91 19.92
C ALA A 417 -24.46 46.68 19.52
N VAL A 418 -23.87 46.01 20.50
CA VAL A 418 -23.14 44.76 20.27
C VAL A 418 -23.80 43.67 21.12
N TRP A 419 -24.55 42.80 20.45
CA TRP A 419 -25.41 41.84 21.13
C TRP A 419 -24.88 40.42 21.09
N PRO A 420 -24.88 39.72 22.26
CA PRO A 420 -24.58 38.28 22.29
C PRO A 420 -25.58 37.46 21.48
N ILE A 421 -25.06 36.53 20.67
CA ILE A 421 -25.90 35.58 19.94
C ILE A 421 -26.00 34.37 20.87
N ARG A 422 -26.89 34.46 21.86
CA ARG A 422 -26.94 33.47 22.95
C ARG A 422 -27.40 32.08 22.52
N GLY A 423 -27.98 32.00 21.33
CA GLY A 423 -28.39 30.72 20.76
C GLY A 423 -27.44 30.02 19.82
N ARG A 424 -26.24 30.59 19.63
CA ARG A 424 -25.21 30.01 18.74
C ARG A 424 -24.77 28.60 19.15
N GLY A 425 -24.70 27.69 18.17
CA GLY A 425 -24.14 26.37 18.44
C GLY A 425 -24.54 25.25 17.50
N PRO A 426 -24.16 24.00 17.88
CA PRO A 426 -24.51 22.82 17.08
C PRO A 426 -25.99 22.47 17.07
N GLY A 427 -26.75 22.97 18.07
CA GLY A 427 -28.19 22.77 18.10
C GLY A 427 -28.62 21.82 19.19
N GLN A 428 -28.34 22.21 20.43
CA GLN A 428 -28.71 21.40 21.59
C GLN A 428 -30.18 21.66 21.96
N CYS B 24 -22.55 35.95 31.68
CA CYS B 24 -21.07 36.09 31.47
C CYS B 24 -20.69 35.88 30.00
N ALA B 25 -20.83 34.65 29.51
CA ALA B 25 -20.46 34.25 28.15
C ALA B 25 -21.47 34.73 27.12
N ALA B 26 -21.01 34.93 25.89
CA ALA B 26 -21.86 35.44 24.80
C ALA B 26 -22.91 34.44 24.29
N THR B 27 -22.67 33.15 24.50
CA THR B 27 -23.61 32.10 24.07
CA THR B 27 -23.58 32.08 24.05
C THR B 27 -23.85 31.08 25.18
N ILE B 28 -25.07 30.57 25.26
CA ILE B 28 -25.43 29.52 26.24
C ILE B 28 -24.46 28.34 26.08
N SER B 29 -24.26 27.92 24.83
CA SER B 29 -23.36 26.81 24.51
C SER B 29 -21.94 26.95 25.11
N ALA B 30 -21.38 28.17 25.06
CA ALA B 30 -20.03 28.44 25.63
C ALA B 30 -20.00 28.67 27.15
N SER B 31 -21.17 28.61 27.78
CA SER B 31 -21.28 28.70 29.24
CA SER B 31 -21.31 28.71 29.24
C SER B 31 -21.63 27.35 29.87
N ARG B 32 -22.11 26.43 29.04
CA ARG B 32 -22.60 25.15 29.53
C ARG B 32 -22.01 23.99 28.73
N ALA B 33 -21.16 23.22 29.40
CA ALA B 33 -20.56 22.00 28.83
C ALA B 33 -21.62 20.92 28.58
N PRO B 34 -21.48 20.13 27.49
CA PRO B 34 -22.47 19.12 27.15
C PRO B 34 -22.31 17.80 27.96
N ALA B 35 -21.23 17.68 28.72
CA ALA B 35 -20.90 16.48 29.49
C ALA B 35 -19.92 16.81 30.61
N HIS B 36 -19.69 15.86 31.51
CA HIS B 36 -18.67 16.01 32.56
C HIS B 36 -17.80 14.75 32.71
N LEU B 37 -16.68 14.91 33.44
CA LEU B 37 -15.79 13.81 33.82
C LEU B 37 -16.60 12.61 34.31
N GLY B 38 -16.38 11.46 33.66
CA GLY B 38 -16.99 10.19 34.06
C GLY B 38 -18.28 9.78 33.36
N ASP B 39 -18.74 10.61 32.42
CA ASP B 39 -19.97 10.33 31.66
C ASP B 39 -19.71 9.24 30.62
N ALA B 40 -20.78 8.60 30.17
CA ALA B 40 -20.73 7.77 28.98
C ALA B 40 -21.30 8.62 27.85
N LEU B 41 -21.26 8.10 26.63
CA LEU B 41 -21.82 8.82 25.47
C LEU B 41 -23.31 9.12 25.59
N HIS B 42 -24.05 8.27 26.29
CA HIS B 42 -25.49 8.50 26.53
C HIS B 42 -25.82 9.67 27.47
N ASP B 43 -24.82 10.17 28.21
CA ASP B 43 -24.98 11.35 29.06
C ASP B 43 -24.56 12.66 28.35
N VAL B 44 -24.07 12.54 27.12
CA VAL B 44 -23.53 13.69 26.40
C VAL B 44 -24.63 14.36 25.59
N ASP B 45 -24.90 15.64 25.90
CA ASP B 45 -25.92 16.43 25.17
C ASP B 45 -25.51 16.62 23.72
N THR B 46 -26.44 16.39 22.80
CA THR B 46 -26.16 16.34 21.37
C THR B 46 -26.67 17.57 20.60
N PRO B 47 -26.07 17.93 19.45
CA PRO B 47 -24.86 17.28 18.93
C PRO B 47 -23.62 17.69 19.70
N ALA B 48 -22.63 16.80 19.75
CA ALA B 48 -21.39 17.03 20.49
C ALA B 48 -20.16 16.58 19.74
N LEU B 49 -19.01 17.21 20.03
CA LEU B 49 -17.75 16.84 19.41
C LEU B 49 -16.95 15.92 20.34
N ILE B 50 -16.67 14.73 19.83
CA ILE B 50 -15.98 13.69 20.62
C ILE B 50 -14.59 13.43 20.07
N LEU B 51 -13.63 13.42 20.99
CA LEU B 51 -12.27 12.97 20.70
C LEU B 51 -11.97 11.64 21.40
N ASP B 52 -11.73 10.63 20.58
CA ASP B 52 -11.29 9.33 21.09
C ASP B 52 -9.78 9.44 21.31
N LEU B 53 -9.42 9.59 22.58
CA LEU B 53 -8.03 9.79 22.99
C LEU B 53 -7.11 8.62 22.62
N ASP B 54 -7.64 7.40 22.69
CA ASP B 54 -6.90 6.19 22.31
C ASP B 54 -6.43 6.24 20.85
N ALA B 55 -7.36 6.50 19.94
CA ALA B 55 -7.03 6.66 18.51
C ALA B 55 -6.17 7.90 18.24
N PHE B 56 -6.40 8.96 19.01
CA PHE B 56 -5.63 10.21 18.95
C PHE B 56 -4.18 9.97 19.33
N ASP B 57 -3.96 9.25 20.45
CA ASP B 57 -2.64 8.88 20.93
C ASP B 57 -1.90 8.07 19.87
N ARG B 58 -2.61 7.12 19.27
CA ARG B 58 -2.05 6.27 18.22
C ARG B 58 -1.63 7.03 16.96
N ASN B 59 -2.39 8.05 16.58
CA ASN B 59 -2.05 8.89 15.43
C ASN B 59 -0.78 9.72 15.71
N CYS B 60 -0.68 10.24 16.93
CA CYS B 60 0.50 10.99 17.39
C CYS B 60 1.72 10.06 17.44
N GLU B 61 1.49 8.83 17.89
CA GLU B 61 2.52 7.80 17.90
C GLU B 61 2.97 7.49 16.47
N LYS B 62 2.02 7.32 15.55
CA LYS B 62 2.34 6.99 14.16
C LYS B 62 3.16 8.09 13.47
N LEU B 63 2.73 9.35 13.62
CA LEU B 63 3.47 10.49 13.04
C LEU B 63 4.91 10.52 13.53
N LYS B 64 5.09 10.36 14.85
CA LYS B 64 6.41 10.39 15.47
C LYS B 64 7.32 9.30 14.89
N GLY B 65 6.75 8.10 14.70
CA GLY B 65 7.45 6.94 14.15
C GLY B 65 7.83 7.09 12.69
N VAL B 66 6.97 7.75 11.92
CA VAL B 66 7.27 8.07 10.52
C VAL B 66 8.42 9.09 10.48
N MET B 67 8.32 10.11 11.34
CA MET B 67 9.30 11.19 11.42
C MET B 67 10.67 10.81 11.96
N ALA B 68 10.75 9.70 12.70
CA ALA B 68 12.02 9.08 13.08
C ALA B 68 12.88 8.77 11.84
N GLY B 69 12.20 8.39 10.74
CA GLY B 69 12.87 8.13 9.45
C GLY B 69 13.45 9.35 8.75
N PHE B 70 13.13 10.54 9.28
CA PHE B 70 13.66 11.80 8.78
C PHE B 70 14.22 12.66 9.93
N PRO B 71 15.40 12.30 10.48
CA PRO B 71 16.01 13.12 11.52
C PRO B 71 16.45 14.48 11.00
N GLY B 72 16.45 15.48 11.90
CA GLY B 72 16.73 16.87 11.53
C GLY B 72 15.53 17.60 10.97
N VAL B 73 14.38 16.92 10.87
CA VAL B 73 13.13 17.54 10.43
C VAL B 73 12.18 17.57 11.63
N ALA B 74 11.81 18.78 12.04
CA ALA B 74 10.91 19.01 13.17
C ALA B 74 9.44 18.86 12.75
N VAL B 75 8.59 18.49 13.70
CA VAL B 75 7.14 18.57 13.50
C VAL B 75 6.59 19.74 14.30
N ARG B 76 5.86 20.62 13.61
CA ARG B 76 5.10 21.70 14.25
C ARG B 76 3.60 21.49 13.93
N PRO B 77 2.87 20.72 14.80
CA PRO B 77 1.45 20.39 14.55
C PRO B 77 0.57 21.63 14.47
N HIS B 78 -0.37 21.63 13.52
CA HIS B 78 -1.21 22.81 13.28
C HIS B 78 -2.42 22.87 14.20
N ALA B 79 -2.44 23.87 15.06
CA ALA B 79 -3.52 24.04 16.05
C ALA B 79 -4.86 24.49 15.47
N ALA B 81 -6.64 22.88 13.53
CA ALA B 81 -7.49 21.69 13.46
C ALA B 81 -8.40 21.57 14.67
N HIS B 82 -7.88 21.90 15.85
CA HIS B 82 -8.56 21.57 17.11
C HIS B 82 -8.86 22.78 17.99
N LYS B 83 -8.06 23.85 17.83
CA LYS B 83 -8.22 25.14 18.56
C LYS B 83 -8.26 25.03 20.08
N CYS B 84 -7.62 23.98 20.61
CA CYS B 84 -7.75 23.62 22.01
C CYS B 84 -6.38 23.39 22.63
N ALA B 85 -6.09 24.15 23.69
CA ALA B 85 -4.75 24.16 24.30
C ALA B 85 -4.36 22.82 24.91
N GLU B 86 -5.33 22.13 25.52
CA GLU B 86 -5.08 20.80 26.10
C GLU B 86 -4.79 19.76 25.03
N VAL B 87 -5.36 19.92 23.84
CA VAL B 87 -5.02 19.07 22.69
C VAL B 87 -3.56 19.29 22.27
N ALA B 88 -3.15 20.56 22.13
CA ALA B 88 -1.78 20.93 21.73
C ALA B 88 -0.74 20.40 22.69
N ARG B 89 -1.01 20.54 23.99
CA ARG B 89 -0.13 20.05 25.06
C ARG B 89 0.13 18.54 24.96
N ARG B 90 -0.93 17.77 24.70
CA ARG B 90 -0.87 16.31 24.54
CA ARG B 90 -0.77 16.33 24.57
C ARG B 90 -0.12 15.95 23.26
N GLN B 91 -0.39 16.68 22.17
CA GLN B 91 0.33 16.45 20.92
C GLN B 91 1.82 16.63 21.12
N LEU B 92 2.21 17.74 21.76
CA LEU B 92 3.61 18.06 22.01
C LEU B 92 4.30 17.03 22.92
N GLN B 93 3.61 16.60 23.97
CA GLN B 93 4.09 15.56 24.89
C GLN B 93 4.32 14.24 24.16
N LEU B 94 3.34 13.82 23.36
CA LEU B 94 3.43 12.56 22.61
C LEU B 94 4.44 12.62 21.45
N LEU B 95 4.45 13.74 20.73
CA LEU B 95 5.37 13.95 19.59
C LEU B 95 6.82 14.16 19.98
N GLY B 96 7.06 14.61 21.22
CA GLY B 96 8.36 15.19 21.59
C GLY B 96 8.67 16.47 20.80
N ALA B 97 7.62 17.13 20.32
CA ALA B 97 7.72 18.40 19.58
C ALA B 97 7.73 19.61 20.51
N LYS B 98 8.19 20.75 19.99
CA LYS B 98 8.36 21.99 20.75
C LYS B 98 7.22 23.00 20.63
N GLY B 99 6.60 23.07 19.46
CA GLY B 99 5.66 24.14 19.15
C GLY B 99 4.55 23.80 18.19
N VAL B 100 3.66 24.76 17.99
CA VAL B 100 2.50 24.59 17.12
C VAL B 100 2.44 25.67 16.02
N CYS B 101 1.52 25.49 15.07
CA CYS B 101 1.12 26.55 14.15
C CYS B 101 -0.27 27.06 14.51
N CYS B 102 -0.48 28.36 14.30
CA CYS B 102 -1.78 29.00 14.40
C CYS B 102 -2.03 29.80 13.13
N GLN B 103 -3.27 29.76 12.64
CA GLN B 103 -3.62 30.47 11.42
C GLN B 103 -4.01 31.92 11.72
N LYS B 104 -4.63 32.13 12.88
CA LYS B 104 -5.05 33.47 13.30
C LYS B 104 -4.55 33.77 14.70
N VAL B 105 -4.43 35.06 15.02
CA VAL B 105 -3.96 35.52 16.33
C VAL B 105 -4.73 34.88 17.49
N ILE B 106 -6.07 34.80 17.37
CA ILE B 106 -6.92 34.18 18.42
C ILE B 106 -6.52 32.74 18.81
N GLU B 107 -6.05 31.95 17.86
CA GLU B 107 -5.53 30.59 18.14
C GLU B 107 -4.22 30.66 18.91
N ALA B 108 -3.37 31.63 18.57
CA ALA B 108 -2.10 31.86 19.31
C ALA B 108 -2.39 32.31 20.74
N GLU B 109 -3.46 33.08 20.90
CA GLU B 109 -3.95 33.51 22.22
C GLU B 109 -4.44 32.31 23.04
N ALA B 110 -5.17 31.41 22.37
CA ALA B 110 -5.65 30.17 22.98
C ALA B 110 -4.50 29.25 23.42
N MET B 111 -3.48 29.13 22.57
CA MET B 111 -2.31 28.30 22.88
C MET B 111 -1.48 28.88 24.02
N ALA B 112 -1.21 30.18 23.96
CA ALA B 112 -0.40 30.88 24.97
C ALA B 112 -0.98 30.84 26.39
N GLU B 113 -2.30 31.08 26.53
CA GLU B 113 -2.97 31.03 27.84
C GLU B 113 -3.02 29.62 28.46
N GLY B 114 -3.01 28.60 27.60
CA GLY B 114 -2.85 27.21 28.02
C GLY B 114 -1.40 26.73 28.10
N GLY B 115 -0.45 27.67 28.12
CA GLY B 115 0.97 27.37 28.32
C GLY B 115 1.69 26.70 27.16
N VAL B 116 1.13 26.84 25.95
CA VAL B 116 1.80 26.40 24.73
C VAL B 116 2.50 27.66 24.21
N SER B 117 3.82 27.69 24.38
CA SER B 117 4.62 28.92 24.31
C SER B 117 5.55 29.07 23.10
N ASP B 118 5.53 28.09 22.19
CA ASP B 118 6.32 28.19 20.97
C ASP B 118 5.35 28.20 19.80
N LEU B 119 5.25 29.36 19.15
CA LEU B 119 4.19 29.60 18.17
C LEU B 119 4.68 30.14 16.84
N LEU B 120 4.22 29.53 15.75
CA LEU B 120 4.35 30.14 14.43
C LEU B 120 2.98 30.54 13.93
N LEU B 121 2.77 31.85 13.72
CA LEU B 121 1.59 32.32 13.03
C LEU B 121 1.86 32.11 11.55
N SER B 122 1.31 31.01 11.03
CA SER B 122 1.61 30.50 9.69
C SER B 122 0.79 31.21 8.61
N ASN B 123 0.77 32.54 8.69
CA ASN B 123 -0.12 33.40 7.91
C ASN B 123 0.30 34.86 8.15
N GLU B 124 -0.11 35.77 7.27
CA GLU B 124 0.14 37.21 7.46
C GLU B 124 -0.90 37.81 8.39
N VAL B 125 -0.48 38.78 9.19
CA VAL B 125 -1.36 39.53 10.08
C VAL B 125 -1.09 41.01 9.80
N ILE B 126 -2.10 41.70 9.30
CA ILE B 126 -1.96 43.10 8.84
C ILE B 126 -2.66 44.14 9.71
N ALA B 127 -3.68 43.72 10.45
CA ALA B 127 -4.43 44.63 11.33
C ALA B 127 -3.63 44.97 12.59
N PRO B 128 -3.37 46.29 12.85
CA PRO B 128 -2.67 46.77 14.04
C PRO B 128 -3.11 46.16 15.37
N ARG B 129 -4.42 46.03 15.61
CA ARG B 129 -4.90 45.48 16.88
C ARG B 129 -4.60 43.97 17.02
N LYS B 130 -4.59 43.24 15.90
CA LYS B 130 -4.23 41.81 15.91
C LYS B 130 -2.72 41.62 16.09
N ILE B 131 -1.93 42.47 15.42
CA ILE B 131 -0.46 42.45 15.59
C ILE B 131 -0.10 42.71 17.07
N ASP B 132 -0.77 43.69 17.68
CA ASP B 132 -0.56 44.04 19.10
C ASP B 132 -0.80 42.86 20.04
N ARG B 133 -1.87 42.09 19.79
CA ARG B 133 -2.17 40.86 20.55
C ARG B 133 -1.10 39.79 20.41
N LEU B 134 -0.61 39.58 19.19
CA LEU B 134 0.45 38.62 18.89
C LEU B 134 1.77 39.03 19.56
N VAL B 135 2.08 40.31 19.49
CA VAL B 135 3.31 40.86 20.06
C VAL B 135 3.27 40.79 21.58
N GLY B 136 2.09 41.05 22.15
CA GLY B 136 1.84 40.91 23.59
C GLY B 136 2.11 39.52 24.16
N LEU B 137 2.05 38.50 23.30
CA LEU B 137 2.34 37.12 23.71
C LEU B 137 3.84 36.90 23.81
N ALA B 138 4.57 37.39 22.81
CA ALA B 138 6.04 37.40 22.80
C ALA B 138 6.61 38.16 24.00
N ALA B 139 5.99 39.29 24.33
CA ALA B 139 6.31 40.06 25.55
C ALA B 139 6.07 39.24 26.82
N ALA B 140 5.00 38.45 26.82
CA ALA B 140 4.66 37.55 27.94
C ALA B 140 5.61 36.37 28.12
N GLY B 141 6.53 36.19 27.17
CA GLY B 141 7.56 35.14 27.25
C GLY B 141 7.54 34.13 26.13
N ALA B 142 6.46 34.11 25.35
CA ALA B 142 6.31 33.15 24.24
C ALA B 142 7.30 33.39 23.10
N ARG B 143 7.73 32.28 22.49
CA ARG B 143 8.57 32.33 21.29
C ARG B 143 7.62 32.42 20.10
N VAL B 144 7.62 33.56 19.42
CA VAL B 144 6.66 33.81 18.33
C VAL B 144 7.35 33.98 16.96
N GLY B 145 6.90 33.20 15.99
CA GLY B 145 7.14 33.48 14.57
C GLY B 145 5.86 33.95 13.88
N VAL B 146 6.02 34.68 12.77
CA VAL B 146 4.90 35.19 11.95
C VAL B 146 5.36 35.25 10.48
N CYS B 147 4.43 35.07 9.53
CA CYS B 147 4.80 35.14 8.11
C CYS B 147 4.55 36.54 7.54
N TYR B 148 5.39 36.94 6.58
CA TYR B 148 5.15 38.17 5.80
C TYR B 148 5.42 38.01 4.31
N GLU B 149 4.89 38.95 3.52
CA GLU B 149 5.07 38.99 2.08
C GLU B 149 5.26 40.44 1.58
N ARG B 150 5.33 41.38 2.52
CA ARG B 150 5.32 42.81 2.22
C ARG B 150 6.14 43.63 3.21
N GLU B 151 6.89 44.60 2.70
CA GLU B 151 7.82 45.38 3.53
C GLU B 151 7.09 46.26 4.57
N ASP B 152 6.05 46.97 4.14
CA ASP B 152 5.19 47.74 5.07
C ASP B 152 4.65 46.90 6.23
N ASN B 153 4.20 45.68 5.91
CA ASN B 153 3.76 44.71 6.91
C ASN B 153 4.92 44.33 7.84
N LEU B 154 6.09 44.06 7.27
CA LEU B 154 7.32 43.81 8.05
C LEU B 154 7.64 44.96 9.00
N ARG B 155 7.52 46.20 8.50
CA ARG B 155 7.82 47.42 9.26
C ARG B 155 6.90 47.62 10.46
N GLN B 156 5.59 47.42 10.25
CA GLN B 156 4.63 47.49 11.34
C GLN B 156 4.78 46.32 12.32
N LEU B 157 5.16 45.15 11.81
CA LEU B 157 5.49 44.01 12.67
C LEU B 157 6.62 44.40 13.62
N ASN B 158 7.67 45.00 13.04
CA ASN B 158 8.84 45.45 13.78
C ASN B 158 8.51 46.53 14.82
N ALA B 159 7.70 47.50 14.41
CA ALA B 159 7.29 48.63 15.24
C ALA B 159 6.56 48.18 16.51
N ALA B 160 5.50 47.38 16.34
CA ALA B 160 4.73 46.82 17.47
C ALA B 160 5.62 46.04 18.43
N ALA B 161 6.52 45.23 17.86
CA ALA B 161 7.49 44.47 18.63
C ALA B 161 8.38 45.38 19.47
N ALA B 162 8.88 46.46 18.83
CA ALA B 162 9.77 47.43 19.47
C ALA B 162 9.08 48.17 20.63
N ALA B 163 7.80 48.50 20.44
CA ALA B 163 7.00 49.18 21.45
C ALA B 163 6.83 48.38 22.74
N ARG B 164 6.83 47.05 22.63
CA ARG B 164 6.65 46.16 23.77
C ARG B 164 7.97 45.56 24.32
N GLY B 165 9.09 45.97 23.73
CA GLY B 165 10.44 45.52 24.13
C GLY B 165 10.66 44.03 23.91
N THR B 166 10.20 43.54 22.76
CA THR B 166 10.27 42.10 22.43
C THR B 166 10.71 41.90 20.98
N HIS B 167 10.91 40.63 20.60
CA HIS B 167 11.32 40.28 19.25
C HIS B 167 10.39 39.26 18.64
N LEU B 168 10.45 39.21 17.30
CA LEU B 168 9.58 38.37 16.52
C LEU B 168 10.46 37.70 15.49
N ASP B 169 10.34 36.39 15.35
CA ASP B 169 10.90 35.68 14.21
C ASP B 169 10.00 35.95 13.01
N VAL B 170 10.59 36.27 11.88
CA VAL B 170 9.82 36.55 10.67
C VAL B 170 10.25 35.68 9.50
N LEU B 171 9.26 35.11 8.83
CA LEU B 171 9.48 34.18 7.73
C LEU B 171 8.77 34.72 6.49
N VAL B 172 9.46 34.69 5.36
CA VAL B 172 8.86 35.13 4.10
C VAL B 172 7.95 34.01 3.64
N GLU B 173 6.71 34.33 3.27
CA GLU B 173 5.89 33.31 2.65
C GLU B 173 6.13 33.34 1.16
N LEU B 174 6.36 32.15 0.62
CA LEU B 174 6.55 31.93 -0.80
C LEU B 174 5.33 31.20 -1.35
N ASN B 175 4.81 31.70 -2.47
CA ASN B 175 3.76 31.00 -3.20
C ASN B 175 4.48 29.92 -4.00
N VAL B 176 4.12 28.66 -3.71
CA VAL B 176 4.71 27.50 -4.39
C VAL B 176 3.71 26.77 -5.29
N GLY B 177 2.58 27.41 -5.55
CA GLY B 177 1.57 26.88 -6.48
C GLY B 177 0.14 26.87 -6.00
N GLN B 178 -0.07 27.11 -4.70
CA GLN B 178 -1.43 27.20 -4.16
C GLN B 178 -2.14 28.49 -4.57
N ASP B 179 -1.36 29.52 -4.92
CA ASP B 179 -1.86 30.82 -5.38
C ASP B 179 -2.77 31.51 -4.36
N ARG B 180 -2.41 31.41 -3.08
CA ARG B 180 -3.18 32.05 -2.01
C ARG B 180 -2.48 33.35 -1.59
N CYS B 181 -1.53 33.25 -0.67
CA CYS B 181 -0.67 34.37 -0.29
C CYS B 181 0.79 34.01 -0.56
N GLY B 182 1.69 34.98 -0.35
CA GLY B 182 3.14 34.76 -0.51
C GLY B 182 3.70 35.30 -1.81
N VAL B 183 5.03 35.41 -1.87
CA VAL B 183 5.71 35.98 -3.04
C VAL B 183 5.83 34.97 -4.17
N ASN B 184 6.13 35.46 -5.37
CA ASN B 184 6.09 34.62 -6.58
C ASN B 184 7.45 34.41 -7.27
N SER B 185 8.53 34.88 -6.62
CA SER B 185 9.90 34.66 -7.11
C SER B 185 10.91 34.54 -5.98
N ALA B 186 11.97 33.76 -6.23
CA ALA B 186 13.13 33.68 -5.35
C ALA B 186 13.76 35.06 -5.09
N ASP B 187 13.79 35.91 -6.13
CA ASP B 187 14.25 37.30 -6.04
C ASP B 187 13.46 38.11 -4.99
N GLU B 188 12.12 37.93 -4.99
CA GLU B 188 11.22 38.58 -4.03
C GLU B 188 11.44 38.13 -2.58
N VAL B 189 11.81 36.87 -2.41
CA VAL B 189 12.22 36.34 -1.08
C VAL B 189 13.45 37.10 -0.59
N VAL B 190 14.48 37.15 -1.43
CA VAL B 190 15.75 37.86 -1.14
C VAL B 190 15.51 39.31 -0.73
N GLN B 191 14.76 40.05 -1.54
CA GLN B 191 14.42 41.45 -1.29
C GLN B 191 13.83 41.68 0.11
N LEU B 192 12.90 40.80 0.52
CA LEU B 192 12.23 40.91 1.81
C LEU B 192 13.11 40.51 3.00
N ALA B 193 13.96 39.50 2.79
CA ALA B 193 15.00 39.15 3.76
C ALA B 193 16.01 40.29 3.93
N ARG B 194 16.39 40.90 2.80
CA ARG B 194 17.24 42.10 2.80
C ARG B 194 16.63 43.19 3.68
N ALA B 195 15.32 43.42 3.54
CA ALA B 195 14.60 44.41 4.34
C ALA B 195 14.60 44.13 5.85
N ALA B 196 14.53 42.84 6.21
CA ALA B 196 14.48 42.41 7.62
C ALA B 196 15.82 42.60 8.34
N ALA B 197 16.91 42.38 7.60
CA ALA B 197 18.29 42.55 8.10
C ALA B 197 18.52 43.84 8.90
N GLY B 198 17.96 44.95 8.41
CA GLY B 198 18.17 46.27 9.02
C GLY B 198 17.20 46.70 10.11
N LEU B 199 16.32 45.79 10.54
CA LEU B 199 15.37 46.09 11.62
C LEU B 199 15.73 45.37 12.91
N ASP B 200 15.52 46.04 14.04
CA ASP B 200 16.07 45.66 15.36
C ASP B 200 15.28 44.65 16.19
N ASN B 201 14.00 44.49 15.90
CA ASN B 201 13.12 43.69 16.77
C ASN B 201 12.45 42.56 15.99
N VAL B 202 13.07 42.26 14.85
CA VAL B 202 12.59 41.32 13.88
C VAL B 202 13.82 40.57 13.34
N ARG B 203 13.71 39.26 13.13
CA ARG B 203 14.83 38.46 12.63
C ARG B 203 14.36 37.55 11.53
N PHE B 204 14.97 37.69 10.34
CA PHE B 204 14.64 36.82 9.21
C PHE B 204 15.05 35.39 9.55
N ALA B 205 14.06 34.52 9.55
CA ALA B 205 14.19 33.17 10.08
C ALA B 205 14.01 32.08 9.02
N GLY B 206 13.62 32.50 7.82
CA GLY B 206 13.53 31.62 6.66
C GLY B 206 12.26 31.81 5.86
N ILE B 207 11.68 30.69 5.41
CA ILE B 207 10.50 30.74 4.54
C ILE B 207 9.41 29.72 4.89
N GLN B 208 8.17 30.13 4.66
CA GLN B 208 7.06 29.18 4.63
C GLN B 208 6.71 28.88 3.18
N ALA B 209 6.69 27.59 2.84
CA ALA B 209 6.30 27.10 1.53
C ALA B 209 5.24 26.02 1.75
N TYR B 210 3.98 26.46 1.71
CA TYR B 210 2.83 25.58 1.91
C TYR B 210 1.95 25.57 0.67
N HIS B 211 1.76 24.39 0.09
CA HIS B 211 0.84 24.18 -1.02
C HIS B 211 -0.30 23.29 -0.50
N GLY B 212 -1.38 23.93 -0.07
CA GLY B 212 -2.58 23.23 0.41
C GLY B 212 -3.36 22.46 -0.64
N GLY B 213 -3.13 22.77 -1.92
CA GLY B 213 -3.87 22.16 -3.04
C GLY B 213 -3.43 20.76 -3.40
N LEU B 214 -2.29 20.33 -2.85
CA LEU B 214 -1.72 19.02 -3.10
C LEU B 214 -2.03 18.00 -2.00
N GLN B 215 -2.66 18.47 -0.92
CA GLN B 215 -2.87 17.67 0.28
C GLN B 215 -3.83 16.50 0.09
N HIS B 216 -4.84 16.68 -0.76
CA HIS B 216 -5.81 15.62 -1.03
C HIS B 216 -5.67 15.03 -2.44
N VAL B 217 -4.46 15.11 -3.01
CA VAL B 217 -4.15 14.41 -4.26
C VAL B 217 -4.14 12.91 -3.92
N ARG B 218 -5.09 12.19 -4.53
CA ARG B 218 -5.37 10.78 -4.27
C ARG B 218 -4.15 9.88 -4.52
N ASP B 219 -3.58 9.99 -5.72
CA ASP B 219 -2.50 9.13 -6.19
C ASP B 219 -1.16 9.50 -5.51
N PRO B 220 -0.54 8.53 -4.81
CA PRO B 220 0.73 8.74 -4.09
C PRO B 220 1.91 9.15 -4.98
N ARG B 221 1.95 8.64 -6.22
CA ARG B 221 2.98 9.00 -7.19
C ARG B 221 2.75 10.41 -7.76
N ASP B 222 1.49 10.71 -8.08
CA ASP B 222 1.08 12.05 -8.53
C ASP B 222 1.33 13.10 -7.45
N ARG B 223 0.95 12.78 -6.21
CA ARG B 223 1.17 13.66 -5.05
C ARG B 223 2.66 13.95 -4.83
N ALA B 224 3.47 12.89 -4.81
CA ALA B 224 4.93 13.02 -4.69
C ALA B 224 5.56 13.84 -5.83
N GLN B 225 5.06 13.64 -7.06
CA GLN B 225 5.50 14.38 -8.25
C GLN B 225 5.21 15.88 -8.12
N ARG B 226 4.02 16.20 -7.62
CA ARG B 226 3.58 17.58 -7.42
C ARG B 226 4.32 18.29 -6.28
N VAL B 227 4.59 17.55 -5.19
CA VAL B 227 5.38 18.06 -4.05
C VAL B 227 6.82 18.33 -4.51
N GLY B 228 7.34 17.44 -5.36
CA GLY B 228 8.65 17.62 -6.02
C GLY B 228 8.83 19.03 -6.60
N GLN B 229 7.78 19.53 -7.25
CA GLN B 229 7.76 20.88 -7.82
C GLN B 229 7.82 21.97 -6.73
N VAL B 230 7.04 21.77 -5.66
CA VAL B 230 7.06 22.62 -4.44
C VAL B 230 8.45 22.64 -3.79
N VAL B 231 9.10 21.47 -3.76
CA VAL B 231 10.45 21.29 -3.20
C VAL B 231 11.48 22.09 -4.00
N GLY B 232 11.37 22.04 -5.33
CA GLY B 232 12.24 22.79 -6.24
C GLY B 232 12.11 24.30 -6.10
N ARG B 233 10.87 24.77 -6.01
CA ARG B 233 10.54 26.18 -5.78
C ARG B 233 11.11 26.70 -4.45
N ALA B 234 11.01 25.87 -3.41
CA ALA B 234 11.59 26.16 -2.10
C ALA B 234 13.13 26.21 -2.18
N ARG B 235 13.72 25.24 -2.89
CA ARG B 235 15.17 25.16 -3.08
CA ARG B 235 15.17 25.16 -3.08
C ARG B 235 15.70 26.37 -3.84
N ALA B 236 15.01 26.77 -4.91
CA ALA B 236 15.35 27.97 -5.68
C ALA B 236 15.38 29.21 -4.77
N ALA B 237 14.52 29.25 -3.76
CA ALA B 237 14.50 30.35 -2.78
C ALA B 237 15.65 30.30 -1.77
N VAL B 238 15.93 29.11 -1.22
CA VAL B 238 17.06 28.91 -0.28
C VAL B 238 18.39 29.24 -0.97
N ASP B 239 18.53 28.79 -2.22
CA ASP B 239 19.73 29.00 -3.03
C ASP B 239 19.96 30.46 -3.40
N ALA B 240 18.88 31.18 -3.71
CA ALA B 240 18.96 32.61 -4.01
C ALA B 240 19.42 33.43 -2.80
N LEU B 241 18.92 33.08 -1.61
CA LEU B 241 19.33 33.68 -0.35
C LEU B 241 20.81 33.42 -0.05
N LYS B 242 21.23 32.16 -0.21
CA LYS B 242 22.65 31.76 -0.15
C LYS B 242 23.54 32.54 -1.12
N ALA B 243 23.07 32.69 -2.36
CA ALA B 243 23.77 33.47 -3.40
C ALA B 243 23.97 34.93 -2.96
N ALA B 244 22.95 35.48 -2.30
CA ALA B 244 22.94 36.83 -1.75
C ALA B 244 23.68 36.98 -0.40
N GLY B 245 24.18 35.87 0.13
CA GLY B 245 24.92 35.87 1.40
C GLY B 245 24.05 35.94 2.64
N LEU B 246 22.80 35.50 2.48
CA LEU B 246 21.81 35.47 3.54
C LEU B 246 21.45 34.02 3.92
N PRO B 247 21.19 33.77 5.23
CA PRO B 247 20.81 32.41 5.66
C PRO B 247 19.33 32.08 5.39
N CYS B 248 18.96 30.83 5.64
CA CYS B 248 17.57 30.38 5.59
C CYS B 248 17.40 29.27 6.62
N ASP B 249 17.36 29.69 7.88
CA ASP B 249 17.41 28.81 9.05
C ASP B 249 16.23 27.84 9.17
N THR B 250 15.07 28.28 8.69
CA THR B 250 13.85 27.47 8.72
C THR B 250 13.26 27.46 7.33
N VAL B 251 12.86 26.27 6.88
CA VAL B 251 12.02 26.09 5.70
C VAL B 251 10.84 25.26 6.22
N THR B 252 9.68 25.91 6.40
CA THR B 252 8.46 25.23 6.90
C THR B 252 7.38 25.09 5.85
N GLY B 253 6.64 23.98 5.93
CA GLY B 253 5.41 23.83 5.18
C GLY B 253 4.94 22.40 5.15
N GLY B 254 4.11 22.10 4.16
CA GLY B 254 3.54 20.77 4.03
C GLY B 254 2.44 20.56 5.05
N GLY B 255 1.71 19.46 4.86
CA GLY B 255 0.61 19.13 5.73
C GLY B 255 0.46 17.64 5.86
N THR B 256 -0.67 17.24 6.42
CA THR B 256 -1.05 15.84 6.60
C THR B 256 -0.90 14.98 5.32
N GLY B 257 -1.36 15.50 4.19
CA GLY B 257 -1.29 14.78 2.92
C GLY B 257 0.10 14.61 2.33
N THR B 258 0.94 15.63 2.50
CA THR B 258 2.21 15.71 1.76
C THR B 258 3.49 15.55 2.59
N TYR B 259 3.37 15.64 3.92
CA TYR B 259 4.53 15.74 4.84
C TYR B 259 5.66 14.74 4.61
N ARG B 260 5.31 13.50 4.25
CA ARG B 260 6.30 12.48 3.90
C ARG B 260 7.29 12.94 2.84
N VAL B 261 6.78 13.60 1.80
CA VAL B 261 7.61 14.03 0.68
C VAL B 261 8.44 15.28 1.03
N GLU B 262 7.86 16.22 1.79
CA GLU B 262 8.58 17.42 2.25
C GLU B 262 9.71 17.07 3.22
N ALA B 263 9.44 16.14 4.12
CA ALA B 263 10.42 15.70 5.11
C ALA B 263 11.62 15.01 4.43
N ALA B 264 11.32 14.18 3.43
CA ALA B 264 12.32 13.40 2.69
C ALA B 264 13.27 14.25 1.84
N SER B 265 12.83 15.45 1.47
CA SER B 265 13.49 16.33 0.50
C SER B 265 14.92 16.76 0.82
N GLY B 266 15.21 16.95 2.10
CA GLY B 266 16.45 17.60 2.55
C GLY B 266 16.43 19.12 2.46
N VAL B 267 15.32 19.68 1.96
CA VAL B 267 15.15 21.12 1.81
C VAL B 267 14.37 21.69 2.99
N PHE B 268 13.24 21.04 3.31
CA PHE B 268 12.37 21.47 4.42
C PHE B 268 12.97 21.06 5.75
N THR B 269 12.89 21.97 6.73
CA THR B 269 13.41 21.73 8.07
C THR B 269 12.28 21.41 9.06
N GLU B 270 11.06 21.78 8.69
CA GLU B 270 9.88 21.62 9.55
C GLU B 270 8.62 21.32 8.73
N VAL B 271 7.82 20.38 9.25
CA VAL B 271 6.53 20.07 8.65
C VAL B 271 5.36 20.49 9.53
N GLN B 272 4.25 20.82 8.89
CA GLN B 272 3.10 21.45 9.56
C GLN B 272 1.80 20.64 9.44
N PRO B 273 1.81 19.32 9.75
CA PRO B 273 0.50 18.66 9.61
C PRO B 273 -0.40 18.98 10.81
N GLY B 274 -1.69 19.15 10.56
CA GLY B 274 -2.68 19.39 11.60
C GLY B 274 -3.77 18.34 11.69
N SER B 275 -4.29 17.95 10.53
CA SER B 275 -5.38 16.97 10.42
C SER B 275 -5.02 15.52 10.84
N PHE B 276 -3.75 15.14 10.69
CA PHE B 276 -3.24 13.78 11.01
C PHE B 276 -3.80 13.15 12.30
N ALA B 277 -3.99 13.99 13.32
CA ALA B 277 -4.34 13.53 14.65
C ALA B 277 -5.80 13.03 14.77
N PHE B 278 -6.63 13.50 13.84
CA PHE B 278 -8.08 13.35 13.88
C PHE B 278 -8.65 12.57 12.70
N SER B 279 -8.07 12.82 11.52
CA SER B 279 -8.60 12.39 10.21
C SER B 279 -10.02 12.92 9.91
N ASP B 280 -10.45 12.70 8.67
CA ASP B 280 -11.80 13.00 8.20
C ASP B 280 -12.04 12.20 6.92
N ALA B 281 -13.25 12.30 6.36
CA ALA B 281 -13.66 11.53 5.19
C ALA B 281 -12.89 11.90 3.91
N ASP B 282 -12.36 13.11 3.85
CA ASP B 282 -11.50 13.54 2.75
C ASP B 282 -10.14 12.83 2.84
N TYR B 283 -9.44 13.03 3.95
CA TYR B 283 -8.12 12.41 4.16
C TYR B 283 -8.13 10.88 4.18
N ALA B 284 -9.28 10.29 4.55
CA ALA B 284 -9.47 8.83 4.49
C ALA B 284 -9.35 8.27 3.06
N ARG B 285 -9.54 9.12 2.06
CA ARG B 285 -9.48 8.70 0.66
C ARG B 285 -8.07 8.75 0.04
N ASN B 286 -7.10 9.35 0.73
CA ASN B 286 -5.70 9.38 0.27
C ASN B 286 -5.05 7.99 0.19
N LEU B 287 -4.84 7.53 -1.03
CA LEU B 287 -4.06 6.31 -1.30
C LEU B 287 -2.58 6.58 -1.04
N GLN B 288 -1.86 5.55 -0.61
CA GLN B 288 -0.42 5.69 -0.35
C GLN B 288 0.44 4.65 -1.06
N GLU B 289 1.75 4.73 -0.82
CA GLU B 289 2.75 3.89 -1.50
C GLU B 289 2.54 2.39 -1.30
N ASP B 290 2.17 2.00 -0.08
CA ASP B 290 1.83 0.61 0.25
C ASP B 290 0.40 0.24 -0.20
N GLY B 291 -0.10 -0.89 0.31
CA GLY B 291 -1.50 -1.26 0.13
C GLY B 291 -2.32 -0.65 1.27
N GLY B 292 -2.73 0.60 1.09
CA GLY B 292 -3.47 1.33 2.13
C GLY B 292 -4.18 2.57 1.65
N VAL B 293 -5.44 2.71 2.04
CA VAL B 293 -6.25 3.89 1.77
C VAL B 293 -6.49 4.60 3.10
N GLY B 294 -6.00 5.82 3.21
CA GLY B 294 -6.16 6.62 4.43
C GLY B 294 -5.14 6.27 5.50
N GLU B 295 -4.30 7.24 5.85
CA GLU B 295 -3.14 7.05 6.72
C GLU B 295 -3.47 7.00 8.21
N TRP B 296 -4.53 7.71 8.60
CA TRP B 296 -4.79 8.01 10.01
C TRP B 296 -6.11 7.43 10.51
N GLU B 297 -6.13 7.00 11.76
CA GLU B 297 -7.34 6.53 12.42
C GLU B 297 -8.24 7.71 12.74
N GLN B 298 -9.55 7.53 12.50
CA GLN B 298 -10.53 8.54 12.87
C GLN B 298 -10.62 8.59 14.39
N SER B 299 -10.23 9.72 14.98
CA SER B 299 -10.38 9.94 16.42
C SER B 299 -11.46 10.98 16.76
N LEU B 300 -11.86 11.77 15.76
CA LEU B 300 -12.81 12.86 15.94
C LEU B 300 -14.18 12.47 15.40
N TRP B 301 -15.20 12.61 16.26
CA TRP B 301 -16.58 12.27 15.91
C TRP B 301 -17.58 13.34 16.31
N VAL B 302 -18.65 13.47 15.51
CA VAL B 302 -19.84 14.19 15.96
C VAL B 302 -20.81 13.14 16.50
N LEU B 303 -21.12 13.25 17.79
CA LEU B 303 -22.15 12.42 18.42
C LEU B 303 -23.51 13.05 18.14
N THR B 304 -24.41 12.22 17.61
CA THR B 304 -25.74 12.69 17.21
CA THR B 304 -25.74 12.69 17.21
C THR B 304 -26.83 11.68 17.58
N GLN B 305 -28.00 12.20 17.89
CA GLN B 305 -29.12 11.37 18.28
C GLN B 305 -30.14 11.34 17.16
N VAL B 306 -30.67 10.14 16.88
CA VAL B 306 -31.78 10.00 15.93
C VAL B 306 -33.01 10.61 16.59
N MET B 307 -33.61 11.59 15.92
CA MET B 307 -34.83 12.21 16.45
C MET B 307 -36.10 11.99 15.62
N SER B 308 -35.98 11.25 14.51
CA SER B 308 -37.12 10.98 13.63
C SER B 308 -36.83 9.80 12.71
N VAL B 309 -37.83 8.93 12.54
CA VAL B 309 -37.74 7.78 11.65
C VAL B 309 -38.98 7.69 10.75
N THR B 310 -38.77 7.46 9.46
CA THR B 310 -39.88 7.22 8.51
C THR B 310 -39.55 6.00 7.62
N PRO B 311 -39.90 4.77 8.07
CA PRO B 311 -39.60 3.51 7.37
C PRO B 311 -40.12 3.40 5.93
N ALA B 312 -41.17 4.17 5.61
CA ALA B 312 -41.74 4.22 4.26
C ALA B 312 -40.75 4.76 3.23
N ARG B 313 -39.89 5.69 3.66
CA ARG B 313 -38.77 6.16 2.85
C ARG B 313 -37.51 5.38 3.28
N GLY B 314 -36.32 5.96 3.12
CA GLY B 314 -35.12 5.25 3.57
C GLY B 314 -34.58 5.80 4.88
N LEU B 315 -35.47 6.43 5.67
CA LEU B 315 -35.09 7.59 6.48
C LEU B 315 -35.03 7.48 8.01
N ALA B 316 -33.85 7.84 8.54
CA ALA B 316 -33.68 8.20 9.94
C ALA B 316 -33.08 9.61 9.98
N VAL B 317 -33.75 10.53 10.68
CA VAL B 317 -33.26 11.90 10.83
C VAL B 317 -32.56 12.11 12.17
N VAL B 318 -31.33 12.61 12.10
CA VAL B 318 -30.52 12.88 13.30
C VAL B 318 -30.52 14.38 13.61
N ASP B 319 -30.22 14.72 14.86
CA ASP B 319 -30.28 16.11 15.31
C ASP B 319 -29.10 17.01 14.90
N ALA B 320 -28.14 16.46 14.16
CA ALA B 320 -26.98 17.20 13.71
C ALA B 320 -27.14 17.57 12.25
N GLY B 321 -27.40 18.86 12.01
CA GLY B 321 -27.47 19.42 10.65
C GLY B 321 -26.22 20.17 10.23
N THR B 322 -26.40 21.11 9.30
CA THR B 322 -25.37 22.07 8.85
C THR B 322 -24.59 22.69 10.03
N LYS B 323 -25.32 23.08 11.09
CA LYS B 323 -24.72 23.79 12.22
C LYS B 323 -23.89 22.91 13.17
N ALA B 324 -23.98 21.59 13.00
CA ALA B 324 -23.26 20.61 13.83
C ALA B 324 -22.23 19.78 13.05
N VAL B 325 -22.38 19.75 11.73
CA VAL B 325 -21.40 19.10 10.87
C VAL B 325 -21.29 19.87 9.55
N SER B 326 -20.08 20.33 9.29
CA SER B 326 -19.74 21.10 8.10
C SER B 326 -19.79 20.15 6.92
N LEU B 327 -20.41 20.59 5.84
CA LEU B 327 -20.49 19.80 4.61
C LEU B 327 -19.53 20.31 3.55
N ASP B 328 -18.58 21.15 3.97
CA ASP B 328 -17.71 21.91 3.07
C ASP B 328 -16.75 21.08 2.19
N SER B 329 -16.53 19.82 2.57
CA SER B 329 -15.76 18.85 1.77
C SER B 329 -16.56 17.57 1.44
N GLY B 330 -17.89 17.67 1.55
CA GLY B 330 -18.76 16.51 1.35
C GLY B 330 -19.44 16.08 2.64
N PRO B 331 -20.32 15.08 2.56
CA PRO B 331 -21.10 14.61 3.72
C PRO B 331 -20.25 13.87 4.78
N PRO B 332 -20.69 13.86 6.06
CA PRO B 332 -20.03 13.03 7.04
C PRO B 332 -20.33 11.55 6.78
N ARG B 333 -19.50 10.67 7.35
CA ARG B 333 -19.66 9.23 7.11
C ARG B 333 -19.97 8.44 8.36
N LEU B 334 -20.86 7.47 8.21
CA LEU B 334 -21.14 6.49 9.24
C LEU B 334 -20.00 5.47 9.31
N PRO B 335 -19.60 5.06 10.53
CA PRO B 335 -18.42 4.21 10.71
C PRO B 335 -18.71 2.71 10.45
N PRO B 336 -17.67 1.84 10.46
CA PRO B 336 -17.89 0.39 10.25
C PRO B 336 -18.79 -0.30 11.28
N ALA B 337 -18.79 0.17 12.52
CA ALA B 337 -19.61 -0.37 13.61
C ALA B 337 -21.11 -0.21 13.39
N PHE B 338 -21.49 0.86 12.67
CA PHE B 338 -22.87 1.08 12.24
C PHE B 338 -23.37 -0.05 11.34
N GLU B 339 -22.57 -0.43 10.34
CA GLU B 339 -22.88 -1.54 9.43
C GLU B 339 -23.08 -2.87 10.17
N ALA B 340 -22.32 -3.08 11.25
CA ALA B 340 -22.53 -4.20 12.17
C ALA B 340 -23.84 -4.01 12.93
N ALA B 341 -24.69 -5.06 12.92
CA ALA B 341 -26.03 -5.07 13.55
C ALA B 341 -27.03 -3.99 13.07
N TYR B 342 -26.84 -3.53 11.82
CA TYR B 342 -27.88 -2.82 11.07
C TYR B 342 -28.03 -3.40 9.66
N GLY B 343 -26.98 -4.08 9.19
CA GLY B 343 -26.99 -4.79 7.92
C GLY B 343 -26.23 -4.05 6.84
N THR B 344 -26.81 -2.95 6.37
CA THR B 344 -26.24 -2.10 5.32
C THR B 344 -25.76 -0.74 5.86
N MET B 345 -24.90 -0.08 5.10
CA MET B 345 -24.39 1.26 5.43
C MET B 345 -25.25 2.34 4.75
N MET B 346 -26.02 3.07 5.56
CA MET B 346 -26.82 4.19 5.04
C MET B 346 -26.01 5.51 4.94
N GLU B 347 -26.48 6.42 4.10
CA GLU B 347 -25.71 7.61 3.73
C GLU B 347 -26.32 8.89 4.32
N TYR B 348 -25.45 9.87 4.60
CA TYR B 348 -25.88 11.17 5.13
C TYR B 348 -26.12 12.18 4.03
N GLY B 349 -27.34 12.74 3.99
CA GLY B 349 -27.64 13.94 3.21
C GLY B 349 -28.09 15.05 4.14
N SER B 350 -27.94 16.31 3.70
CA SER B 350 -28.39 17.48 4.47
C SER B 350 -29.90 17.49 4.63
N GLY B 351 -30.37 17.75 5.85
CA GLY B 351 -31.76 18.09 6.07
C GLY B 351 -31.93 19.56 6.46
N GLY B 352 -30.92 20.38 6.19
CA GLY B 352 -30.93 21.78 6.61
C GLY B 352 -30.16 22.01 7.89
N ASP B 353 -30.46 23.13 8.55
CA ASP B 353 -29.71 23.64 9.71
C ASP B 353 -29.55 22.65 10.84
N GLU B 354 -30.63 21.95 11.14
CA GLU B 354 -30.76 21.22 12.38
C GLU B 354 -31.20 19.77 12.23
N HIS B 355 -31.23 19.31 10.97
CA HIS B 355 -31.58 17.93 10.65
C HIS B 355 -30.51 17.34 9.75
N GLY B 356 -30.18 16.08 10.01
CA GLY B 356 -29.38 15.26 9.11
C GLY B 356 -30.20 14.08 8.63
N LYS B 357 -30.26 13.89 7.32
CA LYS B 357 -31.00 12.77 6.74
C LYS B 357 -30.09 11.57 6.54
N LEU B 358 -30.44 10.45 7.18
CA LEU B 358 -29.76 9.18 6.93
C LEU B 358 -30.64 8.29 6.09
N MET B 359 -30.16 7.95 4.90
CA MET B 359 -30.96 7.30 3.87
C MET B 359 -30.35 6.00 3.37
N TRP B 360 -31.16 4.94 3.34
CA TRP B 360 -30.74 3.61 2.86
C TRP B 360 -30.79 3.52 1.33
N PRO B 361 -29.68 3.06 0.70
CA PRO B 361 -29.60 3.02 -0.76
C PRO B 361 -30.32 1.81 -1.35
N PRO B 368 -34.19 -5.36 2.96
CA PRO B 368 -34.25 -4.32 3.98
C PRO B 368 -34.12 -4.88 5.41
N MET B 369 -33.60 -4.05 6.31
CA MET B 369 -33.41 -4.42 7.73
C MET B 369 -33.75 -3.24 8.66
N SER B 370 -33.28 -3.32 9.91
CA SER B 370 -33.57 -2.32 10.93
C SER B 370 -32.94 -0.95 10.65
N LEU B 371 -33.80 0.06 10.63
CA LEU B 371 -33.40 1.46 10.77
C LEU B 371 -33.04 1.69 12.23
N PRO B 372 -32.15 2.66 12.52
CA PRO B 372 -31.93 3.04 13.93
C PRO B 372 -33.21 3.51 14.59
N GLU B 373 -33.41 3.12 15.85
CA GLU B 373 -34.57 3.57 16.61
C GLU B 373 -34.44 5.03 16.98
N VAL B 374 -35.57 5.71 17.10
CA VAL B 374 -35.61 7.10 17.60
C VAL B 374 -35.09 7.08 19.03
N GLY B 375 -34.20 8.04 19.35
CA GLY B 375 -33.52 8.09 20.65
C GLY B 375 -32.15 7.44 20.65
N SER B 376 -31.83 6.67 19.61
CA SER B 376 -30.51 6.01 19.48
C SER B 376 -29.41 7.00 19.10
N LEU B 377 -28.19 6.72 19.57
CA LEU B 377 -27.02 7.55 19.29
C LEU B 377 -26.15 6.98 18.20
N LEU B 378 -25.45 7.86 17.47
CA LEU B 378 -24.55 7.46 16.39
C LEU B 378 -23.33 8.39 16.33
N LEU B 379 -22.21 7.87 15.83
CA LEU B 379 -21.01 8.68 15.64
C LEU B 379 -20.77 8.93 14.16
N LEU B 380 -20.63 10.21 13.82
CA LEU B 380 -20.39 10.64 12.47
C LEU B 380 -18.96 11.15 12.29
N GLN B 381 -18.25 10.55 11.33
CA GLN B 381 -16.93 11.01 10.90
C GLN B 381 -17.11 12.29 10.09
N PRO B 382 -16.48 13.41 10.52
CA PRO B 382 -16.60 14.65 9.72
C PRO B 382 -16.10 14.48 8.29
N GLY B 383 -16.77 15.12 7.34
CA GLY B 383 -16.29 15.18 5.97
C GLY B 383 -14.98 15.98 5.90
N HIS B 384 -14.86 16.96 6.79
CA HIS B 384 -13.67 17.82 6.92
C HIS B 384 -13.49 18.19 8.41
N CYS B 385 -12.35 17.84 8.98
CA CYS B 385 -12.14 17.96 10.43
C CYS B 385 -12.19 19.40 10.99
N ASP B 386 -11.34 20.29 10.49
CA ASP B 386 -11.19 21.65 11.07
C ASP B 386 -12.49 22.49 11.13
N PRO B 387 -13.23 22.65 10.01
CA PRO B 387 -14.45 23.46 10.12
C PRO B 387 -15.48 22.88 11.09
N THR B 388 -15.59 21.55 11.14
CA THR B 388 -16.51 20.87 12.03
C THR B 388 -16.18 21.16 13.49
N VAL B 389 -14.89 21.10 13.84
CA VAL B 389 -14.40 21.38 15.20
C VAL B 389 -14.82 22.80 15.59
N ASN B 390 -14.66 23.73 14.64
CA ASN B 390 -14.99 25.15 14.85
C ASN B 390 -16.49 25.41 15.07
N LEU B 391 -17.34 24.41 14.84
CA LEU B 391 -18.77 24.57 15.21
C LEU B 391 -19.06 24.39 16.69
N TYR B 392 -18.07 23.86 17.43
CA TYR B 392 -18.24 23.51 18.85
C TYR B 392 -17.45 24.38 19.81
N ASP B 393 -18.02 24.56 21.00
CA ASP B 393 -17.41 25.33 22.08
C ASP B 393 -16.65 24.44 23.06
N TRP B 394 -16.98 23.15 23.05
CA TRP B 394 -16.34 22.17 23.93
C TRP B 394 -15.95 20.92 23.17
N LEU B 395 -14.87 20.30 23.62
CA LEU B 395 -14.42 19.03 23.11
C LEU B 395 -14.54 18.01 24.24
N VAL B 396 -15.25 16.94 23.94
CA VAL B 396 -15.46 15.87 24.89
C VAL B 396 -14.40 14.80 24.61
N ALA B 397 -13.44 14.68 25.51
CA ALA B 397 -12.35 13.71 25.35
C ALA B 397 -12.72 12.43 26.09
N ALA B 398 -12.70 11.32 25.36
CA ALA B 398 -13.20 10.06 25.90
C ALA B 398 -12.38 8.85 25.43
N ARG B 399 -12.54 7.75 26.18
CA ARG B 399 -11.87 6.48 25.92
C ARG B 399 -12.87 5.34 26.10
N ARG B 400 -12.83 4.38 25.18
CA ARG B 400 -13.65 3.16 25.29
C ARG B 400 -12.83 1.90 25.60
N GLN B 401 -13.51 0.89 26.13
CA GLN B 401 -12.88 -0.33 26.64
C GLN B 401 -12.69 -1.39 25.57
N GLY B 403 -9.64 -2.50 24.90
CA GLY B 403 -9.85 -2.22 23.49
C GLY B 403 -10.50 -3.37 22.73
N GLY B 404 -10.00 -3.62 21.51
CA GLY B 404 -10.50 -4.68 20.63
C GLY B 404 -11.94 -4.48 20.22
N GLN B 405 -12.22 -3.29 19.66
CA GLN B 405 -13.59 -2.87 19.34
C GLN B 405 -13.68 -2.27 17.95
N GLN B 406 -14.84 -2.50 17.31
CA GLN B 406 -15.14 -1.94 15.99
C GLN B 406 -15.40 -0.44 16.11
N GLN B 407 -14.67 0.33 15.30
CA GLN B 407 -14.62 1.79 15.38
C GLN B 407 -15.97 2.46 15.11
N GLY B 408 -16.40 3.29 16.06
CA GLY B 408 -17.54 4.19 15.88
C GLY B 408 -18.87 3.80 16.49
N GLY B 409 -18.85 2.79 17.37
CA GLY B 409 -20.03 2.42 18.17
C GLY B 409 -20.10 3.28 19.42
N VAL B 410 -21.31 3.49 19.93
CA VAL B 410 -21.53 4.40 21.06
C VAL B 410 -21.44 3.75 22.45
N ASP B 411 -21.26 2.43 22.49
CA ASP B 411 -21.23 1.65 23.73
C ASP B 411 -19.87 1.65 24.44
N GLY B 412 -19.92 1.81 25.76
CA GLY B 412 -18.76 1.61 26.64
C GLY B 412 -17.68 2.69 26.65
N TRP B 413 -18.08 3.94 26.41
CA TRP B 413 -17.16 5.07 26.49
C TRP B 413 -17.16 5.66 27.90
N ARG B 414 -16.03 6.26 28.28
CA ARG B 414 -15.91 7.05 29.49
C ARG B 414 -15.28 8.40 29.14
N VAL B 415 -15.99 9.49 29.45
CA VAL B 415 -15.47 10.86 29.30
C VAL B 415 -14.34 11.10 30.31
N GLU B 416 -13.15 11.26 29.75
CA GLU B 416 -11.94 11.54 30.55
C GLU B 416 -11.84 13.02 30.88
N ALA B 417 -12.28 13.87 29.95
CA ALA B 417 -12.21 15.33 30.09
C ALA B 417 -13.17 16.06 29.16
N VAL B 418 -13.57 17.27 29.58
CA VAL B 418 -14.34 18.17 28.69
C VAL B 418 -13.59 19.48 28.61
N TRP B 419 -13.04 19.76 27.44
CA TRP B 419 -12.15 20.93 27.25
C TRP B 419 -12.78 22.08 26.48
N PRO B 420 -12.64 23.32 27.01
CA PRO B 420 -13.06 24.49 26.24
C PRO B 420 -12.24 24.67 24.95
N ILE B 421 -12.92 24.89 23.83
CA ILE B 421 -12.22 25.12 22.56
C ILE B 421 -11.99 26.64 22.49
N ARG B 422 -10.92 27.10 23.15
CA ARG B 422 -10.73 28.55 23.40
C ARG B 422 -10.49 29.39 22.15
N GLY B 423 -10.02 28.75 21.08
CA GLY B 423 -9.84 29.43 19.81
C GLY B 423 -10.97 29.32 18.80
N ARG B 424 -12.16 28.88 19.23
CA ARG B 424 -13.33 28.82 18.35
C ARG B 424 -13.80 30.22 17.94
N GLY B 425 -14.16 30.37 16.67
CA GLY B 425 -14.66 31.62 16.17
C GLY B 425 -14.41 31.82 14.69
N PRO B 426 -14.72 33.03 14.18
CA PRO B 426 -14.62 33.33 12.75
C PRO B 426 -13.19 33.63 12.27
N GLY B 427 -12.26 33.82 13.21
CA GLY B 427 -10.85 33.96 12.88
C GLY B 427 -10.29 35.35 13.11
N GLN B 428 -10.47 35.85 14.33
CA GLN B 428 -9.87 37.12 14.80
C GLN B 428 -8.36 37.06 14.89
N THR C 22 15.05 -41.99 -27.12
CA THR C 22 15.93 -40.85 -27.51
C THR C 22 16.30 -40.87 -28.99
N ARG C 23 16.37 -39.67 -29.59
CA ARG C 23 16.82 -39.50 -30.98
C ARG C 23 17.54 -38.16 -31.19
N CYS C 24 16.83 -37.07 -30.91
CA CYS C 24 17.34 -35.72 -31.12
C CYS C 24 18.29 -35.26 -30.01
N ALA C 25 17.85 -35.40 -28.76
CA ALA C 25 18.60 -34.96 -27.59
C ALA C 25 18.71 -36.05 -26.52
N ALA C 26 19.64 -35.86 -25.57
CA ALA C 26 19.75 -36.74 -24.40
C ALA C 26 18.60 -36.53 -23.41
N THR C 27 17.87 -35.44 -23.58
CA THR C 27 16.72 -35.17 -22.71
CA THR C 27 16.78 -35.06 -22.68
C THR C 27 15.54 -34.63 -23.50
N ILE C 28 14.34 -35.00 -23.02
CA ILE C 28 13.08 -34.60 -23.68
C ILE C 28 12.97 -33.07 -23.75
N SER C 29 13.15 -32.41 -22.59
CA SER C 29 13.09 -30.95 -22.50
C SER C 29 14.01 -30.23 -23.50
N ALA C 30 15.24 -30.73 -23.68
CA ALA C 30 16.18 -30.22 -24.70
C ALA C 30 15.81 -30.57 -26.16
N SER C 31 14.82 -31.44 -26.36
CA SER C 31 14.32 -31.76 -27.71
C SER C 31 12.99 -31.05 -28.04
N ARG C 32 12.31 -30.55 -27.00
CA ARG C 32 10.93 -30.04 -27.14
C ARG C 32 10.77 -28.68 -26.46
N ALA C 33 10.59 -27.65 -27.29
CA ALA C 33 10.42 -26.27 -26.83
C ALA C 33 9.12 -26.09 -26.03
N PRO C 34 9.14 -25.23 -24.99
CA PRO C 34 7.93 -25.08 -24.17
C PRO C 34 6.91 -24.12 -24.77
N ALA C 35 7.29 -23.44 -25.85
CA ALA C 35 6.47 -22.44 -26.54
C ALA C 35 7.00 -22.20 -27.95
N HIS C 36 6.22 -21.47 -28.75
CA HIS C 36 6.71 -20.99 -30.05
C HIS C 36 6.26 -19.57 -30.34
N LEU C 37 6.89 -18.96 -31.35
CA LEU C 37 6.55 -17.64 -31.87
C LEU C 37 5.05 -17.39 -31.88
N GLY C 38 4.67 -16.25 -31.34
CA GLY C 38 3.28 -15.82 -31.32
C GLY C 38 2.43 -16.26 -30.13
N ASP C 39 2.94 -17.21 -29.33
CA ASP C 39 2.24 -17.66 -28.13
C ASP C 39 2.07 -16.53 -27.12
N ALA C 40 1.12 -16.70 -26.21
CA ALA C 40 1.02 -15.83 -25.05
C ALA C 40 1.57 -16.62 -23.87
N LEU C 41 1.74 -15.98 -22.72
CA LEU C 41 2.22 -16.68 -21.51
C LEU C 41 1.43 -17.95 -21.16
N HIS C 42 0.11 -17.90 -21.36
CA HIS C 42 -0.76 -19.04 -21.04
C HIS C 42 -0.66 -20.24 -22.00
N ASP C 43 0.10 -20.06 -23.08
CA ASP C 43 0.42 -21.16 -24.01
C ASP C 43 1.76 -21.84 -23.69
N VAL C 44 2.47 -21.32 -22.70
CA VAL C 44 3.86 -21.73 -22.43
C VAL C 44 3.85 -22.81 -21.35
N ASP C 45 4.41 -23.96 -21.68
CA ASP C 45 4.44 -25.12 -20.77
C ASP C 45 5.34 -24.84 -19.58
N THR C 46 4.84 -25.14 -18.38
CA THR C 46 5.48 -24.73 -17.12
C THR C 46 6.17 -25.88 -16.33
N PRO C 47 7.21 -25.58 -15.55
CA PRO C 47 7.77 -24.23 -15.42
C PRO C 47 8.64 -23.81 -16.60
N ALA C 48 8.70 -22.50 -16.84
CA ALA C 48 9.44 -21.93 -17.96
C ALA C 48 10.22 -20.69 -17.57
N LEU C 49 11.35 -20.50 -18.23
CA LEU C 49 12.18 -19.31 -18.08
C LEU C 49 11.79 -18.27 -19.12
N ILE C 50 11.34 -17.11 -18.63
CA ILE C 50 10.91 -16.03 -19.51
CA ILE C 50 10.89 -16.02 -19.49
C ILE C 50 11.88 -14.85 -19.46
N LEU C 51 12.19 -14.30 -20.64
CA LEU C 51 12.95 -13.07 -20.76
C LEU C 51 12.06 -11.95 -21.31
N ASP C 52 11.83 -10.95 -20.47
CA ASP C 52 11.08 -9.74 -20.85
C ASP C 52 12.05 -8.88 -21.65
N LEU C 53 11.94 -8.95 -22.98
CA LEU C 53 12.84 -8.26 -23.89
C LEU C 53 12.80 -6.75 -23.74
N ASP C 54 11.66 -6.21 -23.29
CA ASP C 54 11.53 -4.77 -23.07
C ASP C 54 12.38 -4.29 -21.89
N ALA C 55 12.25 -4.93 -20.73
CA ALA C 55 13.08 -4.62 -19.56
C ALA C 55 14.57 -4.97 -19.76
N PHE C 56 14.83 -6.05 -20.49
CA PHE C 56 16.19 -6.47 -20.91
C PHE C 56 16.89 -5.35 -21.70
N ASP C 57 16.17 -4.84 -22.70
CA ASP C 57 16.64 -3.73 -23.54
C ASP C 57 16.94 -2.49 -22.72
N ARG C 58 16.05 -2.16 -21.78
CA ARG C 58 16.25 -1.02 -20.89
C ARG C 58 17.46 -1.13 -19.95
N ASN C 59 17.72 -2.34 -19.45
CA ASN C 59 18.92 -2.61 -18.65
C ASN C 59 20.24 -2.43 -19.42
N CYS C 60 20.25 -2.86 -20.67
CA CYS C 60 21.39 -2.71 -21.56
C CYS C 60 21.59 -1.23 -21.89
N GLU C 61 20.48 -0.54 -22.17
CA GLU C 61 20.48 0.92 -22.37
C GLU C 61 21.06 1.65 -21.15
N LYS C 62 20.57 1.30 -19.95
CA LYS C 62 21.08 1.91 -18.72
C LYS C 62 22.59 1.70 -18.54
N LEU C 63 23.07 0.47 -18.72
CA LEU C 63 24.51 0.15 -18.62
C LEU C 63 25.34 0.98 -19.60
N LYS C 64 24.88 1.06 -20.85
CA LYS C 64 25.56 1.84 -21.88
C LYS C 64 25.69 3.31 -21.49
N GLY C 65 24.62 3.88 -20.92
CA GLY C 65 24.58 5.29 -20.50
C GLY C 65 25.54 5.61 -19.37
N VAL C 66 25.62 4.73 -18.38
CA VAL C 66 26.56 4.85 -17.27
C VAL C 66 27.99 4.81 -17.79
N MET C 67 28.24 3.92 -18.74
CA MET C 67 29.59 3.70 -19.29
C MET C 67 30.07 4.78 -20.24
N ALA C 68 29.14 5.56 -20.80
CA ALA C 68 29.46 6.80 -21.52
C ALA C 68 30.16 7.81 -20.60
N GLY C 69 29.83 7.75 -19.32
CA GLY C 69 30.51 8.52 -18.27
C GLY C 69 31.91 8.03 -17.92
N PHE C 70 32.29 6.87 -18.47
CA PHE C 70 33.65 6.33 -18.28
C PHE C 70 34.31 5.96 -19.62
N PRO C 71 34.77 6.97 -20.39
CA PRO C 71 35.47 6.69 -21.65
C PRO C 71 36.80 5.98 -21.43
N GLY C 72 37.17 5.12 -22.38
CA GLY C 72 38.37 4.30 -22.25
C GLY C 72 38.15 3.00 -21.49
N VAL C 73 36.92 2.79 -21.00
CA VAL C 73 36.61 1.55 -20.26
C VAL C 73 35.58 0.73 -21.03
N ALA C 74 35.99 -0.45 -21.48
CA ALA C 74 35.15 -1.34 -22.27
C ALA C 74 34.21 -2.15 -21.36
N VAL C 75 33.12 -2.62 -21.95
CA VAL C 75 32.22 -3.56 -21.27
C VAL C 75 32.34 -4.90 -21.98
N ARG C 76 32.62 -5.94 -21.19
CA ARG C 76 32.60 -7.31 -21.67
C ARG C 76 31.57 -8.12 -20.87
N PRO C 77 30.30 -8.12 -21.33
CA PRO C 77 29.21 -8.74 -20.56
C PRO C 77 29.42 -10.23 -20.36
N HIS C 78 29.16 -10.71 -19.14
CA HIS C 78 29.39 -12.12 -18.82
C HIS C 78 28.29 -13.08 -19.31
N ALA C 79 28.66 -13.96 -20.23
CA ALA C 79 27.70 -14.92 -20.79
C ALA C 79 27.27 -16.06 -19.85
N ALA C 81 25.78 -15.77 -17.18
CA ALA C 81 24.44 -15.38 -16.74
C ALA C 81 23.34 -16.07 -17.54
N HIS C 82 23.50 -16.11 -18.86
CA HIS C 82 22.39 -16.46 -19.75
C HIS C 82 22.62 -17.71 -20.58
N LYS C 83 23.90 -17.99 -20.86
CA LYS C 83 24.37 -19.20 -21.61
C LYS C 83 23.77 -19.34 -23.01
N CYS C 84 23.42 -18.22 -23.62
CA CYS C 84 22.56 -18.19 -24.80
C CYS C 84 23.09 -17.20 -25.83
N ALA C 85 23.41 -17.72 -27.02
CA ALA C 85 24.10 -16.95 -28.07
C ALA C 85 23.28 -15.80 -28.62
N GLU C 86 21.97 -16.03 -28.78
CA GLU C 86 21.05 -14.95 -29.18
C GLU C 86 20.98 -13.81 -28.16
N VAL C 87 21.12 -14.12 -26.87
CA VAL C 87 21.19 -13.09 -25.81
C VAL C 87 22.47 -12.26 -25.88
N ALA C 88 23.63 -12.91 -26.02
CA ALA C 88 24.90 -12.21 -26.23
C ALA C 88 24.90 -11.33 -27.48
N ARG C 89 24.38 -11.86 -28.59
CA ARG C 89 24.23 -11.07 -29.84
C ARG C 89 23.44 -9.77 -29.63
N ARG C 90 22.30 -9.87 -28.97
CA ARG C 90 21.46 -8.73 -28.62
C ARG C 90 22.17 -7.77 -27.67
N GLN C 91 22.86 -8.33 -26.65
CA GLN C 91 23.66 -7.54 -25.72
C GLN C 91 24.71 -6.68 -26.40
N LEU C 92 25.47 -7.29 -27.31
CA LEU C 92 26.56 -6.61 -28.01
C LEU C 92 26.05 -5.48 -28.92
N GLN C 93 24.93 -5.72 -29.59
CA GLN C 93 24.25 -4.72 -30.45
C GLN C 93 23.77 -3.50 -29.64
N LEU C 94 23.16 -3.76 -28.48
CA LEU C 94 22.66 -2.69 -27.62
C LEU C 94 23.79 -1.91 -26.93
N LEU C 95 24.81 -2.62 -26.44
CA LEU C 95 25.96 -2.01 -25.78
C LEU C 95 26.94 -1.34 -26.74
N GLY C 96 26.90 -1.72 -28.02
CA GLY C 96 27.96 -1.40 -28.96
C GLY C 96 29.29 -2.06 -28.57
N ALA C 97 29.20 -3.26 -28.01
CA ALA C 97 30.36 -3.98 -27.46
C ALA C 97 30.89 -5.03 -28.42
N LYS C 98 32.11 -5.50 -28.13
CA LYS C 98 32.87 -6.35 -29.04
C LYS C 98 32.71 -7.83 -28.76
N GLY C 99 32.69 -8.18 -27.48
CA GLY C 99 32.59 -9.59 -27.07
C GLY C 99 32.24 -9.82 -25.61
N VAL C 100 32.29 -11.08 -25.20
CA VAL C 100 31.81 -11.53 -23.91
C VAL C 100 32.86 -12.26 -23.05
N CYS C 101 32.48 -12.53 -21.79
CA CYS C 101 33.20 -13.46 -20.92
C CYS C 101 32.45 -14.79 -20.88
N CYS C 102 33.21 -15.88 -20.67
CA CYS C 102 32.66 -17.21 -20.42
C CYS C 102 33.46 -17.81 -19.26
N GLN C 103 32.77 -18.46 -18.34
CA GLN C 103 33.44 -19.10 -17.21
C GLN C 103 33.96 -20.50 -17.53
N LYS C 104 33.32 -21.16 -18.48
CA LYS C 104 33.76 -22.49 -18.92
C LYS C 104 33.76 -22.56 -20.43
N VAL C 105 34.54 -23.49 -20.96
CA VAL C 105 34.74 -23.68 -22.40
C VAL C 105 33.43 -23.91 -23.13
N ILE C 106 32.55 -24.75 -22.57
CA ILE C 106 31.23 -25.01 -23.19
C ILE C 106 30.44 -23.73 -23.52
N GLU C 107 30.55 -22.70 -22.67
CA GLU C 107 29.94 -21.39 -22.93
C GLU C 107 30.60 -20.66 -24.07
N ALA C 108 31.93 -20.80 -24.21
CA ALA C 108 32.65 -20.23 -25.37
C ALA C 108 32.26 -20.92 -26.68
N GLU C 109 32.01 -22.23 -26.60
CA GLU C 109 31.54 -23.00 -27.76
C GLU C 109 30.13 -22.60 -28.16
N ALA C 110 29.29 -22.33 -27.15
CA ALA C 110 27.92 -21.85 -27.37
C ALA C 110 27.90 -20.47 -28.00
N MET C 111 28.80 -19.60 -27.55
CA MET C 111 28.93 -18.25 -28.10
C MET C 111 29.46 -18.30 -29.53
N ALA C 112 30.53 -19.10 -29.72
CA ALA C 112 31.20 -19.29 -31.01
C ALA C 112 30.29 -19.76 -32.14
N GLU C 113 29.57 -20.86 -31.90
CA GLU C 113 28.64 -21.43 -32.90
C GLU C 113 27.48 -20.50 -33.26
N GLY C 114 27.15 -19.59 -32.33
CA GLY C 114 26.13 -18.56 -32.52
C GLY C 114 26.64 -17.27 -33.15
N GLY C 115 27.93 -17.26 -33.50
CA GLY C 115 28.55 -16.12 -34.19
C GLY C 115 29.12 -15.04 -33.30
N VAL C 116 29.30 -15.35 -32.02
CA VAL C 116 29.97 -14.44 -31.08
C VAL C 116 31.45 -14.84 -31.09
N SER C 117 32.28 -13.98 -31.68
CA SER C 117 33.68 -14.32 -31.98
C SER C 117 34.73 -13.86 -30.96
N ASP C 118 34.43 -12.82 -30.19
CA ASP C 118 35.41 -12.18 -29.31
C ASP C 118 35.18 -12.63 -27.86
N LEU C 119 36.00 -13.57 -27.39
CA LEU C 119 35.73 -14.29 -26.14
C LEU C 119 36.87 -14.29 -25.14
N LEU C 120 36.55 -13.93 -23.89
CA LEU C 120 37.47 -14.11 -22.78
C LEU C 120 36.97 -15.24 -21.88
N LEU C 121 37.73 -16.33 -21.87
CA LEU C 121 37.53 -17.38 -20.89
C LEU C 121 38.07 -16.87 -19.57
N SER C 122 37.19 -16.24 -18.81
CA SER C 122 37.52 -15.57 -17.55
C SER C 122 37.76 -16.57 -16.41
N ASN C 123 38.43 -17.67 -16.76
CA ASN C 123 38.73 -18.75 -15.82
C ASN C 123 39.99 -19.46 -16.31
N GLU C 124 40.59 -20.28 -15.44
CA GLU C 124 41.67 -21.19 -15.84
C GLU C 124 41.06 -22.47 -16.39
N VAL C 125 41.67 -22.98 -17.46
CA VAL C 125 41.28 -24.23 -18.10
C VAL C 125 42.53 -25.11 -18.10
N ILE C 126 42.44 -26.27 -17.45
CA ILE C 126 43.62 -27.12 -17.21
C ILE C 126 43.59 -28.50 -17.88
N ALA C 127 42.38 -29.01 -18.18
CA ALA C 127 42.24 -30.31 -18.87
C ALA C 127 42.54 -30.16 -20.35
N PRO C 128 43.48 -30.98 -20.89
CA PRO C 128 43.82 -30.95 -22.32
C PRO C 128 42.63 -30.96 -23.29
N ARG C 129 41.65 -31.84 -23.05
CA ARG C 129 40.50 -31.97 -23.96
C ARG C 129 39.67 -30.68 -24.05
N LYS C 130 39.53 -29.96 -22.93
CA LYS C 130 38.83 -28.68 -22.89
C LYS C 130 39.69 -27.57 -23.51
N ILE C 131 41.00 -27.58 -23.21
CA ILE C 131 41.95 -26.68 -23.87
C ILE C 131 41.85 -26.81 -25.41
N ASP C 132 41.81 -28.05 -25.91
CA ASP C 132 41.68 -28.36 -27.36
C ASP C 132 40.44 -27.76 -28.00
N ARG C 133 39.31 -27.85 -27.28
CA ARG C 133 38.05 -27.24 -27.68
C ARG C 133 38.16 -25.72 -27.81
N LEU C 134 38.74 -25.07 -26.80
CA LEU C 134 38.94 -23.61 -26.79
C LEU C 134 39.82 -23.11 -27.94
N VAL C 135 40.95 -23.79 -28.15
CA VAL C 135 41.93 -23.48 -29.20
C VAL C 135 41.32 -23.68 -30.59
N GLY C 136 40.53 -24.76 -30.73
CA GLY C 136 39.74 -25.04 -31.94
C GLY C 136 38.82 -23.93 -32.41
N LEU C 137 38.39 -23.08 -31.48
CA LEU C 137 37.54 -21.93 -31.83
C LEU C 137 38.42 -20.79 -32.32
N ALA C 138 39.51 -20.53 -31.60
CA ALA C 138 40.56 -19.60 -32.01
C ALA C 138 41.08 -19.93 -33.41
N ALA C 139 41.25 -21.23 -33.69
CA ALA C 139 41.62 -21.71 -35.02
C ALA C 139 40.51 -21.50 -36.06
N ALA C 140 39.27 -21.40 -35.59
CA ALA C 140 38.11 -21.18 -36.47
C ALA C 140 37.84 -19.69 -36.77
N GLY C 141 38.71 -18.80 -36.28
CA GLY C 141 38.60 -17.35 -36.51
C GLY C 141 38.24 -16.48 -35.30
N ALA C 142 37.92 -17.13 -34.18
CA ALA C 142 37.56 -16.44 -32.95
C ALA C 142 38.77 -15.82 -32.24
N ARG C 143 38.56 -14.66 -31.63
CA ARG C 143 39.60 -14.00 -30.84
C ARG C 143 39.41 -14.41 -29.38
N VAL C 144 40.37 -15.19 -28.87
CA VAL C 144 40.22 -15.82 -27.56
C VAL C 144 41.25 -15.38 -26.54
N GLY C 145 40.73 -14.98 -25.38
CA GLY C 145 41.50 -14.82 -24.16
C GLY C 145 41.21 -15.95 -23.18
N VAL C 146 42.24 -16.32 -22.42
CA VAL C 146 42.10 -17.28 -21.31
C VAL C 146 42.97 -16.76 -20.14
N CYS C 147 42.51 -16.99 -18.90
CA CYS C 147 43.33 -16.64 -17.74
C CYS C 147 44.16 -17.83 -17.28
N TYR C 148 45.29 -17.53 -16.64
CA TYR C 148 46.17 -18.54 -16.08
C TYR C 148 46.81 -18.03 -14.78
N GLU C 149 47.33 -18.95 -13.97
CA GLU C 149 47.97 -18.64 -12.70
C GLU C 149 49.21 -19.50 -12.44
N ARG C 150 49.56 -20.35 -13.40
CA ARG C 150 50.65 -21.32 -13.24
C ARG C 150 51.39 -21.50 -14.57
N GLU C 151 52.70 -21.74 -14.48
CA GLU C 151 53.57 -21.84 -15.65
C GLU C 151 53.29 -23.06 -16.54
N ASP C 152 53.08 -24.23 -15.90
CA ASP C 152 52.72 -25.49 -16.60
C ASP C 152 51.47 -25.36 -17.48
N ASN C 153 50.46 -24.66 -16.94
CA ASN C 153 49.20 -24.37 -17.63
C ASN C 153 49.42 -23.48 -18.85
N LEU C 154 50.23 -22.44 -18.68
CA LEU C 154 50.65 -21.56 -19.78
C LEU C 154 51.30 -22.33 -20.93
N ARG C 155 52.23 -23.24 -20.57
CA ARG C 155 52.94 -24.05 -21.55
CA ARG C 155 52.95 -24.07 -21.54
C ARG C 155 52.01 -24.97 -22.35
N GLN C 156 51.03 -25.57 -21.68
CA GLN C 156 50.05 -26.43 -22.35
C GLN C 156 49.03 -25.62 -23.20
N LEU C 157 48.67 -24.43 -22.71
CA LEU C 157 47.92 -23.44 -23.49
C LEU C 157 48.66 -23.11 -24.78
N ASN C 158 49.96 -22.80 -24.65
CA ASN C 158 50.80 -22.46 -25.79
C ASN C 158 50.94 -23.63 -26.78
N ALA C 159 51.21 -24.83 -26.24
CA ALA C 159 51.41 -26.03 -27.06
C ALA C 159 50.17 -26.39 -27.88
N ALA C 160 49.00 -26.37 -27.24
CA ALA C 160 47.73 -26.67 -27.92
C ALA C 160 47.40 -25.64 -29.01
N ALA C 161 47.66 -24.36 -28.72
CA ALA C 161 47.56 -23.28 -29.72
C ALA C 161 48.52 -23.47 -30.90
N ALA C 162 49.77 -23.86 -30.61
CA ALA C 162 50.78 -24.14 -31.62
C ALA C 162 50.32 -25.28 -32.53
N ALA C 163 49.76 -26.32 -31.93
CA ALA C 163 49.29 -27.52 -32.63
C ALA C 163 48.25 -27.25 -33.71
N ARG C 164 47.34 -26.31 -33.44
CA ARG C 164 46.32 -25.89 -34.41
C ARG C 164 46.68 -24.63 -35.21
N GLY C 165 47.92 -24.15 -35.05
CA GLY C 165 48.45 -22.98 -35.79
C GLY C 165 47.66 -21.70 -35.55
N THR C 166 47.52 -21.35 -34.29
CA THR C 166 46.72 -20.19 -33.89
C THR C 166 47.30 -19.58 -32.62
N HIS C 167 46.72 -18.47 -32.19
CA HIS C 167 47.20 -17.71 -31.04
C HIS C 167 46.13 -17.52 -30.00
N LEU C 168 46.57 -17.35 -28.75
CA LEU C 168 45.70 -17.06 -27.62
C LEU C 168 46.28 -15.88 -26.87
N ASP C 169 45.42 -14.94 -26.50
CA ASP C 169 45.80 -13.92 -25.54
C ASP C 169 45.68 -14.54 -24.17
N VAL C 170 46.65 -14.23 -23.31
CA VAL C 170 46.65 -14.81 -21.98
C VAL C 170 46.75 -13.75 -20.90
N LEU C 171 45.91 -13.92 -19.88
CA LEU C 171 45.84 -12.98 -18.78
C LEU C 171 46.16 -13.67 -17.45
N VAL C 172 46.98 -13.02 -16.64
CA VAL C 172 47.32 -13.57 -15.32
C VAL C 172 46.17 -13.18 -14.41
N GLU C 173 45.57 -14.16 -13.75
CA GLU C 173 44.57 -13.83 -12.75
C GLU C 173 45.23 -13.52 -11.43
N LEU C 174 44.83 -12.40 -10.85
CA LEU C 174 45.29 -11.97 -9.55
C LEU C 174 44.14 -12.11 -8.56
N ASN C 175 44.39 -12.85 -7.49
CA ASN C 175 43.50 -12.87 -6.35
C ASN C 175 43.60 -11.49 -5.69
N VAL C 176 42.48 -10.78 -5.68
CA VAL C 176 42.39 -9.43 -5.12
C VAL C 176 41.50 -9.39 -3.88
N GLY C 177 41.31 -10.56 -3.24
CA GLY C 177 40.59 -10.65 -1.98
C GLY C 177 39.49 -11.69 -1.90
N GLN C 178 39.04 -12.19 -3.05
CA GLN C 178 38.02 -13.25 -3.09
C GLN C 178 38.52 -14.61 -2.61
N ASP C 179 39.85 -14.79 -2.65
CA ASP C 179 40.53 -16.03 -2.21
C ASP C 179 40.05 -17.29 -2.95
N ARG C 180 39.74 -17.13 -4.24
CA ARG C 180 39.26 -18.24 -5.07
C ARG C 180 40.43 -18.80 -5.88
N CYS C 181 40.69 -18.18 -7.02
CA CYS C 181 41.89 -18.48 -7.81
C CYS C 181 42.71 -17.21 -8.05
N GLY C 182 43.86 -17.39 -8.71
CA GLY C 182 44.75 -16.30 -9.04
C GLY C 182 45.94 -16.22 -8.12
N VAL C 183 46.97 -15.51 -8.59
CA VAL C 183 48.21 -15.32 -7.82
C VAL C 183 48.01 -14.28 -6.70
N ASN C 184 48.94 -14.26 -5.75
CA ASN C 184 48.76 -13.58 -4.47
C ASN C 184 49.80 -12.48 -4.17
N SER C 185 50.58 -12.13 -5.20
CA SER C 185 51.55 -11.01 -5.14
C SER C 185 51.77 -10.45 -6.53
N ALA C 186 52.01 -9.14 -6.61
CA ALA C 186 52.38 -8.49 -7.87
C ALA C 186 53.63 -9.12 -8.49
N ASP C 187 54.53 -9.62 -7.63
CA ASP C 187 55.77 -10.26 -8.05
C ASP C 187 55.53 -11.60 -8.77
N GLU C 188 54.47 -12.31 -8.36
CA GLU C 188 54.02 -13.54 -9.03
C GLU C 188 53.44 -13.26 -10.43
N VAL C 189 52.73 -12.15 -10.57
CA VAL C 189 52.23 -11.64 -11.88
C VAL C 189 53.37 -11.46 -12.87
N VAL C 190 54.42 -10.74 -12.45
CA VAL C 190 55.61 -10.45 -13.28
C VAL C 190 56.30 -11.75 -13.73
N GLN C 191 56.48 -12.67 -12.79
CA GLN C 191 57.04 -14.00 -13.06
C GLN C 191 56.31 -14.72 -14.21
N LEU C 192 54.97 -14.69 -14.18
CA LEU C 192 54.15 -15.37 -15.19
C LEU C 192 54.08 -14.66 -16.54
N ALA C 193 54.08 -13.32 -16.51
CA ALA C 193 54.19 -12.50 -17.72
C ALA C 193 55.54 -12.75 -18.41
N ARG C 194 56.59 -12.86 -17.60
CA ARG C 194 57.93 -13.22 -18.10
C ARG C 194 57.92 -14.55 -18.84
N ALA C 195 57.20 -15.53 -18.31
CA ALA C 195 57.08 -16.87 -18.93
C ALA C 195 56.45 -16.85 -20.32
N ALA C 196 55.43 -16.01 -20.50
CA ALA C 196 54.73 -15.86 -21.78
C ALA C 196 55.59 -15.21 -22.87
N ALA C 197 56.48 -14.31 -22.45
CA ALA C 197 57.37 -13.55 -23.37
C ALA C 197 58.17 -14.42 -24.36
N GLY C 198 58.52 -15.63 -23.95
CA GLY C 198 59.28 -16.57 -24.80
C GLY C 198 58.48 -17.67 -25.47
N LEU C 199 57.16 -17.52 -25.51
CA LEU C 199 56.27 -18.49 -26.16
C LEU C 199 55.59 -17.88 -27.38
N ASP C 200 55.62 -18.62 -28.49
CA ASP C 200 55.21 -18.12 -29.81
C ASP C 200 53.70 -17.95 -30.04
N ASN C 201 52.89 -18.82 -29.45
CA ASN C 201 51.44 -18.83 -29.75
C ASN C 201 50.60 -18.32 -28.58
N VAL C 202 51.27 -17.63 -27.67
CA VAL C 202 50.68 -17.03 -26.49
C VAL C 202 51.17 -15.58 -26.35
N ARG C 203 50.25 -14.66 -26.08
CA ARG C 203 50.61 -13.25 -25.88
C ARG C 203 50.12 -12.80 -24.51
N PHE C 204 51.04 -12.29 -23.68
CA PHE C 204 50.61 -11.69 -22.42
C PHE C 204 49.85 -10.40 -22.71
N ALA C 205 48.60 -10.35 -22.25
CA ALA C 205 47.67 -9.26 -22.54
C ALA C 205 47.31 -8.43 -21.31
N GLY C 206 47.68 -8.91 -20.14
CA GLY C 206 47.38 -8.22 -18.89
C GLY C 206 46.84 -9.11 -17.80
N ILE C 207 45.94 -8.56 -16.99
CA ILE C 207 45.45 -9.23 -15.79
C ILE C 207 43.94 -9.25 -15.67
N GLN C 208 43.43 -10.31 -15.04
CA GLN C 208 42.06 -10.34 -14.55
C GLN C 208 42.18 -10.21 -13.04
N ALA C 209 41.45 -9.26 -12.49
CA ALA C 209 41.42 -9.01 -11.06
C ALA C 209 39.96 -8.85 -10.65
N TYR C 210 39.35 -9.97 -10.28
CA TYR C 210 37.92 -10.06 -9.98
C TYR C 210 37.66 -10.49 -8.54
N HIS C 211 36.98 -9.63 -7.80
CA HIS C 211 36.55 -9.95 -6.45
C HIS C 211 35.03 -10.10 -6.44
N GLY C 212 34.56 -11.34 -6.55
CA GLY C 212 33.12 -11.67 -6.50
C GLY C 212 32.42 -11.41 -5.18
N GLY C 213 33.18 -11.46 -4.09
CA GLY C 213 32.64 -11.28 -2.74
C GLY C 213 32.09 -9.91 -2.40
N LEU C 214 32.49 -8.89 -3.18
CA LEU C 214 32.07 -7.51 -2.97
C LEU C 214 30.77 -7.12 -3.70
N GLN C 215 30.32 -8.00 -4.60
CA GLN C 215 29.22 -7.69 -5.53
C GLN C 215 27.88 -7.36 -4.87
N HIS C 216 27.59 -8.01 -3.75
CA HIS C 216 26.33 -7.79 -3.02
C HIS C 216 26.53 -7.14 -1.63
N VAL C 217 27.64 -6.41 -1.47
CA VAL C 217 27.81 -5.48 -0.35
C VAL C 217 26.75 -4.39 -0.53
N ARG C 218 25.89 -4.24 0.47
CA ARG C 218 24.67 -3.42 0.36
C ARG C 218 24.96 -1.93 0.32
N ASP C 219 25.76 -1.46 1.28
CA ASP C 219 26.11 -0.04 1.43
C ASP C 219 27.00 0.44 0.27
N PRO C 220 26.60 1.53 -0.42
CA PRO C 220 27.37 2.06 -1.56
C PRO C 220 28.74 2.63 -1.18
N ARG C 221 28.85 3.17 0.04
CA ARG C 221 30.10 3.70 0.57
C ARG C 221 31.07 2.56 0.92
N ASP C 222 30.56 1.55 1.63
CA ASP C 222 31.32 0.36 2.02
CA ASP C 222 31.34 0.37 2.01
C ASP C 222 31.76 -0.45 0.79
N ARG C 223 30.89 -0.49 -0.22
CA ARG C 223 31.18 -1.18 -1.49
C ARG C 223 32.36 -0.51 -2.20
N ALA C 224 32.26 0.81 -2.41
CA ALA C 224 33.27 1.60 -3.11
C ALA C 224 34.63 1.62 -2.39
N GLN C 225 34.59 1.72 -1.06
CA GLN C 225 35.77 1.68 -0.20
C GLN C 225 36.51 0.35 -0.33
N ARG C 226 35.75 -0.76 -0.31
CA ARG C 226 36.29 -2.11 -0.47
C ARG C 226 36.84 -2.36 -1.88
N VAL C 227 36.15 -1.85 -2.90
CA VAL C 227 36.60 -1.99 -4.31
C VAL C 227 37.89 -1.18 -4.54
N GLY C 228 38.00 -0.03 -3.88
CA GLY C 228 39.22 0.77 -3.87
C GLY C 228 40.48 -0.02 -3.51
N GLN C 229 40.35 -0.95 -2.58
CA GLN C 229 41.44 -1.87 -2.18
C GLN C 229 41.83 -2.82 -3.33
N VAL C 230 40.82 -3.36 -4.03
CA VAL C 230 40.99 -4.22 -5.21
C VAL C 230 41.76 -3.45 -6.30
N VAL C 231 41.32 -2.23 -6.56
CA VAL C 231 41.94 -1.30 -7.52
C VAL C 231 43.41 -1.07 -7.17
N GLY C 232 43.67 -0.84 -5.88
CA GLY C 232 45.03 -0.68 -5.34
C GLY C 232 45.92 -1.89 -5.50
N ARG C 233 45.34 -3.09 -5.34
CA ARG C 233 46.05 -4.35 -5.60
C ARG C 233 46.31 -4.55 -7.10
N ALA C 234 45.33 -4.20 -7.93
CA ALA C 234 45.45 -4.24 -9.38
C ALA C 234 46.51 -3.26 -9.90
N ARG C 235 46.58 -2.08 -9.26
CA ARG C 235 47.54 -1.03 -9.61
C ARG C 235 48.99 -1.44 -9.30
N ALA C 236 49.20 -2.03 -8.13
CA ALA C 236 50.50 -2.62 -7.74
C ALA C 236 50.99 -3.66 -8.76
N ALA C 237 50.06 -4.42 -9.33
CA ALA C 237 50.36 -5.41 -10.38
C ALA C 237 50.79 -4.72 -11.67
N VAL C 238 50.03 -3.69 -12.09
CA VAL C 238 50.35 -2.90 -13.29
C VAL C 238 51.74 -2.26 -13.15
N ASP C 239 52.00 -1.68 -11.97
CA ASP C 239 53.25 -0.97 -11.67
C ASP C 239 54.48 -1.87 -11.64
N ALA C 240 54.35 -3.03 -10.99
CA ALA C 240 55.42 -4.03 -10.94
C ALA C 240 55.78 -4.52 -12.34
N LEU C 241 54.75 -4.71 -13.18
CA LEU C 241 54.96 -5.06 -14.59
C LEU C 241 55.75 -3.97 -15.34
N LYS C 242 55.31 -2.71 -15.19
CA LYS C 242 55.96 -1.55 -15.80
C LYS C 242 57.42 -1.34 -15.35
N ALA C 243 57.65 -1.51 -14.04
CA ALA C 243 59.00 -1.49 -13.45
C ALA C 243 59.92 -2.50 -14.12
N ALA C 244 59.38 -3.69 -14.40
CA ALA C 244 60.09 -4.80 -15.05
C ALA C 244 60.13 -4.70 -16.59
N GLY C 245 59.50 -3.65 -17.15
CA GLY C 245 59.54 -3.39 -18.60
C GLY C 245 58.58 -4.21 -19.45
N LEU C 246 57.50 -4.69 -18.83
CA LEU C 246 56.44 -5.41 -19.55
C LEU C 246 55.15 -4.58 -19.50
N PRO C 247 54.32 -4.65 -20.57
CA PRO C 247 53.07 -3.89 -20.50
C PRO C 247 51.98 -4.61 -19.69
N CYS C 248 50.88 -3.91 -19.43
CA CYS C 248 49.66 -4.53 -18.92
C CYS C 248 48.48 -3.94 -19.69
N ASP C 249 48.26 -4.46 -20.89
CA ASP C 249 47.31 -3.90 -21.85
C ASP C 249 45.85 -3.92 -21.40
N THR C 250 45.46 -5.00 -20.73
CA THR C 250 44.12 -5.21 -20.19
C THR C 250 44.22 -5.37 -18.67
N VAL C 251 43.35 -4.63 -17.96
CA VAL C 251 43.02 -4.90 -16.55
C VAL C 251 41.49 -5.09 -16.56
N THR C 252 41.07 -6.35 -16.49
CA THR C 252 39.65 -6.69 -16.58
C THR C 252 39.10 -7.29 -15.28
N GLY C 253 37.82 -7.01 -15.01
CA GLY C 253 37.15 -7.54 -13.82
C GLY C 253 35.91 -6.75 -13.45
N GLY C 254 35.57 -6.80 -12.16
CA GLY C 254 34.36 -6.14 -11.67
C GLY C 254 33.08 -6.83 -12.12
N GLY C 255 32.01 -6.62 -11.36
CA GLY C 255 30.74 -7.29 -11.65
C GLY C 255 29.61 -6.30 -11.73
N THR C 256 28.38 -6.85 -11.71
CA THR C 256 27.15 -6.06 -11.71
C THR C 256 27.06 -5.11 -10.50
N GLY C 257 27.53 -5.56 -9.34
CA GLY C 257 27.49 -4.73 -8.12
C GLY C 257 28.53 -3.62 -8.07
N THR C 258 29.70 -3.88 -8.65
CA THR C 258 30.86 -3.03 -8.41
C THR C 258 31.33 -2.19 -9.62
N TYR C 259 30.87 -2.51 -10.83
CA TYR C 259 31.42 -2.00 -12.10
C TYR C 259 31.66 -0.48 -12.19
N ARG C 260 30.84 0.30 -11.45
CA ARG C 260 30.94 1.76 -11.44
C ARG C 260 32.25 2.26 -10.81
N VAL C 261 32.73 1.54 -9.81
CA VAL C 261 33.94 1.91 -9.06
C VAL C 261 35.20 1.48 -9.80
N GLU C 262 35.16 0.28 -10.41
CA GLU C 262 36.26 -0.20 -11.26
C GLU C 262 36.44 0.67 -12.51
N ALA C 263 35.32 1.03 -13.15
CA ALA C 263 35.36 1.91 -14.33
C ALA C 263 35.87 3.31 -14.00
N ALA C 264 35.55 3.78 -12.80
CA ALA C 264 35.93 5.12 -12.33
C ALA C 264 37.43 5.24 -12.04
N SER C 265 38.02 4.12 -11.61
CA SER C 265 39.39 4.05 -11.06
C SER C 265 40.51 4.64 -11.91
N GLY C 266 40.44 4.43 -13.23
CA GLY C 266 41.54 4.75 -14.15
C GLY C 266 42.55 3.62 -14.24
N VAL C 267 42.23 2.49 -13.61
CA VAL C 267 43.11 1.33 -13.54
C VAL C 267 42.58 0.21 -14.44
N PHE C 268 41.29 -0.10 -14.31
CA PHE C 268 40.65 -1.17 -15.09
C PHE C 268 40.31 -0.67 -16.49
N THR C 269 40.66 -1.46 -17.50
CA THR C 269 40.38 -1.12 -18.90
C THR C 269 39.04 -1.69 -19.36
N GLU C 270 38.53 -2.65 -18.57
CA GLU C 270 37.38 -3.47 -18.94
C GLU C 270 36.61 -3.89 -17.70
N VAL C 271 35.28 -3.85 -17.81
CA VAL C 271 34.40 -4.40 -16.78
C VAL C 271 33.62 -5.61 -17.28
N GLN C 272 33.29 -6.51 -16.36
CA GLN C 272 32.67 -7.80 -16.71
C GLN C 272 31.26 -8.03 -16.09
N PRO C 273 30.35 -7.04 -16.14
CA PRO C 273 29.06 -7.33 -15.50
C PRO C 273 28.25 -8.39 -16.28
N GLY C 274 27.60 -9.29 -15.55
CA GLY C 274 26.81 -10.36 -16.14
C GLY C 274 25.34 -10.32 -15.78
N SER C 275 25.03 -10.14 -14.50
CA SER C 275 23.64 -10.14 -14.00
C SER C 275 22.80 -8.91 -14.39
N PHE C 276 23.48 -7.79 -14.66
CA PHE C 276 22.84 -6.48 -14.95
C PHE C 276 21.59 -6.53 -15.84
N ALA C 277 21.62 -7.39 -16.85
CA ALA C 277 20.58 -7.41 -17.88
C ALA C 277 19.28 -8.06 -17.40
N PHE C 278 19.38 -8.78 -16.28
CA PHE C 278 18.33 -9.68 -15.79
C PHE C 278 17.86 -9.32 -14.39
N SER C 279 18.82 -9.02 -13.51
CA SER C 279 18.63 -8.79 -12.07
C SER C 279 18.16 -10.06 -11.36
N ASP C 280 18.16 -10.02 -10.04
CA ASP C 280 17.53 -11.04 -9.20
C ASP C 280 17.23 -10.39 -7.84
N ALA C 281 16.58 -11.14 -6.95
CA ALA C 281 16.20 -10.63 -5.62
C ALA C 281 17.39 -10.27 -4.72
N ASP C 282 18.56 -10.85 -5.02
CA ASP C 282 19.80 -10.47 -4.36
C ASP C 282 20.30 -9.10 -4.84
N TYR C 283 20.56 -8.95 -6.16
CA TYR C 283 20.97 -7.66 -6.73
C TYR C 283 20.00 -6.51 -6.52
N ALA C 284 18.70 -6.82 -6.48
CA ALA C 284 17.65 -5.84 -6.15
C ALA C 284 17.89 -5.11 -4.81
N ARG C 285 18.63 -5.74 -3.90
CA ARG C 285 18.84 -5.20 -2.56
C ARG C 285 20.08 -4.29 -2.40
N ASN C 286 20.82 -4.08 -3.50
CA ASN C 286 22.00 -3.20 -3.49
C ASN C 286 21.60 -1.72 -3.43
N LEU C 287 22.02 -1.07 -2.35
CA LEU C 287 21.75 0.37 -2.15
C LEU C 287 22.70 1.19 -3.03
N GLN C 288 22.15 2.22 -3.68
CA GLN C 288 22.90 3.05 -4.62
C GLN C 288 23.21 4.44 -4.07
N GLU C 289 24.11 5.16 -4.74
CA GLU C 289 24.40 6.57 -4.42
C GLU C 289 23.27 7.52 -4.86
N ASP C 290 22.45 7.06 -5.81
CA ASP C 290 21.20 7.72 -6.19
C ASP C 290 20.18 7.69 -5.03
N GLY C 291 20.40 6.79 -4.08
CA GLY C 291 19.50 6.57 -2.95
C GLY C 291 18.52 5.43 -3.20
N GLY C 292 18.56 4.90 -4.43
CA GLY C 292 17.67 3.83 -4.86
C GLY C 292 18.07 2.47 -4.32
N VAL C 293 17.06 1.62 -4.12
CA VAL C 293 17.25 0.22 -3.79
C VAL C 293 17.11 -0.59 -5.08
N GLY C 294 18.19 -1.27 -5.45
CA GLY C 294 18.26 -1.94 -6.75
C GLY C 294 18.52 -0.96 -7.87
N GLU C 295 19.14 -1.47 -8.92
CA GLU C 295 19.72 -0.66 -9.98
C GLU C 295 19.18 -1.12 -11.35
N TRP C 296 18.78 -2.39 -11.42
CA TRP C 296 18.37 -3.01 -12.67
C TRP C 296 16.90 -3.47 -12.61
N GLU C 297 16.20 -3.34 -13.73
CA GLU C 297 14.84 -3.87 -13.87
C GLU C 297 14.86 -5.39 -13.97
N GLN C 298 14.00 -6.06 -13.21
CA GLN C 298 13.83 -7.51 -13.35
C GLN C 298 13.28 -7.87 -14.73
N SER C 299 14.09 -8.57 -15.53
CA SER C 299 13.70 -8.97 -16.89
C SER C 299 13.53 -10.48 -17.02
N LEU C 300 14.15 -11.22 -16.10
CA LEU C 300 14.14 -12.67 -16.12
C LEU C 300 13.15 -13.24 -15.12
N TRP C 301 12.30 -14.12 -15.62
CA TRP C 301 11.21 -14.68 -14.80
C TRP C 301 11.13 -16.21 -14.89
N VAL C 302 10.69 -16.82 -13.80
CA VAL C 302 10.22 -18.21 -13.82
C VAL C 302 8.70 -18.17 -13.85
N LEU C 303 8.13 -18.59 -14.98
CA LEU C 303 6.68 -18.72 -15.11
C LEU C 303 6.30 -20.06 -14.53
N THR C 304 5.31 -20.02 -13.63
CA THR C 304 4.85 -21.19 -12.86
C THR C 304 3.32 -21.22 -12.68
N GLN C 305 2.77 -22.43 -12.64
CA GLN C 305 1.34 -22.66 -12.50
C GLN C 305 0.98 -23.17 -11.11
N VAL C 306 -0.05 -22.55 -10.52
CA VAL C 306 -0.63 -22.99 -9.27
C VAL C 306 -1.33 -24.31 -9.57
N MET C 307 -0.88 -25.37 -8.91
CA MET C 307 -1.47 -26.69 -9.13
C MET C 307 -2.20 -27.26 -7.90
N SER C 308 -2.13 -26.55 -6.78
CA SER C 308 -2.81 -26.98 -5.54
C SER C 308 -3.12 -25.79 -4.65
N VAL C 309 -4.30 -25.82 -4.03
CA VAL C 309 -4.76 -24.77 -3.12
C VAL C 309 -5.42 -25.41 -1.89
N THR C 310 -4.96 -25.00 -0.71
CA THR C 310 -5.59 -25.36 0.56
C THR C 310 -5.87 -24.04 1.32
N PRO C 311 -7.09 -23.47 1.15
CA PRO C 311 -7.46 -22.20 1.80
C PRO C 311 -7.30 -22.21 3.32
N ALA C 312 -7.58 -23.36 3.95
CA ALA C 312 -7.45 -23.53 5.41
C ALA C 312 -6.06 -23.17 5.93
N ARG C 313 -5.05 -23.40 5.10
CA ARG C 313 -3.66 -23.12 5.47
C ARG C 313 -3.13 -21.85 4.82
N GLY C 314 -3.95 -21.20 3.99
CA GLY C 314 -3.56 -20.04 3.21
C GLY C 314 -2.44 -20.36 2.24
N LEU C 315 -2.59 -21.49 1.55
CA LEU C 315 -1.52 -22.07 0.73
C LEU C 315 -1.92 -22.21 -0.74
N ALA C 316 -1.02 -21.77 -1.62
CA ALA C 316 -1.07 -22.10 -3.04
C ALA C 316 0.26 -22.75 -3.44
N VAL C 317 0.17 -23.99 -3.91
CA VAL C 317 1.34 -24.75 -4.33
C VAL C 317 1.47 -24.58 -5.84
N VAL C 318 2.66 -24.15 -6.25
CA VAL C 318 3.01 -23.92 -7.65
C VAL C 318 3.93 -25.06 -8.15
N ASP C 319 3.93 -25.29 -9.46
CA ASP C 319 4.65 -26.43 -10.04
C ASP C 319 6.17 -26.24 -10.23
N ALA C 320 6.70 -25.10 -9.78
CA ALA C 320 8.13 -24.81 -9.83
C ALA C 320 8.78 -25.11 -8.49
N GLY C 321 9.55 -26.20 -8.43
CA GLY C 321 10.29 -26.62 -7.23
C GLY C 321 11.78 -26.29 -7.29
N THR C 322 12.57 -27.02 -6.50
CA THR C 322 14.04 -26.93 -6.48
C THR C 322 14.61 -27.01 -7.90
N LYS C 323 14.04 -27.91 -8.70
CA LYS C 323 14.48 -28.17 -10.06
C LYS C 323 14.13 -27.07 -11.08
N ALA C 324 13.19 -26.19 -10.74
CA ALA C 324 12.84 -25.06 -11.62
C ALA C 324 13.32 -23.67 -11.13
N VAL C 325 13.68 -23.59 -9.84
CA VAL C 325 14.14 -22.32 -9.25
C VAL C 325 15.10 -22.59 -8.10
N SER C 326 16.33 -22.10 -8.26
CA SER C 326 17.41 -22.28 -7.30
C SER C 326 17.15 -21.43 -6.06
N LEU C 327 17.45 -22.01 -4.89
CA LEU C 327 17.28 -21.32 -3.61
C LEU C 327 18.64 -20.94 -3.02
N ASP C 328 19.66 -21.02 -3.87
CA ASP C 328 21.08 -20.77 -3.58
C ASP C 328 21.36 -19.46 -2.79
N SER C 329 20.63 -18.40 -3.10
CA SER C 329 20.77 -17.09 -2.43
C SER C 329 19.48 -16.60 -1.74
N GLY C 330 18.58 -17.54 -1.42
CA GLY C 330 17.30 -17.21 -0.79
C GLY C 330 16.10 -17.45 -1.68
N PRO C 331 14.89 -17.15 -1.18
CA PRO C 331 13.69 -17.55 -1.93
C PRO C 331 13.45 -16.65 -3.17
N PRO C 332 12.74 -17.18 -4.19
CA PRO C 332 12.29 -16.32 -5.28
C PRO C 332 11.15 -15.41 -4.80
N ARG C 333 10.91 -14.31 -5.51
CA ARG C 333 9.88 -13.33 -5.12
C ARG C 333 8.83 -13.10 -6.18
N LEU C 334 7.61 -12.86 -5.71
CA LEU C 334 6.49 -12.47 -6.56
C LEU C 334 6.55 -10.96 -6.84
N PRO C 335 6.19 -10.54 -8.07
CA PRO C 335 6.22 -9.12 -8.45
C PRO C 335 5.09 -8.29 -7.80
N PRO C 336 5.24 -6.94 -7.77
CA PRO C 336 4.17 -6.04 -7.31
C PRO C 336 2.78 -6.27 -7.92
N ALA C 337 2.72 -6.68 -9.20
CA ALA C 337 1.47 -7.01 -9.90
C ALA C 337 0.64 -8.15 -9.24
N PHE C 338 1.33 -9.04 -8.50
CA PHE C 338 0.70 -10.06 -7.68
C PHE C 338 -0.05 -9.44 -6.50
N GLU C 339 0.58 -8.47 -5.85
CA GLU C 339 0.00 -7.77 -4.70
C GLU C 339 -1.16 -6.85 -5.11
N ALA C 340 -1.08 -6.30 -6.32
CA ALA C 340 -2.15 -5.50 -6.92
C ALA C 340 -3.38 -6.35 -7.24
N ALA C 341 -3.14 -7.61 -7.61
CA ALA C 341 -4.19 -8.55 -8.01
C ALA C 341 -4.86 -9.27 -6.83
N TYR C 342 -4.08 -9.65 -5.83
CA TYR C 342 -4.56 -10.51 -4.73
C TYR C 342 -4.68 -9.86 -3.35
N GLY C 343 -3.98 -8.75 -3.14
CA GLY C 343 -4.13 -7.97 -1.91
C GLY C 343 -2.85 -7.69 -1.16
N THR C 344 -2.27 -8.75 -0.58
CA THR C 344 -0.97 -8.68 0.11
C THR C 344 0.07 -9.56 -0.62
N MET C 345 1.34 -9.42 -0.24
CA MET C 345 2.43 -10.19 -0.84
C MET C 345 2.72 -11.47 -0.04
N MET C 346 2.37 -12.61 -0.62
CA MET C 346 2.71 -13.91 -0.02
C MET C 346 4.12 -14.39 -0.43
N GLU C 347 4.63 -15.39 0.28
CA GLU C 347 6.05 -15.79 0.19
C GLU C 347 6.24 -17.22 -0.30
N TYR C 348 7.32 -17.42 -1.06
CA TYR C 348 7.74 -18.74 -1.53
C TYR C 348 8.56 -19.46 -0.47
N GLY C 349 8.12 -20.67 -0.13
CA GLY C 349 8.89 -21.63 0.66
C GLY C 349 9.07 -22.89 -0.15
N SER C 350 10.19 -23.59 0.08
CA SER C 350 10.48 -24.84 -0.61
C SER C 350 9.44 -25.89 -0.26
N GLY C 351 8.98 -26.61 -1.28
CA GLY C 351 8.08 -27.75 -1.10
C GLY C 351 8.65 -29.00 -1.76
N GLY C 352 9.96 -29.00 -1.98
CA GLY C 352 10.64 -30.11 -2.62
C GLY C 352 11.01 -29.87 -4.07
N ASP C 353 11.39 -30.95 -4.74
CA ASP C 353 11.89 -30.96 -6.12
C ASP C 353 10.95 -30.33 -7.13
N GLU C 354 9.66 -30.54 -6.94
CA GLU C 354 8.64 -30.26 -7.95
C GLU C 354 7.45 -29.43 -7.43
N HIS C 355 7.58 -28.89 -6.22
CA HIS C 355 6.54 -28.06 -5.61
C HIS C 355 7.15 -26.80 -4.99
N GLY C 356 6.46 -25.68 -5.21
CA GLY C 356 6.75 -24.44 -4.50
C GLY C 356 5.56 -24.04 -3.64
N LYS C 357 5.82 -23.73 -2.37
CA LYS C 357 4.76 -23.36 -1.43
C LYS C 357 4.64 -21.85 -1.30
N LEU C 358 3.48 -21.31 -1.67
CA LEU C 358 3.18 -19.89 -1.46
C LEU C 358 2.24 -19.74 -0.28
N MET C 359 2.67 -18.96 0.72
CA MET C 359 1.96 -18.83 2.00
C MET C 359 1.86 -17.36 2.43
N TRP C 360 0.78 -17.02 3.14
CA TRP C 360 0.52 -15.66 3.67
C TRP C 360 1.68 -15.07 4.49
N PRO C 361 1.89 -13.73 4.40
CA PRO C 361 2.86 -13.04 5.26
C PRO C 361 2.41 -12.98 6.72
N SER C 370 -7.48 -13.54 -0.38
CA SER C 370 -7.80 -14.20 -1.63
C SER C 370 -6.57 -14.86 -2.26
N LEU C 371 -6.61 -16.20 -2.29
CA LEU C 371 -5.54 -17.02 -2.85
C LEU C 371 -5.71 -17.15 -4.37
N PRO C 372 -4.60 -17.21 -5.13
CA PRO C 372 -4.68 -17.46 -6.58
C PRO C 372 -5.33 -18.81 -6.86
N GLU C 373 -6.06 -18.89 -7.97
CA GLU C 373 -6.82 -20.09 -8.31
C GLU C 373 -5.92 -21.19 -8.87
N VAL C 374 -6.41 -22.43 -8.79
CA VAL C 374 -5.75 -23.58 -9.39
C VAL C 374 -5.83 -23.41 -10.91
N GLY C 375 -4.69 -23.59 -11.57
CA GLY C 375 -4.57 -23.40 -13.01
C GLY C 375 -3.99 -22.04 -13.39
N SER C 376 -3.96 -21.12 -12.41
CA SER C 376 -3.48 -19.75 -12.66
C SER C 376 -1.96 -19.64 -12.75
N LEU C 377 -1.52 -18.68 -13.56
CA LEU C 377 -0.11 -18.48 -13.85
C LEU C 377 0.46 -17.33 -13.02
N LEU C 378 1.72 -17.47 -12.63
CA LEU C 378 2.43 -16.44 -11.87
C LEU C 378 3.88 -16.31 -12.32
N LEU C 379 4.44 -15.11 -12.13
CA LEU C 379 5.84 -14.88 -12.45
C LEU C 379 6.68 -14.81 -11.17
N LEU C 380 7.84 -15.46 -11.19
CA LEU C 380 8.74 -15.46 -10.06
C LEU C 380 10.10 -14.88 -10.43
N GLN C 381 10.50 -13.83 -9.72
CA GLN C 381 11.84 -13.28 -9.78
C GLN C 381 12.76 -14.27 -9.04
N PRO C 382 13.78 -14.83 -9.73
CA PRO C 382 14.72 -15.74 -9.05
C PRO C 382 15.51 -15.06 -7.95
N GLY C 383 15.81 -15.80 -6.89
CA GLY C 383 16.67 -15.31 -5.81
C GLY C 383 18.09 -15.04 -6.29
N HIS C 384 18.53 -15.82 -7.28
CA HIS C 384 19.86 -15.74 -7.88
C HIS C 384 19.73 -16.12 -9.37
N CYS C 385 20.13 -15.22 -10.25
CA CYS C 385 19.78 -15.34 -11.68
C CYS C 385 20.50 -16.45 -12.44
N ASP C 386 21.83 -16.57 -12.28
CA ASP C 386 22.61 -17.56 -13.08
C ASP C 386 22.24 -19.04 -12.78
N PRO C 387 22.22 -19.46 -11.48
CA PRO C 387 21.91 -20.88 -11.26
C PRO C 387 20.48 -21.23 -11.73
N THR C 388 19.58 -20.26 -11.71
CA THR C 388 18.19 -20.49 -12.17
C THR C 388 18.13 -20.68 -13.70
N VAL C 389 18.83 -19.82 -14.44
CA VAL C 389 18.91 -19.92 -15.91
C VAL C 389 19.40 -21.31 -16.33
N ASN C 390 20.44 -21.77 -15.64
CA ASN C 390 21.07 -23.06 -15.93
C ASN C 390 20.17 -24.29 -15.69
N LEU C 391 19.01 -24.10 -15.07
CA LEU C 391 18.00 -25.18 -14.93
C LEU C 391 17.16 -25.43 -16.18
N TYR C 392 17.25 -24.53 -17.16
CA TYR C 392 16.39 -24.57 -18.35
C TYR C 392 17.19 -24.82 -19.62
N ASP C 393 16.52 -25.43 -20.60
CA ASP C 393 17.09 -25.75 -21.91
C ASP C 393 16.70 -24.72 -22.97
N TRP C 394 15.65 -23.96 -22.68
CA TRP C 394 15.11 -22.93 -23.58
C TRP C 394 14.86 -21.64 -22.84
N LEU C 395 15.03 -20.52 -23.54
CA LEU C 395 14.66 -19.22 -23.04
C LEU C 395 13.52 -18.67 -23.90
N VAL C 396 12.40 -18.38 -23.24
CA VAL C 396 11.21 -17.83 -23.90
C VAL C 396 11.31 -16.30 -23.84
N ALA C 397 11.59 -15.70 -24.99
CA ALA C 397 11.77 -14.24 -25.11
C ALA C 397 10.44 -13.59 -25.48
N ALA C 398 9.97 -12.69 -24.64
CA ALA C 398 8.63 -12.12 -24.79
C ALA C 398 8.56 -10.59 -24.61
N ARG C 399 7.48 -10.00 -25.13
CA ARG C 399 7.21 -8.56 -25.04
C ARG C 399 5.73 -8.26 -24.76
N ARG C 400 5.49 -7.05 -24.29
CA ARG C 400 4.14 -6.52 -24.08
C ARG C 400 3.94 -5.23 -24.89
N GLN C 401 2.68 -4.84 -25.08
CA GLN C 401 2.33 -3.61 -25.79
C GLN C 401 2.41 -2.40 -24.85
N GLN C 402 1.66 -2.46 -23.73
CA GLN C 402 1.58 -1.35 -22.77
C GLN C 402 2.76 -1.39 -21.80
N GLN C 407 3.61 -4.49 -11.68
CA GLN C 407 4.85 -4.66 -12.43
C GLN C 407 4.76 -5.81 -13.44
N GLY C 408 5.13 -7.02 -13.01
CA GLY C 408 5.26 -8.18 -13.88
C GLY C 408 4.10 -9.16 -13.82
N GLY C 409 2.96 -8.76 -14.39
CA GLY C 409 1.79 -9.61 -14.48
C GLY C 409 1.86 -10.59 -15.64
N VAL C 410 0.88 -11.49 -15.71
CA VAL C 410 0.87 -12.60 -16.67
C VAL C 410 0.09 -12.25 -17.96
N ASP C 411 -0.55 -11.08 -17.96
CA ASP C 411 -1.67 -10.73 -18.83
C ASP C 411 -1.48 -10.52 -20.34
N GLY C 412 -0.52 -9.68 -20.75
CA GLY C 412 -0.49 -9.20 -22.15
C GLY C 412 0.75 -9.52 -22.99
N TRP C 413 1.30 -10.70 -22.81
CA TRP C 413 2.56 -11.07 -23.44
C TRP C 413 2.40 -11.75 -24.80
N ARG C 414 3.37 -11.52 -25.66
CA ARG C 414 3.56 -12.25 -26.92
C ARG C 414 4.99 -12.75 -26.96
N VAL C 415 5.16 -14.04 -27.19
CA VAL C 415 6.46 -14.68 -27.36
C VAL C 415 7.06 -14.24 -28.68
N GLU C 416 8.16 -13.50 -28.60
CA GLU C 416 8.85 -13.00 -29.78
C GLU C 416 9.80 -14.05 -30.33
N ALA C 417 10.38 -14.87 -29.45
CA ALA C 417 11.25 -16.00 -29.83
C ALA C 417 11.45 -17.02 -28.70
N VAL C 418 11.83 -18.25 -29.08
CA VAL C 418 12.19 -19.31 -28.12
C VAL C 418 13.60 -19.82 -28.46
N TRP C 419 14.57 -19.41 -27.63
CA TRP C 419 15.98 -19.66 -27.91
C TRP C 419 16.57 -20.83 -27.14
N PRO C 420 17.34 -21.72 -27.81
CA PRO C 420 18.11 -22.75 -27.09
C PRO C 420 19.13 -22.09 -26.17
N ILE C 421 19.28 -22.64 -24.96
CA ILE C 421 20.32 -22.18 -24.04
C ILE C 421 21.45 -23.17 -24.23
N ARG C 422 22.27 -22.92 -25.26
CA ARG C 422 23.25 -23.93 -25.70
C ARG C 422 24.36 -24.19 -24.69
N GLY C 423 24.60 -23.23 -23.78
CA GLY C 423 25.60 -23.40 -22.73
C GLY C 423 25.16 -24.01 -21.41
N ARG C 424 23.92 -24.52 -21.35
CA ARG C 424 23.38 -25.17 -20.14
C ARG C 424 24.09 -26.48 -19.80
N GLY C 425 24.46 -26.62 -18.53
CA GLY C 425 25.10 -27.83 -18.04
C GLY C 425 25.94 -27.66 -16.79
N PRO C 426 26.66 -28.72 -16.40
CA PRO C 426 27.47 -28.73 -15.17
C PRO C 426 28.76 -27.91 -15.26
N GLY C 427 29.10 -27.49 -16.48
CA GLY C 427 30.26 -26.61 -16.69
C GLY C 427 31.46 -27.35 -17.23
N GLN C 428 31.28 -27.91 -18.41
CA GLN C 428 32.36 -28.63 -19.09
C GLN C 428 33.30 -27.66 -19.78
N ARG D 23 17.62 -34.42 -35.15
CA ARG D 23 18.76 -33.73 -35.81
C ARG D 23 19.64 -33.01 -34.78
N CYS D 24 19.06 -32.02 -34.11
CA CYS D 24 19.77 -31.17 -33.14
C CYS D 24 19.27 -31.39 -31.70
N ALA D 25 19.93 -30.71 -30.76
CA ALA D 25 19.51 -30.60 -29.36
C ALA D 25 19.63 -29.13 -28.94
N ALA D 26 18.85 -28.74 -27.93
CA ALA D 26 18.84 -27.35 -27.45
C ALA D 26 20.12 -26.96 -26.69
N THR D 27 20.82 -27.95 -26.14
CA THR D 27 22.08 -27.67 -25.43
C THR D 27 23.23 -28.52 -25.99
N ILE D 28 24.45 -27.98 -25.95
CA ILE D 28 25.66 -28.74 -26.35
C ILE D 28 25.80 -29.99 -25.46
N SER D 29 25.61 -29.82 -24.15
CA SER D 29 25.71 -30.92 -23.18
C SER D 29 24.75 -32.09 -23.47
N ALA D 30 23.49 -31.80 -23.79
CA ALA D 30 22.52 -32.84 -24.18
C ALA D 30 22.78 -33.42 -25.59
N SER D 31 23.69 -32.82 -26.35
CA SER D 31 24.09 -33.40 -27.64
C SER D 31 25.51 -33.99 -27.66
N ARG D 32 26.18 -33.99 -26.52
CA ARG D 32 27.54 -34.54 -26.44
C ARG D 32 27.74 -35.20 -25.09
N ALA D 33 27.75 -36.54 -25.11
CA ALA D 33 28.03 -37.38 -23.93
C ALA D 33 29.47 -37.16 -23.47
N PRO D 34 29.70 -37.12 -22.13
CA PRO D 34 31.01 -36.83 -21.53
C PRO D 34 31.97 -38.04 -21.50
N ALA D 35 31.49 -39.19 -21.95
CA ALA D 35 32.24 -40.46 -21.92
C ALA D 35 31.68 -41.48 -22.92
N HIS D 36 32.44 -42.56 -23.11
CA HIS D 36 32.05 -43.66 -23.99
C HIS D 36 32.25 -45.01 -23.26
N LEU D 37 31.45 -46.00 -23.65
CA LEU D 37 31.62 -47.41 -23.27
C LEU D 37 33.09 -47.82 -23.24
N GLY D 38 33.57 -48.24 -22.07
CA GLY D 38 34.93 -48.74 -21.92
C GLY D 38 35.98 -47.76 -21.41
N ASP D 39 35.60 -46.48 -21.25
CA ASP D 39 36.47 -45.44 -20.69
C ASP D 39 36.85 -45.70 -19.24
N ALA D 40 37.99 -45.17 -18.82
CA ALA D 40 38.30 -45.03 -17.39
C ALA D 40 37.74 -43.68 -16.95
N LEU D 41 37.79 -43.40 -15.64
CA LEU D 41 37.33 -42.10 -15.12
C LEU D 41 38.20 -40.94 -15.59
N HIS D 42 39.50 -41.19 -15.81
CA HIS D 42 40.39 -40.18 -16.40
C HIS D 42 40.02 -39.75 -17.83
N ASP D 43 39.15 -40.52 -18.50
CA ASP D 43 38.62 -40.15 -19.83
C ASP D 43 37.31 -39.35 -19.78
N VAL D 44 36.69 -39.27 -18.61
CA VAL D 44 35.35 -38.71 -18.47
C VAL D 44 35.43 -37.18 -18.35
N ASP D 45 34.72 -36.47 -19.22
CA ASP D 45 34.72 -35.01 -19.23
C ASP D 45 33.97 -34.51 -18.02
N THR D 46 34.57 -33.54 -17.35
CA THR D 46 34.19 -33.19 -15.97
C THR D 46 33.60 -31.74 -15.87
N PRO D 47 32.66 -31.45 -14.95
CA PRO D 47 32.08 -32.41 -14.01
C PRO D 47 31.08 -33.37 -14.66
N ALA D 48 31.01 -34.58 -14.08
CA ALA D 48 30.16 -35.65 -14.57
C ALA D 48 29.43 -36.37 -13.44
N LEU D 49 28.24 -36.89 -13.74
CA LEU D 49 27.52 -37.76 -12.83
C LEU D 49 27.90 -39.22 -13.03
N ILE D 50 28.44 -39.82 -11.98
CA ILE D 50 28.90 -41.22 -11.95
C ILE D 50 27.96 -42.10 -11.14
N LEU D 51 27.56 -43.22 -11.73
CA LEU D 51 26.81 -44.26 -11.02
C LEU D 51 27.64 -45.52 -10.89
N ASP D 52 27.97 -45.86 -9.65
CA ASP D 52 28.67 -47.09 -9.36
C ASP D 52 27.66 -48.23 -9.37
N LEU D 53 27.64 -48.98 -10.49
CA LEU D 53 26.68 -50.05 -10.70
C LEU D 53 26.78 -51.16 -9.66
N ASP D 54 27.98 -51.35 -9.10
CA ASP D 54 28.17 -52.37 -8.06
C ASP D 54 27.51 -51.99 -6.74
N ALA D 55 27.69 -50.73 -6.31
CA ALA D 55 27.00 -50.22 -5.12
C ALA D 55 25.48 -50.14 -5.32
N PHE D 56 25.08 -49.62 -6.50
CA PHE D 56 23.69 -49.57 -6.97
C PHE D 56 23.01 -50.94 -6.94
N ASP D 57 23.68 -51.97 -7.46
CA ASP D 57 23.12 -53.34 -7.42
C ASP D 57 22.96 -53.80 -5.98
N ARG D 58 23.97 -53.50 -5.17
CA ARG D 58 23.98 -53.87 -3.76
C ARG D 58 22.84 -53.24 -2.92
N ASN D 59 22.54 -51.97 -3.18
CA ASN D 59 21.43 -51.28 -2.50
C ASN D 59 20.05 -51.82 -2.92
N CYS D 60 19.92 -52.17 -4.19
CA CYS D 60 18.69 -52.76 -4.75
C CYS D 60 18.48 -54.17 -4.19
N GLU D 61 19.59 -54.92 -4.05
CA GLU D 61 19.62 -56.22 -3.37
C GLU D 61 19.23 -56.08 -1.89
N LYS D 62 19.75 -55.05 -1.21
CA LYS D 62 19.43 -54.81 0.20
C LYS D 62 17.94 -54.46 0.40
N LEU D 63 17.40 -53.57 -0.44
CA LEU D 63 15.98 -53.22 -0.36
C LEU D 63 15.08 -54.45 -0.53
N LYS D 64 15.33 -55.23 -1.58
CA LYS D 64 14.60 -56.47 -1.85
C LYS D 64 14.63 -57.41 -0.65
N GLY D 65 15.81 -57.58 -0.05
CA GLY D 65 16.01 -58.42 1.11
C GLY D 65 15.12 -58.02 2.28
N VAL D 66 15.15 -56.72 2.60
CA VAL D 66 14.31 -56.16 3.66
C VAL D 66 12.83 -56.41 3.35
N MET D 67 12.44 -56.14 2.10
CA MET D 67 11.05 -56.28 1.67
C MET D 67 10.51 -57.71 1.62
N ALA D 68 11.41 -58.70 1.64
CA ALA D 68 11.04 -60.11 1.84
C ALA D 68 10.38 -60.32 3.21
N GLY D 69 10.84 -59.58 4.22
CA GLY D 69 10.29 -59.63 5.58
C GLY D 69 8.91 -59.01 5.72
N PHE D 70 8.47 -58.30 4.68
CA PHE D 70 7.11 -57.74 4.64
C PHE D 70 6.40 -58.15 3.35
N PRO D 71 5.92 -59.43 3.28
CA PRO D 71 5.22 -59.92 2.09
C PRO D 71 3.90 -59.19 1.86
N GLY D 72 3.48 -59.12 0.60
CA GLY D 72 2.27 -58.39 0.22
C GLY D 72 2.46 -56.89 0.05
N VAL D 73 3.61 -56.37 0.47
CA VAL D 73 3.95 -54.95 0.26
C VAL D 73 4.84 -54.83 -0.97
N ALA D 74 4.38 -54.04 -1.93
CA ALA D 74 5.06 -53.85 -3.21
C ALA D 74 6.06 -52.70 -3.11
N VAL D 75 7.12 -52.75 -3.92
CA VAL D 75 8.02 -51.60 -4.06
C VAL D 75 7.77 -50.95 -5.41
N ARG D 76 7.58 -49.64 -5.40
CA ARG D 76 7.43 -48.83 -6.61
C ARG D 76 8.46 -47.71 -6.53
N PRO D 77 9.71 -47.98 -6.96
CA PRO D 77 10.80 -47.02 -6.81
C PRO D 77 10.53 -45.69 -7.53
N HIS D 78 10.85 -44.60 -6.85
CA HIS D 78 10.57 -43.26 -7.39
C HIS D 78 11.60 -42.87 -8.42
N ALA D 79 11.14 -42.74 -9.67
CA ALA D 79 12.03 -42.35 -10.77
C ALA D 79 12.49 -40.89 -10.75
N ALA D 81 14.25 -39.55 -8.66
CA ALA D 81 15.64 -39.59 -8.18
C ALA D 81 16.65 -39.61 -9.33
N HIS D 82 16.33 -40.33 -10.41
CA HIS D 82 17.31 -40.65 -11.46
C HIS D 82 16.92 -40.18 -12.85
N LYS D 83 15.61 -40.13 -13.12
CA LYS D 83 15.04 -39.56 -14.36
C LYS D 83 15.46 -40.28 -15.64
N CYS D 84 15.92 -41.52 -15.48
CA CYS D 84 16.63 -42.26 -16.51
C CYS D 84 16.02 -43.64 -16.62
N ALA D 85 15.50 -43.93 -17.83
CA ALA D 85 14.82 -45.19 -18.14
C ALA D 85 15.64 -46.45 -17.88
N GLU D 86 16.94 -46.39 -18.21
CA GLU D 86 17.81 -47.55 -18.01
C GLU D 86 18.05 -47.85 -16.55
N VAL D 87 18.02 -46.82 -15.71
CA VAL D 87 18.09 -47.02 -14.26
C VAL D 87 16.79 -47.66 -13.75
N ALA D 88 15.64 -47.17 -14.21
CA ALA D 88 14.36 -47.78 -13.86
C ALA D 88 14.31 -49.27 -14.24
N ARG D 89 14.67 -49.58 -15.49
CA ARG D 89 14.71 -50.96 -15.98
C ARG D 89 15.58 -51.88 -15.13
N ARG D 90 16.77 -51.41 -14.75
CA ARG D 90 17.70 -52.18 -13.92
C ARG D 90 17.17 -52.35 -12.49
N GLN D 91 16.53 -51.32 -11.95
CA GLN D 91 15.88 -51.41 -10.63
C GLN D 91 14.78 -52.46 -10.59
N LEU D 92 13.89 -52.42 -11.58
CA LEU D 92 12.72 -53.30 -11.64
C LEU D 92 13.10 -54.78 -11.77
N GLN D 93 14.10 -55.05 -12.61
CA GLN D 93 14.66 -56.41 -12.76
C GLN D 93 15.30 -56.90 -11.46
N LEU D 94 16.08 -56.02 -10.81
CA LEU D 94 16.78 -56.37 -9.56
C LEU D 94 15.85 -56.57 -8.38
N LEU D 95 14.87 -55.66 -8.22
CA LEU D 95 13.89 -55.72 -7.13
C LEU D 95 12.79 -56.75 -7.35
N GLY D 96 12.68 -57.24 -8.59
CA GLY D 96 11.56 -58.07 -9.03
C GLY D 96 10.26 -57.28 -9.02
N ALA D 97 10.39 -55.97 -9.28
CA ALA D 97 9.31 -55.00 -9.13
C ALA D 97 8.63 -54.72 -10.47
N LYS D 98 7.41 -54.20 -10.39
CA LYS D 98 6.55 -53.97 -11.54
C LYS D 98 6.49 -52.52 -11.99
N GLY D 99 6.51 -51.59 -11.04
CA GLY D 99 6.25 -50.19 -11.34
C GLY D 99 7.23 -49.17 -10.81
N VAL D 100 7.14 -47.96 -11.37
CA VAL D 100 7.88 -46.78 -10.90
C VAL D 100 6.91 -45.62 -10.60
N CYS D 101 7.36 -44.69 -9.75
CA CYS D 101 6.70 -43.39 -9.54
C CYS D 101 7.36 -42.29 -10.34
N CYS D 102 6.57 -41.31 -10.77
CA CYS D 102 7.05 -40.11 -11.46
C CYS D 102 6.39 -38.89 -10.82
N GLN D 103 7.18 -37.85 -10.53
CA GLN D 103 6.58 -36.65 -9.93
C GLN D 103 5.94 -35.73 -10.97
N LYS D 104 6.49 -35.72 -12.17
CA LYS D 104 5.95 -34.88 -13.27
C LYS D 104 5.80 -35.72 -14.54
N VAL D 105 4.85 -35.33 -15.41
CA VAL D 105 4.57 -36.05 -16.65
C VAL D 105 5.82 -36.31 -17.54
N ILE D 106 6.72 -35.33 -17.65
CA ILE D 106 7.98 -35.53 -18.39
C ILE D 106 8.74 -36.81 -17.96
N GLU D 107 8.75 -37.11 -16.66
CA GLU D 107 9.36 -38.35 -16.18
C GLU D 107 8.62 -39.58 -16.69
N ALA D 108 7.28 -39.53 -16.65
CA ALA D 108 6.45 -40.63 -17.15
C ALA D 108 6.65 -40.89 -18.64
N GLU D 109 6.84 -39.79 -19.39
CA GLU D 109 7.18 -39.86 -20.82
C GLU D 109 8.53 -40.56 -21.02
N ALA D 110 9.52 -40.15 -20.22
CA ALA D 110 10.85 -40.76 -20.23
C ALA D 110 10.82 -42.26 -19.93
N MET D 111 10.00 -42.67 -18.96
CA MET D 111 9.87 -44.08 -18.59
C MET D 111 9.22 -44.94 -19.67
N ALA D 112 8.13 -44.41 -20.25
CA ALA D 112 7.37 -45.08 -21.31
C ALA D 112 8.15 -45.28 -22.61
N GLU D 113 8.88 -44.27 -23.08
CA GLU D 113 9.71 -44.38 -24.28
C GLU D 113 10.85 -45.38 -24.12
N GLY D 114 11.30 -45.58 -22.87
CA GLY D 114 12.31 -46.58 -22.52
C GLY D 114 11.76 -47.93 -22.10
N GLY D 115 10.47 -48.17 -22.34
CA GLY D 115 9.85 -49.48 -22.09
C GLY D 115 9.41 -49.80 -20.68
N VAL D 116 9.44 -48.79 -19.80
CA VAL D 116 8.90 -48.91 -18.44
C VAL D 116 7.44 -48.53 -18.56
N SER D 117 6.56 -49.52 -18.44
CA SER D 117 5.16 -49.39 -18.85
C SER D 117 4.13 -49.44 -17.72
N ASP D 118 4.60 -49.41 -16.46
CA ASP D 118 3.71 -49.32 -15.31
C ASP D 118 4.12 -48.13 -14.45
N LEU D 119 3.28 -47.08 -14.47
CA LEU D 119 3.66 -45.75 -13.94
C LEU D 119 2.61 -45.16 -13.02
N LEU D 120 3.05 -44.73 -11.83
CA LEU D 120 2.20 -43.88 -10.99
C LEU D 120 2.73 -42.45 -11.03
N LEU D 121 1.93 -41.56 -11.58
CA LEU D 121 2.18 -40.13 -11.43
C LEU D 121 1.77 -39.75 -10.00
N SER D 122 2.77 -39.65 -9.13
CA SER D 122 2.58 -39.50 -7.68
C SER D 122 2.42 -38.04 -7.26
N ASN D 123 1.54 -37.34 -7.98
CA ASN D 123 1.34 -35.90 -7.88
C ASN D 123 0.11 -35.54 -8.73
N GLU D 124 -0.45 -34.36 -8.51
CA GLU D 124 -1.58 -33.86 -9.32
C GLU D 124 -1.11 -33.20 -10.60
N VAL D 125 -1.85 -33.46 -11.69
CA VAL D 125 -1.58 -32.88 -13.00
C VAL D 125 -2.85 -32.11 -13.39
N ILE D 126 -2.70 -30.81 -13.64
CA ILE D 126 -3.83 -29.87 -13.79
C ILE D 126 -3.86 -29.21 -15.18
N ALA D 127 -2.69 -29.06 -15.80
CA ALA D 127 -2.61 -28.47 -17.15
C ALA D 127 -3.10 -29.44 -18.22
N PRO D 128 -4.13 -29.04 -19.02
CA PRO D 128 -4.66 -29.90 -20.09
C PRO D 128 -3.62 -30.50 -21.05
N ARG D 129 -2.57 -29.74 -21.41
CA ARG D 129 -1.53 -30.25 -22.32
C ARG D 129 -0.70 -31.36 -21.67
N LYS D 130 -0.56 -31.28 -20.34
CA LYS D 130 0.16 -32.28 -19.54
C LYS D 130 -0.71 -33.53 -19.34
N ILE D 131 -1.99 -33.33 -19.02
CA ILE D 131 -3.00 -34.41 -19.03
C ILE D 131 -2.96 -35.17 -20.35
N ASP D 132 -2.97 -34.44 -21.47
CA ASP D 132 -2.95 -35.01 -22.82
C ASP D 132 -1.78 -35.95 -23.04
N ARG D 133 -0.58 -35.51 -22.65
CA ARG D 133 0.65 -36.32 -22.73
C ARG D 133 0.57 -37.59 -21.88
N LEU D 134 0.07 -37.46 -20.66
CA LEU D 134 -0.05 -38.58 -19.72
C LEU D 134 -1.00 -39.67 -20.26
N VAL D 135 -2.18 -39.25 -20.69
CA VAL D 135 -3.21 -40.13 -21.25
C VAL D 135 -2.73 -40.74 -22.58
N GLY D 136 -1.98 -39.94 -23.33
CA GLY D 136 -1.26 -40.40 -24.53
C GLY D 136 -0.45 -41.67 -24.32
N LEU D 137 0.14 -41.80 -23.12
CA LEU D 137 0.98 -42.95 -22.76
C LEU D 137 0.14 -44.18 -22.49
N ALA D 138 -0.95 -43.97 -21.74
CA ALA D 138 -1.93 -45.00 -21.41
C ALA D 138 -2.61 -45.54 -22.67
N ALA D 139 -2.90 -44.64 -23.60
CA ALA D 139 -3.45 -44.96 -24.92
C ALA D 139 -2.54 -45.91 -25.69
N ALA D 140 -1.22 -45.70 -25.54
CA ALA D 140 -0.20 -46.52 -26.18
C ALA D 140 0.08 -47.86 -25.49
N GLY D 141 -0.58 -48.09 -24.35
CA GLY D 141 -0.51 -49.37 -23.65
C GLY D 141 0.13 -49.37 -22.27
N ALA D 142 0.51 -48.19 -21.78
CA ALA D 142 1.06 -48.08 -20.42
C ALA D 142 -0.04 -48.16 -19.37
N ARG D 143 0.28 -48.74 -18.22
CA ARG D 143 -0.66 -48.80 -17.09
C ARG D 143 -0.37 -47.59 -16.23
N VAL D 144 -1.30 -46.64 -16.20
CA VAL D 144 -1.05 -45.32 -15.65
C VAL D 144 -2.00 -45.03 -14.49
N GLY D 145 -1.42 -44.71 -13.33
CA GLY D 145 -2.14 -44.16 -12.19
C GLY D 145 -1.78 -42.69 -11.99
N VAL D 146 -2.67 -41.94 -11.35
CA VAL D 146 -2.46 -40.50 -11.12
C VAL D 146 -3.18 -40.06 -9.84
N CYS D 147 -2.59 -39.10 -9.13
CA CYS D 147 -3.18 -38.60 -7.90
C CYS D 147 -4.06 -37.38 -8.16
N TYR D 148 -5.14 -37.26 -7.40
CA TYR D 148 -6.05 -36.10 -7.48
C TYR D 148 -6.57 -35.69 -6.11
N GLU D 149 -7.15 -34.49 -6.04
CA GLU D 149 -7.64 -33.93 -4.78
C GLU D 149 -8.88 -33.04 -4.97
N ARG D 150 -9.39 -33.03 -6.19
CA ARG D 150 -10.45 -32.13 -6.61
C ARG D 150 -11.26 -32.79 -7.71
N GLU D 151 -12.59 -32.62 -7.65
CA GLU D 151 -13.50 -33.27 -8.58
C GLU D 151 -13.37 -32.70 -10.00
N ASP D 152 -13.20 -31.38 -10.10
CA ASP D 152 -12.99 -30.75 -11.41
C ASP D 152 -11.79 -31.34 -12.16
N ASN D 153 -10.67 -31.52 -11.45
CA ASN D 153 -9.46 -32.17 -12.00
C ASN D 153 -9.73 -33.62 -12.40
N LEU D 154 -10.48 -34.34 -11.57
CA LEU D 154 -10.88 -35.71 -11.89
C LEU D 154 -11.64 -35.77 -13.22
N ARG D 155 -12.54 -34.82 -13.42
CA ARG D 155 -13.39 -34.78 -14.60
C ARG D 155 -12.59 -34.58 -15.91
N GLN D 156 -11.62 -33.65 -15.90
CA GLN D 156 -10.72 -33.47 -17.05
C GLN D 156 -9.91 -34.75 -17.29
N LEU D 157 -9.43 -35.36 -16.21
CA LEU D 157 -8.67 -36.63 -16.29
C LEU D 157 -9.45 -37.73 -17.01
N ASN D 158 -10.72 -37.87 -16.64
CA ASN D 158 -11.62 -38.85 -17.24
C ASN D 158 -11.92 -38.51 -18.70
N ALA D 159 -12.26 -37.24 -18.97
CA ALA D 159 -12.59 -36.78 -20.32
C ALA D 159 -11.43 -36.94 -21.29
N ALA D 160 -10.22 -36.57 -20.85
CA ALA D 160 -9.01 -36.83 -21.62
C ALA D 160 -8.80 -38.33 -21.85
N ALA D 161 -8.95 -39.14 -20.81
CA ALA D 161 -8.88 -40.61 -20.92
C ALA D 161 -9.88 -41.16 -21.94
N ALA D 162 -11.12 -40.70 -21.84
CA ALA D 162 -12.21 -41.10 -22.74
C ALA D 162 -11.98 -40.67 -24.19
N ALA D 163 -11.41 -39.48 -24.36
CA ALA D 163 -11.06 -38.96 -25.68
C ALA D 163 -10.10 -39.86 -26.45
N ARG D 164 -9.19 -40.51 -25.73
CA ARG D 164 -8.18 -41.38 -26.33
C ARG D 164 -8.53 -42.88 -26.31
N GLY D 165 -9.72 -43.20 -25.79
CA GLY D 165 -10.21 -44.59 -25.70
C GLY D 165 -9.42 -45.47 -24.74
N THR D 166 -8.97 -44.86 -23.64
CA THR D 166 -8.18 -45.53 -22.61
C THR D 166 -8.72 -45.22 -21.21
N HIS D 167 -8.03 -45.72 -20.19
CA HIS D 167 -8.42 -45.53 -18.80
C HIS D 167 -7.22 -45.16 -17.95
N LEU D 168 -7.50 -44.60 -16.78
CA LEU D 168 -6.49 -44.17 -15.84
C LEU D 168 -6.90 -44.67 -14.47
N ASP D 169 -5.94 -45.20 -13.71
CA ASP D 169 -6.14 -45.42 -12.28
C ASP D 169 -6.01 -44.06 -11.61
N VAL D 170 -6.87 -43.82 -10.62
CA VAL D 170 -6.84 -42.56 -9.89
C VAL D 170 -6.80 -42.78 -8.38
N LEU D 171 -5.92 -42.04 -7.72
CA LEU D 171 -5.71 -42.12 -6.28
C LEU D 171 -5.94 -40.76 -5.64
N VAL D 172 -6.75 -40.73 -4.59
CA VAL D 172 -6.92 -39.50 -3.81
C VAL D 172 -5.67 -39.29 -2.96
N GLU D 173 -5.00 -38.16 -3.15
CA GLU D 173 -3.92 -37.81 -2.25
C GLU D 173 -4.49 -37.30 -0.94
N LEU D 174 -4.04 -37.92 0.13
CA LEU D 174 -4.37 -37.54 1.49
C LEU D 174 -3.15 -36.88 2.13
N ASN D 175 -3.38 -35.68 2.67
CA ASN D 175 -2.36 -34.98 3.44
C ASN D 175 -2.27 -35.64 4.80
N VAL D 176 -1.08 -36.18 5.09
CA VAL D 176 -0.85 -36.98 6.30
C VAL D 176 0.14 -36.32 7.26
N GLY D 177 0.38 -35.02 7.08
CA GLY D 177 1.23 -34.25 7.96
C GLY D 177 2.28 -33.37 7.32
N GLN D 178 2.60 -33.64 6.05
CA GLN D 178 3.61 -32.86 5.31
C GLN D 178 3.09 -31.47 4.93
N ASP D 179 1.76 -31.31 4.92
CA ASP D 179 1.09 -30.02 4.65
C ASP D 179 1.44 -29.45 3.25
N ARG D 180 1.46 -30.33 2.24
CA ARG D 180 1.84 -29.93 0.87
C ARG D 180 0.62 -29.94 -0.06
N CYS D 181 0.28 -31.09 -0.63
CA CYS D 181 -0.96 -31.27 -1.37
C CYS D 181 -1.74 -32.41 -0.72
N GLY D 182 -2.99 -32.56 -1.14
CA GLY D 182 -3.86 -33.60 -0.61
C GLY D 182 -4.98 -33.07 0.24
N VAL D 183 -6.01 -33.91 0.41
CA VAL D 183 -7.19 -33.55 1.20
C VAL D 183 -6.94 -33.74 2.69
N ASN D 184 -7.73 -33.06 3.51
CA ASN D 184 -7.52 -33.04 4.96
C ASN D 184 -8.55 -33.87 5.77
N SER D 185 -9.39 -34.63 5.07
CA SER D 185 -10.35 -35.53 5.71
C SER D 185 -10.61 -36.81 4.91
N ALA D 186 -10.95 -37.87 5.62
CA ALA D 186 -11.47 -39.11 5.03
C ALA D 186 -12.80 -38.91 4.30
N ASP D 187 -13.60 -37.93 4.76
CA ASP D 187 -14.87 -37.58 4.12
C ASP D 187 -14.67 -37.08 2.68
N GLU D 188 -13.69 -36.18 2.49
CA GLU D 188 -13.28 -35.72 1.17
C GLU D 188 -12.88 -36.91 0.29
N VAL D 189 -12.03 -37.78 0.84
CA VAL D 189 -11.60 -39.01 0.17
C VAL D 189 -12.81 -39.78 -0.34
N VAL D 190 -13.78 -40.02 0.55
CA VAL D 190 -15.05 -40.68 0.22
C VAL D 190 -15.76 -39.98 -0.96
N GLN D 191 -15.96 -38.66 -0.85
CA GLN D 191 -16.64 -37.89 -1.91
C GLN D 191 -15.93 -38.05 -3.25
N LEU D 192 -14.60 -37.88 -3.23
CA LEU D 192 -13.78 -37.93 -4.44
C LEU D 192 -13.72 -39.32 -5.06
N ALA D 193 -13.63 -40.34 -4.21
CA ALA D 193 -13.73 -41.74 -4.61
C ALA D 193 -15.05 -42.04 -5.32
N ARG D 194 -16.16 -41.63 -4.71
CA ARG D 194 -17.50 -41.81 -5.28
C ARG D 194 -17.70 -41.08 -6.62
N ALA D 195 -17.06 -39.92 -6.75
CA ALA D 195 -17.04 -39.17 -8.01
C ALA D 195 -16.31 -39.95 -9.10
N ALA D 196 -15.21 -40.60 -8.74
CA ALA D 196 -14.46 -41.47 -9.66
C ALA D 196 -15.24 -42.78 -9.92
N ALA D 197 -15.89 -43.30 -8.88
CA ALA D 197 -16.73 -44.50 -8.96
C ALA D 197 -17.80 -44.42 -10.06
N GLY D 198 -18.34 -43.21 -10.26
CA GLY D 198 -19.39 -42.98 -11.26
C GLY D 198 -18.94 -42.50 -12.62
N LEU D 199 -17.65 -42.64 -12.91
CA LEU D 199 -17.09 -42.27 -14.22
C LEU D 199 -16.53 -43.46 -14.99
N ASP D 200 -16.68 -43.43 -16.31
CA ASP D 200 -16.42 -44.60 -17.19
C ASP D 200 -14.96 -44.94 -17.50
N ASN D 201 -14.11 -43.91 -17.66
CA ASN D 201 -12.72 -44.11 -18.05
C ASN D 201 -11.72 -43.80 -16.91
N VAL D 202 -12.24 -43.77 -15.70
CA VAL D 202 -11.44 -43.60 -14.49
C VAL D 202 -11.78 -44.70 -13.48
N ARG D 203 -10.80 -45.14 -12.70
CA ARG D 203 -11.02 -46.14 -11.65
C ARG D 203 -10.35 -45.72 -10.34
N PHE D 204 -11.14 -45.65 -9.27
CA PHE D 204 -10.60 -45.32 -7.96
C PHE D 204 -9.76 -46.47 -7.42
N ALA D 205 -8.45 -46.20 -7.34
CA ALA D 205 -7.44 -47.19 -7.04
C ALA D 205 -7.03 -47.19 -5.58
N GLY D 206 -7.39 -46.13 -4.86
CA GLY D 206 -7.04 -45.97 -3.44
C GLY D 206 -6.43 -44.62 -3.12
N ILE D 207 -5.52 -44.60 -2.16
CA ILE D 207 -4.95 -43.33 -1.67
C ILE D 207 -3.42 -43.23 -1.75
N GLN D 208 -2.95 -42.00 -1.91
CA GLN D 208 -1.55 -41.69 -1.62
C GLN D 208 -1.48 -41.00 -0.26
N ALA D 209 -0.64 -41.55 0.61
CA ALA D 209 -0.41 -41.00 1.92
C ALA D 209 1.09 -40.87 2.13
N TYR D 210 1.63 -39.75 1.65
CA TYR D 210 3.08 -39.50 1.72
C TYR D 210 3.43 -38.31 2.61
N HIS D 211 4.28 -38.57 3.59
CA HIS D 211 4.81 -37.54 4.46
C HIS D 211 6.32 -37.45 4.27
N GLY D 212 6.72 -36.46 3.47
CA GLY D 212 8.12 -36.26 3.10
C GLY D 212 9.02 -35.68 4.16
N GLY D 213 8.42 -35.01 5.15
CA GLY D 213 9.19 -34.36 6.23
C GLY D 213 9.68 -35.29 7.32
N LEU D 214 9.33 -36.57 7.21
CA LEU D 214 9.77 -37.60 8.17
C LEU D 214 10.97 -38.39 7.70
N GLN D 215 11.29 -38.24 6.41
CA GLN D 215 12.31 -39.05 5.75
C GLN D 215 13.70 -38.94 6.37
N HIS D 216 14.05 -37.76 6.86
CA HIS D 216 15.39 -37.50 7.38
C HIS D 216 15.47 -37.39 8.90
N VAL D 217 14.38 -37.77 9.59
CA VAL D 217 14.37 -37.88 11.05
C VAL D 217 15.38 -38.97 11.43
N ARG D 218 16.36 -38.59 12.25
CA ARG D 218 17.55 -39.42 12.50
C ARG D 218 17.28 -40.64 13.38
N ASP D 219 16.56 -40.39 14.49
CA ASP D 219 16.17 -41.42 15.46
C ASP D 219 15.20 -42.40 14.81
N PRO D 220 15.55 -43.71 14.78
CA PRO D 220 14.65 -44.73 14.21
C PRO D 220 13.33 -44.90 14.98
N ARG D 221 13.38 -44.68 16.29
CA ARG D 221 12.19 -44.71 17.15
C ARG D 221 11.23 -43.56 16.88
N ASP D 222 11.77 -42.35 16.80
CA ASP D 222 10.97 -41.15 16.51
C ASP D 222 10.40 -41.14 15.09
N ARG D 223 11.16 -41.69 14.15
CA ARG D 223 10.70 -41.88 12.77
C ARG D 223 9.48 -42.83 12.72
N ALA D 224 9.59 -43.98 13.39
CA ALA D 224 8.52 -44.99 13.46
C ALA D 224 7.27 -44.48 14.17
N GLN D 225 7.48 -43.75 15.25
CA GLN D 225 6.42 -43.06 16.00
C GLN D 225 5.63 -42.09 15.09
N ARG D 226 6.38 -41.26 14.36
CA ARG D 226 5.78 -40.25 13.49
C ARG D 226 5.11 -40.83 12.25
N VAL D 227 5.71 -41.89 11.68
CA VAL D 227 5.03 -42.70 10.65
C VAL D 227 3.77 -43.36 11.21
N GLY D 228 3.83 -43.83 12.45
CA GLY D 228 2.67 -44.38 13.17
C GLY D 228 1.43 -43.48 13.14
N GLN D 229 1.67 -42.17 13.28
CA GLN D 229 0.64 -41.14 13.12
C GLN D 229 0.12 -41.10 11.68
N VAL D 230 1.04 -41.17 10.70
CA VAL D 230 0.71 -41.21 9.25
C VAL D 230 -0.11 -42.46 8.92
N VAL D 231 0.26 -43.57 9.55
CA VAL D 231 -0.38 -44.88 9.39
C VAL D 231 -1.83 -44.86 9.90
N GLY D 232 -2.05 -44.29 11.08
CA GLY D 232 -3.40 -44.13 11.65
C GLY D 232 -4.31 -43.22 10.85
N ARG D 233 -3.73 -42.18 10.25
CA ARG D 233 -4.47 -41.24 9.39
C ARG D 233 -4.91 -41.88 8.07
N ALA D 234 -4.01 -42.64 7.45
CA ALA D 234 -4.33 -43.40 6.23
C ALA D 234 -5.33 -44.53 6.50
N ARG D 235 -5.23 -45.15 7.68
CA ARG D 235 -6.14 -46.22 8.10
C ARG D 235 -7.59 -45.73 8.19
N ALA D 236 -7.76 -44.52 8.74
CA ALA D 236 -9.05 -43.86 8.87
C ALA D 236 -9.69 -43.55 7.52
N ALA D 237 -8.85 -43.18 6.55
CA ALA D 237 -9.28 -43.02 5.15
C ALA D 237 -9.76 -44.34 4.57
N VAL D 238 -8.96 -45.40 4.77
CA VAL D 238 -9.28 -46.78 4.33
C VAL D 238 -10.61 -47.24 4.94
N ASP D 239 -10.76 -47.02 6.26
CA ASP D 239 -11.96 -47.45 7.00
C ASP D 239 -13.23 -46.71 6.59
N ALA D 240 -13.11 -45.39 6.38
CA ALA D 240 -14.23 -44.56 5.94
C ALA D 240 -14.77 -44.98 4.57
N LEU D 241 -13.87 -45.34 3.65
CA LEU D 241 -14.23 -45.80 2.31
C LEU D 241 -14.98 -47.13 2.35
N LYS D 242 -14.40 -48.10 3.09
CA LYS D 242 -15.04 -49.40 3.31
C LYS D 242 -16.44 -49.26 3.91
N ALA D 243 -16.57 -48.44 4.96
CA ALA D 243 -17.86 -48.07 5.58
C ALA D 243 -18.86 -47.51 4.57
N ALA D 244 -18.36 -46.67 3.66
CA ALA D 244 -19.16 -46.09 2.57
C ALA D 244 -19.31 -47.02 1.36
N GLY D 245 -18.80 -48.24 1.49
CA GLY D 245 -18.96 -49.29 0.49
C GLY D 245 -18.10 -49.09 -0.73
N LEU D 246 -16.89 -48.55 -0.52
CA LEU D 246 -15.95 -48.27 -1.59
C LEU D 246 -14.64 -49.05 -1.40
N PRO D 247 -14.04 -49.56 -2.52
CA PRO D 247 -12.72 -50.21 -2.44
C PRO D 247 -11.61 -49.24 -2.05
N CYS D 248 -10.55 -49.75 -1.41
CA CYS D 248 -9.31 -48.99 -1.21
C CYS D 248 -8.12 -49.91 -1.50
N ASP D 249 -8.04 -50.29 -2.77
CA ASP D 249 -7.10 -51.29 -3.29
C ASP D 249 -5.62 -50.96 -3.00
N THR D 250 -5.24 -49.70 -3.22
CA THR D 250 -3.86 -49.24 -3.04
C THR D 250 -3.75 -48.18 -1.93
N VAL D 251 -2.80 -48.40 -1.02
CA VAL D 251 -2.39 -47.40 -0.06
C VAL D 251 -0.89 -47.21 -0.31
N THR D 252 -0.54 -46.13 -0.98
CA THR D 252 0.86 -45.94 -1.40
C THR D 252 1.53 -44.69 -0.83
N GLY D 253 2.79 -44.84 -0.43
CA GLY D 253 3.54 -43.75 0.20
C GLY D 253 4.85 -44.20 0.79
N GLY D 254 5.38 -43.40 1.72
CA GLY D 254 6.69 -43.67 2.33
C GLY D 254 7.85 -43.38 1.40
N GLY D 255 9.04 -43.29 1.97
CA GLY D 255 10.26 -43.02 1.19
C GLY D 255 11.47 -43.80 1.69
N THR D 256 12.64 -43.43 1.19
CA THR D 256 13.91 -44.05 1.57
C THR D 256 14.11 -44.11 3.09
N GLY D 257 13.69 -43.05 3.80
CA GLY D 257 13.85 -42.98 5.26
C GLY D 257 12.86 -43.80 6.07
N THR D 258 11.63 -43.88 5.61
CA THR D 258 10.53 -44.38 6.45
C THR D 258 9.96 -45.75 6.04
N TYR D 259 10.24 -46.18 4.81
CA TYR D 259 9.61 -47.34 4.14
C TYR D 259 9.38 -48.59 5.00
N ARG D 260 10.34 -48.88 5.87
CA ARG D 260 10.28 -50.05 6.76
C ARG D 260 9.06 -50.02 7.66
N VAL D 261 8.72 -48.84 8.15
CA VAL D 261 7.60 -48.67 9.06
C VAL D 261 6.26 -48.76 8.31
N GLU D 262 6.16 -48.07 7.18
CA GLU D 262 4.99 -48.18 6.29
C GLU D 262 4.71 -49.62 5.85
N ALA D 263 5.76 -50.32 5.40
CA ALA D 263 5.66 -51.72 4.96
C ALA D 263 5.20 -52.68 6.07
N ALA D 264 5.62 -52.40 7.30
CA ALA D 264 5.31 -53.22 8.49
C ALA D 264 3.92 -52.99 9.06
N SER D 265 3.30 -51.89 8.66
CA SER D 265 2.06 -51.40 9.29
C SER D 265 0.82 -52.26 9.08
N GLY D 266 0.79 -53.02 7.98
CA GLY D 266 -0.42 -53.74 7.56
C GLY D 266 -1.50 -52.81 7.02
N VAL D 267 -1.13 -51.56 6.79
CA VAL D 267 -2.03 -50.53 6.21
C VAL D 267 -1.57 -50.20 4.78
N PHE D 268 -0.29 -49.86 4.65
CA PHE D 268 0.30 -49.52 3.36
C PHE D 268 0.43 -50.72 2.44
N THR D 269 0.11 -50.50 1.18
CA THR D 269 0.11 -51.51 0.10
C THR D 269 1.42 -51.47 -0.68
N GLU D 270 2.03 -50.29 -0.72
CA GLU D 270 3.12 -49.99 -1.62
C GLU D 270 3.96 -48.91 -0.98
N VAL D 271 5.28 -49.07 -1.08
CA VAL D 271 6.22 -48.05 -0.66
C VAL D 271 6.93 -47.41 -1.86
N GLN D 272 7.28 -46.13 -1.72
CA GLN D 272 7.81 -45.31 -2.81
C GLN D 272 9.25 -44.80 -2.59
N PRO D 273 10.20 -45.68 -2.15
CA PRO D 273 11.55 -45.11 -1.96
C PRO D 273 12.21 -44.80 -3.29
N GLY D 274 12.92 -43.68 -3.35
CA GLY D 274 13.63 -43.26 -4.55
C GLY D 274 15.13 -43.16 -4.36
N SER D 275 15.54 -42.48 -3.29
CA SER D 275 16.96 -42.19 -3.04
C SER D 275 17.81 -43.39 -2.63
N PHE D 276 17.16 -44.46 -2.15
CA PHE D 276 17.79 -45.67 -1.61
C PHE D 276 18.95 -46.23 -2.47
N ALA D 277 18.77 -46.19 -3.79
CA ALA D 277 19.66 -46.85 -4.73
C ALA D 277 20.97 -46.06 -4.85
N PHE D 278 20.92 -44.80 -4.43
CA PHE D 278 22.00 -43.84 -4.63
C PHE D 278 22.64 -43.34 -3.34
N SER D 279 21.80 -43.01 -2.36
CA SER D 279 22.14 -42.27 -1.13
C SER D 279 22.73 -40.88 -1.41
N ASP D 280 22.87 -40.11 -0.33
CA ASP D 280 23.52 -38.80 -0.33
C ASP D 280 24.02 -38.56 1.10
N ALA D 281 24.62 -37.38 1.31
CA ALA D 281 25.20 -37.01 2.60
C ALA D 281 24.14 -36.81 3.69
N ASP D 282 22.93 -36.43 3.27
CA ASP D 282 21.79 -36.31 4.17
C ASP D 282 21.29 -37.68 4.66
N TYR D 283 20.94 -38.57 3.71
CA TYR D 283 20.44 -39.93 4.03
C TYR D 283 21.45 -40.84 4.73
N ALA D 284 22.75 -40.57 4.55
CA ALA D 284 23.81 -41.28 5.26
C ALA D 284 23.81 -41.02 6.78
N ARG D 285 23.12 -39.97 7.22
CA ARG D 285 23.05 -39.60 8.64
C ARG D 285 21.88 -40.24 9.42
N ASN D 286 21.01 -40.98 8.72
CA ASN D 286 19.88 -41.67 9.37
C ASN D 286 20.32 -42.95 10.07
N LEU D 287 20.02 -43.04 11.37
CA LEU D 287 20.32 -44.22 12.18
C LEU D 287 19.29 -45.33 11.96
N GLN D 288 19.76 -46.57 11.98
CA GLN D 288 18.93 -47.74 11.73
C GLN D 288 18.81 -48.67 12.94
N GLU D 289 17.89 -49.63 12.86
CA GLU D 289 17.73 -50.66 13.89
C GLU D 289 18.88 -51.66 13.85
N ASP D 290 19.44 -51.85 12.66
CA ASP D 290 20.66 -52.64 12.47
C ASP D 290 21.87 -51.76 12.82
N GLY D 291 22.44 -51.09 11.81
CA GLY D 291 23.70 -50.37 11.94
C GLY D 291 23.60 -49.03 12.64
N GLY D 292 24.51 -48.14 12.26
CA GLY D 292 24.52 -46.77 12.76
C GLY D 292 24.17 -45.84 11.63
N VAL D 293 25.16 -45.04 11.22
CA VAL D 293 24.99 -44.05 10.17
C VAL D 293 24.84 -44.71 8.79
N GLY D 294 23.72 -44.43 8.13
CA GLY D 294 23.50 -44.81 6.74
C GLY D 294 23.05 -46.24 6.50
N GLU D 295 21.86 -46.37 5.89
CA GLU D 295 21.33 -47.66 5.46
C GLU D 295 21.92 -48.08 4.10
N TRP D 296 22.25 -47.08 3.27
CA TRP D 296 22.59 -47.33 1.86
C TRP D 296 24.05 -46.97 1.51
N GLU D 297 24.60 -47.73 0.56
CA GLU D 297 25.92 -47.46 0.00
C GLU D 297 25.82 -46.30 -0.98
N GLN D 298 26.80 -45.40 -0.89
CA GLN D 298 26.87 -44.28 -1.80
C GLN D 298 27.30 -44.82 -3.16
N SER D 299 26.39 -44.76 -4.13
CA SER D 299 26.63 -45.24 -5.50
C SER D 299 26.73 -44.09 -6.51
N LEU D 300 26.26 -42.91 -6.11
CA LEU D 300 26.14 -41.76 -6.99
C LEU D 300 27.22 -40.73 -6.67
N TRP D 301 28.03 -40.40 -7.67
CA TRP D 301 29.11 -39.44 -7.46
C TRP D 301 29.14 -38.34 -8.51
N VAL D 302 29.62 -37.17 -8.08
CA VAL D 302 30.03 -36.11 -9.01
C VAL D 302 31.55 -36.21 -9.17
N LEU D 303 31.97 -36.57 -10.39
CA LEU D 303 33.38 -36.57 -10.75
C LEU D 303 33.82 -35.13 -11.00
N THR D 304 34.94 -34.74 -10.40
CA THR D 304 35.46 -33.37 -10.51
C THR D 304 36.98 -33.33 -10.53
N GLN D 305 37.51 -32.31 -11.20
CA GLN D 305 38.94 -32.16 -11.40
C GLN D 305 39.41 -30.91 -10.68
N VAL D 306 40.54 -31.03 -9.99
CA VAL D 306 41.18 -29.89 -9.35
C VAL D 306 41.77 -29.01 -10.44
N MET D 307 41.34 -27.76 -10.48
CA MET D 307 41.86 -26.86 -11.52
C MET D 307 42.73 -25.73 -10.97
N SER D 308 42.89 -25.69 -9.64
CA SER D 308 43.61 -24.60 -8.94
C SER D 308 44.00 -25.01 -7.53
N VAL D 309 45.26 -24.72 -7.17
CA VAL D 309 45.80 -25.05 -5.85
C VAL D 309 46.57 -23.86 -5.24
N THR D 310 46.23 -23.51 -4.00
CA THR D 310 46.92 -22.44 -3.26
C THR D 310 47.30 -22.94 -1.84
N PRO D 311 48.53 -23.49 -1.70
CA PRO D 311 49.03 -24.04 -0.43
C PRO D 311 48.96 -23.09 0.77
N ALA D 312 49.23 -21.80 0.55
CA ALA D 312 49.20 -20.77 1.61
C ALA D 312 47.88 -20.70 2.37
N ARG D 313 46.76 -20.85 1.65
CA ARG D 313 45.42 -20.87 2.23
C ARG D 313 44.87 -22.29 2.50
N GLY D 314 45.65 -23.31 2.12
CA GLY D 314 45.25 -24.71 2.22
C GLY D 314 44.00 -24.96 1.41
N LEU D 315 44.13 -24.78 0.09
CA LEU D 315 42.98 -24.74 -0.81
C LEU D 315 43.23 -25.50 -2.12
N ALA D 316 42.27 -26.37 -2.45
CA ALA D 316 42.16 -26.93 -3.79
C ALA D 316 40.79 -26.58 -4.34
N VAL D 317 40.78 -25.89 -5.48
CA VAL D 317 39.55 -25.49 -6.19
C VAL D 317 39.26 -26.51 -7.28
N VAL D 318 38.03 -27.02 -7.26
CA VAL D 318 37.59 -28.02 -8.24
C VAL D 318 36.65 -27.35 -9.24
N ASP D 319 36.50 -27.95 -10.41
CA ASP D 319 35.66 -27.37 -11.47
C ASP D 319 34.17 -27.63 -11.32
N ALA D 320 33.77 -28.36 -10.27
CA ALA D 320 32.35 -28.54 -9.93
C ALA D 320 31.85 -27.47 -8.96
N GLY D 321 31.04 -26.54 -9.48
CA GLY D 321 30.42 -25.50 -8.67
C GLY D 321 28.96 -25.77 -8.37
N THR D 322 28.21 -24.70 -8.07
CA THR D 322 26.78 -24.82 -7.76
C THR D 322 25.97 -25.34 -8.96
N LYS D 323 26.51 -25.16 -10.18
CA LYS D 323 25.95 -25.73 -11.41
C LYS D 323 26.17 -27.24 -11.64
N ALA D 324 27.02 -27.86 -10.82
CA ALA D 324 27.37 -29.30 -10.92
C ALA D 324 27.05 -30.11 -9.66
N VAL D 325 26.75 -29.40 -8.58
CA VAL D 325 26.40 -30.03 -7.30
C VAL D 325 25.41 -29.11 -6.56
N SER D 326 24.25 -29.67 -6.21
CA SER D 326 23.26 -28.89 -5.46
C SER D 326 23.65 -28.81 -3.99
N LEU D 327 23.64 -27.58 -3.48
CA LEU D 327 23.99 -27.32 -2.09
C LEU D 327 22.74 -27.11 -1.22
N ASP D 328 21.56 -27.48 -1.74
CA ASP D 328 20.27 -27.25 -1.06
C ASP D 328 20.08 -27.90 0.31
N SER D 329 20.79 -29.02 0.53
CA SER D 329 20.74 -29.79 1.79
C SER D 329 22.09 -29.82 2.51
N GLY D 330 22.97 -28.88 2.18
CA GLY D 330 24.34 -28.86 2.71
C GLY D 330 25.36 -29.24 1.64
N PRO D 331 26.67 -29.08 1.95
CA PRO D 331 27.73 -29.29 0.96
C PRO D 331 27.91 -30.75 0.58
N PRO D 332 28.55 -31.03 -0.57
CA PRO D 332 28.94 -32.40 -0.86
C PRO D 332 30.07 -32.84 0.07
N ARG D 333 30.26 -34.15 0.20
CA ARG D 333 31.29 -34.71 1.07
CA ARG D 333 31.29 -34.71 1.07
C ARG D 333 32.30 -35.55 0.31
N LEU D 334 33.56 -35.45 0.71
CA LEU D 334 34.63 -36.27 0.15
C LEU D 334 34.57 -37.70 0.71
N PRO D 335 34.98 -38.72 -0.09
CA PRO D 335 34.82 -40.11 0.32
C PRO D 335 35.96 -40.62 1.23
N PRO D 336 35.84 -41.87 1.77
CA PRO D 336 36.93 -42.47 2.56
C PRO D 336 38.29 -42.65 1.84
N ALA D 337 38.28 -42.95 0.54
CA ALA D 337 39.52 -43.13 -0.23
C ALA D 337 40.32 -41.84 -0.47
N PHE D 338 39.68 -40.68 -0.28
CA PHE D 338 40.36 -39.39 -0.22
C PHE D 338 41.23 -39.27 1.03
N GLU D 339 40.70 -39.77 2.16
CA GLU D 339 41.45 -39.89 3.42
C GLU D 339 42.58 -40.92 3.31
N ALA D 340 42.35 -41.98 2.52
CA ALA D 340 43.35 -43.03 2.27
C ALA D 340 44.50 -42.59 1.37
N ALA D 341 44.21 -41.69 0.42
CA ALA D 341 45.22 -41.14 -0.49
C ALA D 341 45.93 -39.91 0.10
N TYR D 342 45.21 -39.12 0.90
CA TYR D 342 45.73 -37.88 1.51
C TYR D 342 45.68 -37.94 3.04
N GLY D 343 45.31 -36.84 3.69
CA GLY D 343 45.16 -36.78 5.14
C GLY D 343 46.48 -36.71 5.88
N MET D 345 40.93 -34.54 6.68
CA MET D 345 39.76 -34.36 5.83
C MET D 345 39.65 -32.93 5.28
N MET D 346 39.33 -32.82 4.00
CA MET D 346 39.10 -31.51 3.36
C MET D 346 37.61 -31.25 3.21
N GLU D 347 37.20 -30.01 3.54
CA GLU D 347 35.78 -29.60 3.51
C GLU D 347 35.46 -28.81 2.23
N TYR D 348 34.33 -29.14 1.61
CA TYR D 348 33.82 -28.41 0.44
C TYR D 348 33.01 -27.19 0.86
N GLY D 349 33.42 -26.02 0.36
CA GLY D 349 32.61 -24.80 0.38
C GLY D 349 32.33 -24.32 -1.05
N SER D 350 31.32 -23.47 -1.19
CA SER D 350 30.96 -22.88 -2.49
C SER D 350 32.00 -21.86 -2.93
N GLY D 351 32.50 -22.00 -4.16
CA GLY D 351 33.28 -20.95 -4.82
C GLY D 351 32.49 -20.27 -5.93
N GLY D 352 31.16 -20.43 -5.89
CA GLY D 352 30.28 -19.91 -6.94
C GLY D 352 29.87 -20.94 -7.98
N ASP D 353 29.44 -20.43 -9.14
CA ASP D 353 28.80 -21.21 -10.21
C ASP D 353 29.63 -22.36 -10.75
N GLU D 354 30.93 -22.13 -10.88
CA GLU D 354 31.79 -23.02 -11.65
C GLU D 354 33.05 -23.42 -10.90
N HIS D 355 33.05 -23.15 -9.60
CA HIS D 355 34.17 -23.44 -8.72
C HIS D 355 33.65 -24.01 -7.42
N GLY D 356 34.26 -25.12 -7.00
CA GLY D 356 34.07 -25.68 -5.67
C GLY D 356 35.36 -25.57 -4.92
N LYS D 357 35.27 -25.09 -3.67
CA LYS D 357 36.44 -24.87 -2.83
C LYS D 357 36.61 -26.02 -1.84
N LEU D 358 37.76 -26.67 -1.86
CA LEU D 358 38.11 -27.66 -0.86
C LEU D 358 39.15 -27.05 0.06
N MET D 359 38.80 -26.95 1.34
CA MET D 359 39.63 -26.23 2.32
C MET D 359 40.18 -27.16 3.40
N TRP D 360 41.41 -26.88 3.83
CA TRP D 360 42.14 -27.74 4.77
C TRP D 360 41.89 -27.49 6.28
N PRO D 361 42.03 -26.22 6.77
CA PRO D 361 41.93 -26.07 8.23
C PRO D 361 40.49 -26.07 8.74
N PRO D 368 52.29 -29.08 6.24
CA PRO D 368 52.78 -30.34 6.77
C PRO D 368 52.39 -31.55 5.90
N MET D 369 51.28 -31.44 5.19
CA MET D 369 50.78 -32.50 4.32
C MET D 369 50.38 -31.99 2.95
N SER D 370 50.58 -32.82 1.93
CA SER D 370 50.38 -32.43 0.53
C SER D 370 48.91 -32.39 0.11
N LEU D 371 48.56 -31.30 -0.57
CA LEU D 371 47.25 -31.12 -1.17
C LEU D 371 47.13 -31.93 -2.47
N PRO D 372 45.89 -32.19 -2.95
CA PRO D 372 45.72 -32.74 -4.30
C PRO D 372 46.31 -31.82 -5.37
N GLU D 373 46.94 -32.41 -6.38
CA GLU D 373 47.60 -31.65 -7.45
C GLU D 373 46.55 -31.16 -8.44
N VAL D 374 46.88 -30.08 -9.16
CA VAL D 374 46.05 -29.63 -10.28
C VAL D 374 46.04 -30.72 -11.36
N GLY D 375 44.85 -30.98 -11.92
CA GLY D 375 44.68 -32.05 -12.90
C GLY D 375 44.16 -33.35 -12.33
N SER D 376 44.29 -33.54 -11.02
CA SER D 376 43.83 -34.75 -10.33
C SER D 376 42.30 -34.80 -10.22
N LEU D 377 41.76 -36.01 -10.20
CA LEU D 377 40.33 -36.25 -10.13
C LEU D 377 39.88 -36.68 -8.74
N LEU D 378 38.65 -36.32 -8.40
CA LEU D 378 38.02 -36.70 -7.14
C LEU D 378 36.54 -37.00 -7.35
N LEU D 379 36.00 -37.89 -6.52
CA LEU D 379 34.56 -38.16 -6.54
C LEU D 379 33.91 -37.52 -5.33
N LEU D 380 32.80 -36.81 -5.57
CA LEU D 380 32.06 -36.15 -4.50
C LEU D 380 30.69 -36.80 -4.28
N GLN D 381 30.40 -37.11 -3.02
CA GLN D 381 29.08 -37.56 -2.60
C GLN D 381 28.18 -36.33 -2.59
N PRO D 382 27.09 -36.32 -3.41
CA PRO D 382 26.19 -35.16 -3.36
C PRO D 382 25.57 -34.96 -1.99
N GLY D 383 25.34 -33.70 -1.63
CA GLY D 383 24.63 -33.34 -0.42
C GLY D 383 23.19 -33.84 -0.47
N HIS D 384 22.60 -33.79 -1.66
CA HIS D 384 21.22 -34.23 -1.94
C HIS D 384 21.17 -34.78 -3.37
N CYS D 385 20.73 -36.02 -3.51
CA CYS D 385 20.91 -36.76 -4.77
C CYS D 385 20.02 -36.30 -5.92
N ASP D 386 18.71 -36.18 -5.68
CA ASP D 386 17.76 -35.79 -6.74
C ASP D 386 18.10 -34.46 -7.45
N PRO D 387 18.26 -33.33 -6.70
CA PRO D 387 18.49 -32.07 -7.45
C PRO D 387 19.86 -32.04 -8.14
N THR D 388 20.83 -32.81 -7.63
CA THR D 388 22.13 -32.97 -8.28
C THR D 388 22.01 -33.78 -9.59
N VAL D 389 21.25 -34.87 -9.55
CA VAL D 389 21.03 -35.71 -10.74
C VAL D 389 20.50 -34.84 -11.89
N ASN D 390 19.57 -33.95 -11.53
CA ASN D 390 18.87 -33.09 -12.47
C ASN D 390 19.76 -31.97 -13.06
N LEU D 391 20.99 -31.86 -12.58
CA LEU D 391 21.96 -30.94 -13.21
C LEU D 391 22.63 -31.53 -14.47
N TYR D 392 22.49 -32.84 -14.66
CA TYR D 392 23.18 -33.56 -15.75
C TYR D 392 22.24 -34.06 -16.83
N ASP D 393 22.78 -34.15 -18.06
CA ASP D 393 22.07 -34.71 -19.20
C ASP D 393 22.38 -36.18 -19.43
N TRP D 394 23.51 -36.64 -18.90
CA TRP D 394 23.96 -38.03 -19.04
C TRP D 394 24.39 -38.60 -17.70
N LEU D 395 24.15 -39.90 -17.51
CA LEU D 395 24.65 -40.67 -16.36
C LEU D 395 25.74 -41.65 -16.81
N VAL D 396 26.93 -41.51 -16.22
CA VAL D 396 28.08 -42.39 -16.49
C VAL D 396 28.00 -43.60 -15.54
N ALA D 397 27.57 -44.75 -16.07
CA ALA D 397 27.43 -45.99 -15.27
C ALA D 397 28.72 -46.80 -15.35
N ALA D 398 29.35 -46.96 -14.19
CA ALA D 398 30.70 -47.54 -14.10
C ALA D 398 30.83 -48.63 -13.04
N ARG D 399 31.84 -49.49 -13.22
CA ARG D 399 32.21 -50.52 -12.25
C ARG D 399 33.72 -50.45 -12.05
N ARG D 400 34.16 -50.58 -10.79
CA ARG D 400 35.59 -50.61 -10.48
C ARG D 400 36.07 -52.00 -10.11
N GLN D 401 37.29 -52.33 -10.58
CA GLN D 401 38.03 -53.52 -10.16
C GLN D 401 39.50 -53.39 -10.54
N GLN D 407 34.36 -46.51 -0.13
CA GLN D 407 35.68 -46.11 -0.58
C GLN D 407 35.65 -44.81 -1.40
N GLY D 408 35.18 -44.89 -2.64
CA GLY D 408 35.08 -43.73 -3.54
C GLY D 408 36.37 -43.25 -4.19
N GLY D 409 37.24 -44.19 -4.56
CA GLY D 409 38.49 -43.88 -5.27
C GLY D 409 38.26 -43.71 -6.77
N VAL D 410 39.18 -42.99 -7.43
CA VAL D 410 39.06 -42.70 -8.88
C VAL D 410 39.79 -43.78 -9.71
N ASP D 411 40.38 -44.71 -8.97
CA ASP D 411 41.21 -45.81 -9.46
C ASP D 411 40.44 -46.97 -10.09
N GLY D 412 40.86 -47.38 -11.29
CA GLY D 412 40.44 -48.65 -11.89
C GLY D 412 38.97 -48.87 -12.22
N TRP D 413 38.30 -47.81 -12.69
CA TRP D 413 36.92 -47.91 -13.15
C TRP D 413 36.84 -48.24 -14.65
N ARG D 414 35.77 -48.91 -15.02
CA ARG D 414 35.39 -49.06 -16.42
C ARG D 414 33.95 -48.59 -16.62
N VAL D 415 33.77 -47.63 -17.52
CA VAL D 415 32.43 -47.18 -17.89
C VAL D 415 31.76 -48.29 -18.71
N GLU D 416 30.68 -48.83 -18.15
CA GLU D 416 29.87 -49.87 -18.78
CA GLU D 416 29.88 -49.87 -18.80
C GLU D 416 28.80 -49.28 -19.71
N ALA D 417 28.28 -48.10 -19.34
CA ALA D 417 27.22 -47.44 -20.11
C ALA D 417 27.13 -45.94 -19.85
N VAL D 418 26.75 -45.20 -20.89
CA VAL D 418 26.50 -43.77 -20.79
C VAL D 418 25.04 -43.52 -21.19
N TRP D 419 24.23 -43.21 -20.18
CA TRP D 419 22.78 -43.14 -20.35
C TRP D 419 22.23 -41.72 -20.39
N PRO D 420 21.47 -41.37 -21.45
CA PRO D 420 20.70 -40.13 -21.48
C PRO D 420 19.75 -40.05 -20.30
N ILE D 421 19.80 -38.93 -19.59
CA ILE D 421 18.83 -38.67 -18.50
C ILE D 421 17.64 -37.96 -19.17
N ARG D 422 16.70 -38.73 -19.69
CA ARG D 422 15.62 -38.17 -20.53
C ARG D 422 14.61 -37.33 -19.74
N GLY D 423 14.47 -37.62 -18.45
CA GLY D 423 13.58 -36.83 -17.61
C GLY D 423 14.12 -35.53 -17.04
N ARG D 424 15.36 -35.16 -17.38
CA ARG D 424 16.02 -33.96 -16.81
C ARG D 424 15.31 -32.64 -17.12
N GLY D 425 15.17 -31.79 -16.12
CA GLY D 425 14.64 -30.45 -16.36
C GLY D 425 13.78 -29.83 -15.28
N PRO D 426 13.11 -28.71 -15.63
CA PRO D 426 12.32 -27.92 -14.66
C PRO D 426 11.04 -28.60 -14.15
N GLY D 427 10.62 -29.69 -14.78
CA GLY D 427 9.48 -30.46 -14.28
C GLY D 427 8.19 -30.21 -15.02
N GLN D 428 8.22 -30.41 -16.33
CA GLN D 428 7.05 -30.23 -17.19
C GLN D 428 6.10 -31.42 -17.07
#